data_5J6Z
#
_entry.id   5J6Z
#
loop_
_entity.id
_entity.type
_entity.pdbx_description
1 polymer Fibronectin
2 polymer Anastellin
#
loop_
_entity_poly.entity_id
_entity_poly.type
_entity_poly.pdbx_seq_one_letter_code
_entity_poly.pdbx_strand_id
1 'polypeptide(L)' GSQTTAPDAPPDPTVDQVDDTSIVVRWSRP A
2 'polypeptide(L)'
;MRGSNAPQPSHISKYILRWRPKNSVGRWKEATIPGHLNSYTIKGLKPGVVYEGQLISIQQYGHQEVTRFDFTTTSTSTPG
SRSHHHHHH
;
B
#
# COMPACT_ATOMS: atom_id res chain seq x y z
N GLY A 1 -2.39 -9.34 -18.11
CA GLY A 1 -1.18 -8.60 -18.53
C GLY A 1 -1.26 -7.13 -18.16
N SER A 2 -0.27 -6.36 -18.58
CA SER A 2 -0.21 -4.94 -18.26
C SER A 2 -1.11 -4.14 -19.19
N GLN A 3 -2.41 -4.23 -18.94
CA GLN A 3 -3.41 -3.54 -19.74
C GLN A 3 -3.42 -2.05 -19.41
N THR A 4 -3.24 -1.74 -18.14
CA THR A 4 -3.31 -0.37 -17.66
C THR A 4 -2.09 0.44 -18.12
N THR A 5 -2.27 1.16 -19.21
CA THR A 5 -1.23 2.06 -19.70
C THR A 5 -1.45 3.48 -19.17
N ALA A 6 -2.60 3.67 -18.54
CA ALA A 6 -2.92 4.94 -17.92
C ALA A 6 -2.37 4.99 -16.49
N PRO A 7 -2.01 6.18 -16.00
CA PRO A 7 -1.38 6.34 -14.69
C PRO A 7 -2.37 6.37 -13.53
N ASP A 8 -3.35 5.47 -13.54
CA ASP A 8 -4.32 5.38 -12.45
C ASP A 8 -3.91 4.30 -11.46
N ALA A 9 -2.65 3.92 -11.51
CA ALA A 9 -2.09 2.97 -10.56
C ALA A 9 -1.43 3.72 -9.41
N PRO A 10 -1.77 3.36 -8.15
CA PRO A 10 -1.17 3.97 -6.96
C PRO A 10 0.33 3.71 -6.87
N PRO A 11 1.13 4.78 -6.74
CA PRO A 11 2.58 4.68 -6.48
C PRO A 11 2.88 3.86 -5.23
N ASP A 12 4.14 3.44 -5.13
CA ASP A 12 4.60 2.58 -4.03
C ASP A 12 4.22 3.16 -2.68
N PRO A 13 3.38 2.46 -1.92
CA PRO A 13 2.91 2.90 -0.60
C PRO A 13 4.05 3.06 0.39
N THR A 14 3.96 4.08 1.22
CA THR A 14 5.00 4.38 2.19
C THR A 14 4.60 3.86 3.56
N VAL A 15 5.51 3.15 4.22
CA VAL A 15 5.26 2.62 5.54
C VAL A 15 6.00 3.43 6.59
N ASP A 16 5.24 4.16 7.40
CA ASP A 16 5.83 4.99 8.45
C ASP A 16 5.27 4.64 9.81
N GLN A 17 5.92 5.17 10.85
CA GLN A 17 5.49 5.00 12.24
C GLN A 17 5.30 3.52 12.58
N VAL A 18 6.37 2.76 12.49
CA VAL A 18 6.33 1.35 12.79
C VAL A 18 6.29 1.10 14.30
N ASP A 19 5.25 0.42 14.74
CA ASP A 19 5.11 0.05 16.15
C ASP A 19 5.59 -1.37 16.33
N ASP A 20 5.28 -1.96 17.48
CA ASP A 20 5.63 -3.35 17.74
C ASP A 20 4.84 -4.26 16.82
N THR A 21 3.56 -3.94 16.64
CA THR A 21 2.69 -4.79 15.84
C THR A 21 1.76 -3.99 14.92
N SER A 22 2.14 -2.76 14.59
CA SER A 22 1.31 -1.92 13.73
C SER A 22 2.15 -0.92 12.94
N ILE A 23 1.63 -0.50 11.79
CA ILE A 23 2.31 0.48 10.95
C ILE A 23 1.30 1.45 10.37
N VAL A 24 1.79 2.54 9.80
CA VAL A 24 0.96 3.43 9.02
C VAL A 24 1.39 3.32 7.56
N VAL A 25 0.58 2.65 6.76
CA VAL A 25 0.86 2.50 5.33
C VAL A 25 0.05 3.53 4.56
N ARG A 26 0.75 4.40 3.84
CA ARG A 26 0.13 5.50 3.13
C ARG A 26 0.35 5.36 1.63
N TRP A 27 -0.70 5.58 0.86
CA TRP A 27 -0.64 5.42 -0.59
C TRP A 27 -1.15 6.67 -1.29
N SER A 28 -0.65 6.92 -2.48
CA SER A 28 -1.11 8.04 -3.27
C SER A 28 -2.06 7.56 -4.37
N ARG A 29 -3.31 7.96 -4.29
CA ARG A 29 -4.29 7.55 -5.28
C ARG A 29 -4.34 8.57 -6.41
N PRO A 30 -4.59 8.12 -7.65
CA PRO A 30 -4.68 9.00 -8.82
C PRO A 30 -5.82 10.00 -8.68
N MET B 1 -18.03 24.46 -9.45
CA MET B 1 -18.35 25.52 -10.43
C MET B 1 -18.35 24.95 -11.84
N ARG B 2 -19.22 25.49 -12.69
CA ARG B 2 -19.31 25.09 -14.09
C ARG B 2 -19.63 23.60 -14.24
N GLY B 3 -20.31 23.04 -13.24
CA GLY B 3 -20.67 21.63 -13.28
C GLY B 3 -19.51 20.73 -12.96
N SER B 4 -18.47 20.80 -13.79
CA SER B 4 -17.26 19.99 -13.64
C SER B 4 -17.58 18.51 -13.82
N ASN B 5 -18.56 18.22 -14.68
CA ASN B 5 -18.97 16.85 -14.92
C ASN B 5 -18.03 16.19 -15.92
N ALA B 6 -17.51 15.03 -15.54
CA ALA B 6 -16.57 14.30 -16.38
C ALA B 6 -16.34 12.90 -15.84
N PRO B 7 -16.47 11.87 -16.71
CA PRO B 7 -16.20 10.49 -16.32
C PRO B 7 -14.71 10.22 -16.16
N GLN B 8 -14.14 10.75 -15.09
CA GLN B 8 -12.73 10.59 -14.80
C GLN B 8 -12.41 9.13 -14.51
N PRO B 9 -11.50 8.53 -15.30
CA PRO B 9 -11.14 7.12 -15.17
C PRO B 9 -10.18 6.87 -14.00
N SER B 10 -10.48 7.49 -12.87
CA SER B 10 -9.67 7.35 -11.66
C SER B 10 -10.54 7.61 -10.44
N HIS B 11 -11.44 6.68 -10.15
CA HIS B 11 -12.32 6.79 -8.99
C HIS B 11 -12.33 5.48 -8.22
N ILE B 12 -11.70 5.47 -7.07
CA ILE B 12 -11.56 4.26 -6.28
C ILE B 12 -12.78 4.07 -5.38
N SER B 13 -13.34 2.87 -5.41
CA SER B 13 -14.48 2.53 -4.58
C SER B 13 -14.02 1.96 -3.24
N LYS B 14 -12.92 1.22 -3.25
CA LYS B 14 -12.35 0.64 -2.04
C LYS B 14 -10.90 0.22 -2.26
N TYR B 15 -10.09 0.36 -1.23
CA TYR B 15 -8.70 -0.10 -1.26
C TYR B 15 -8.59 -1.37 -0.44
N ILE B 16 -8.06 -2.44 -1.01
CA ILE B 16 -7.86 -3.65 -0.27
C ILE B 16 -6.39 -3.80 0.10
N LEU B 17 -6.12 -3.83 1.40
CA LEU B 17 -4.76 -4.01 1.89
C LEU B 17 -4.56 -5.48 2.22
N ARG B 18 -3.69 -6.13 1.47
CA ARG B 18 -3.36 -7.52 1.71
C ARG B 18 -1.92 -7.67 2.17
N TRP B 19 -1.73 -8.32 3.30
CA TRP B 19 -0.38 -8.56 3.80
C TRP B 19 -0.22 -10.01 4.26
N ARG B 20 0.97 -10.54 4.05
CA ARG B 20 1.27 -11.92 4.42
C ARG B 20 2.76 -12.04 4.72
N PRO B 21 3.12 -12.68 5.84
CA PRO B 21 4.52 -12.87 6.22
C PRO B 21 5.23 -13.84 5.28
N LYS B 22 6.51 -13.58 5.04
CA LYS B 22 7.32 -14.36 4.10
C LYS B 22 7.49 -15.80 4.54
N ASN B 23 7.25 -16.05 5.82
CA ASN B 23 7.32 -17.41 6.35
C ASN B 23 6.05 -18.18 6.04
N SER B 24 5.08 -17.50 5.45
CA SER B 24 3.83 -18.12 5.07
C SER B 24 3.53 -17.88 3.60
N VAL B 25 3.27 -18.95 2.86
CA VAL B 25 2.89 -18.85 1.48
C VAL B 25 1.38 -19.09 1.33
N GLY B 26 0.70 -19.14 2.48
CA GLY B 26 -0.72 -19.43 2.49
C GLY B 26 -1.59 -18.22 2.25
N ARG B 27 -2.44 -17.90 3.23
CA ARG B 27 -3.49 -16.90 3.07
C ARG B 27 -2.99 -15.50 3.37
N TRP B 28 -3.54 -14.53 2.63
CA TRP B 28 -3.27 -13.12 2.87
C TRP B 28 -4.31 -12.56 3.81
N LYS B 29 -3.91 -11.64 4.67
CA LYS B 29 -4.85 -10.94 5.52
C LYS B 29 -5.41 -9.75 4.76
N GLU B 30 -6.73 -9.61 4.75
CA GLU B 30 -7.39 -8.61 3.93
C GLU B 30 -8.10 -7.56 4.78
N ALA B 31 -7.80 -6.30 4.51
CA ALA B 31 -8.51 -5.19 5.12
C ALA B 31 -8.99 -4.23 4.04
N THR B 32 -10.27 -3.89 4.07
CA THR B 32 -10.83 -3.00 3.07
C THR B 32 -10.94 -1.58 3.62
N ILE B 33 -10.36 -0.64 2.89
CA ILE B 33 -10.38 0.76 3.27
C ILE B 33 -11.26 1.54 2.29
N PRO B 34 -12.17 2.38 2.82
CA PRO B 34 -13.06 3.22 2.00
C PRO B 34 -12.30 3.98 0.91
N GLY B 35 -12.90 4.06 -0.28
CA GLY B 35 -12.25 4.67 -1.42
C GLY B 35 -12.16 6.18 -1.35
N HIS B 36 -11.64 6.69 -0.24
CA HIS B 36 -11.39 8.12 -0.07
C HIS B 36 -10.39 8.34 1.04
N LEU B 37 -9.70 7.28 1.43
CA LEU B 37 -8.65 7.36 2.43
C LEU B 37 -7.31 7.06 1.78
N ASN B 38 -6.23 7.54 2.38
CA ASN B 38 -4.92 7.40 1.79
C ASN B 38 -3.93 6.73 2.74
N SER B 39 -4.39 6.32 3.90
CA SER B 39 -3.52 5.66 4.86
C SER B 39 -4.30 4.68 5.72
N TYR B 40 -3.62 3.63 6.15
CA TYR B 40 -4.23 2.62 7.00
C TYR B 40 -3.24 2.14 8.06
N THR B 41 -3.72 2.00 9.29
CA THR B 41 -2.89 1.48 10.36
C THR B 41 -3.07 -0.03 10.47
N ILE B 42 -2.13 -0.78 9.91
CA ILE B 42 -2.19 -2.24 9.91
C ILE B 42 -1.82 -2.77 11.28
N LYS B 43 -2.76 -3.44 11.93
CA LYS B 43 -2.52 -4.06 13.21
C LYS B 43 -2.38 -5.57 13.03
N GLY B 44 -1.34 -6.14 13.62
CA GLY B 44 -1.13 -7.57 13.51
C GLY B 44 0.12 -7.89 12.72
N LEU B 45 1.09 -7.00 12.76
CA LEU B 45 2.37 -7.22 12.09
C LEU B 45 3.44 -7.60 13.10
N LYS B 46 4.07 -8.75 12.88
CA LYS B 46 5.12 -9.22 13.76
C LYS B 46 6.40 -8.41 13.56
N PRO B 47 7.01 -7.94 14.66
CA PRO B 47 8.24 -7.15 14.61
C PRO B 47 9.45 -8.01 14.26
N GLY B 48 10.10 -7.69 13.15
CA GLY B 48 11.26 -8.44 12.72
C GLY B 48 10.90 -9.58 11.80
N VAL B 49 9.71 -9.49 11.20
CA VAL B 49 9.26 -10.47 10.24
C VAL B 49 8.97 -9.79 8.91
N VAL B 50 9.54 -10.32 7.84
CA VAL B 50 9.34 -9.75 6.52
C VAL B 50 7.96 -10.07 5.99
N TYR B 51 7.26 -9.05 5.52
CA TYR B 51 5.91 -9.20 5.02
C TYR B 51 5.82 -8.83 3.55
N GLU B 52 4.87 -9.46 2.86
CA GLU B 52 4.51 -9.08 1.51
C GLU B 52 3.21 -8.28 1.57
N GLY B 53 3.14 -7.20 0.82
CA GLY B 53 1.95 -6.37 0.85
C GLY B 53 1.41 -6.08 -0.53
N GLN B 54 0.09 -6.03 -0.65
CA GLN B 54 -0.57 -5.69 -1.89
C GLN B 54 -1.69 -4.70 -1.64
N LEU B 55 -1.62 -3.56 -2.31
CA LEU B 55 -2.68 -2.57 -2.26
C LEU B 55 -3.51 -2.67 -3.52
N ILE B 56 -4.72 -3.21 -3.40
CA ILE B 56 -5.60 -3.37 -4.56
C ILE B 56 -6.67 -2.29 -4.54
N SER B 57 -6.55 -1.34 -5.45
CA SER B 57 -7.54 -0.29 -5.58
C SER B 57 -8.63 -0.71 -6.55
N ILE B 58 -9.83 -0.92 -6.03
CA ILE B 58 -10.97 -1.27 -6.86
C ILE B 58 -11.67 -0.01 -7.32
N GLN B 59 -11.48 0.34 -8.58
CA GLN B 59 -12.09 1.52 -9.14
C GLN B 59 -13.50 1.22 -9.63
N GLN B 60 -14.33 2.27 -9.58
CA GLN B 60 -15.77 2.18 -9.87
C GLN B 60 -16.06 1.53 -11.21
N TYR B 61 -15.10 1.61 -12.13
CA TYR B 61 -15.28 1.08 -13.48
C TYR B 61 -14.94 -0.41 -13.53
N GLY B 62 -14.72 -0.99 -12.37
CA GLY B 62 -14.34 -2.39 -12.29
C GLY B 62 -12.87 -2.58 -12.58
N HIS B 63 -12.14 -1.48 -12.56
CA HIS B 63 -10.72 -1.48 -12.88
C HIS B 63 -9.91 -1.74 -11.61
N GLN B 64 -9.11 -2.79 -11.62
CA GLN B 64 -8.33 -3.17 -10.45
C GLN B 64 -6.85 -2.85 -10.65
N GLU B 65 -6.30 -2.05 -9.76
CA GLU B 65 -4.87 -1.78 -9.76
C GLU B 65 -4.23 -2.33 -8.49
N VAL B 66 -3.32 -3.27 -8.66
CA VAL B 66 -2.66 -3.90 -7.54
C VAL B 66 -1.23 -3.38 -7.41
N THR B 67 -0.96 -2.66 -6.34
CA THR B 67 0.38 -2.17 -6.08
C THR B 67 1.05 -3.04 -5.02
N ARG B 68 2.06 -3.78 -5.45
CA ARG B 68 2.74 -4.72 -4.56
C ARG B 68 3.91 -4.03 -3.87
N PHE B 69 3.95 -4.15 -2.54
CA PHE B 69 5.00 -3.55 -1.74
C PHE B 69 5.48 -4.53 -0.69
N ASP B 70 6.46 -4.12 0.10
CA ASP B 70 7.03 -4.99 1.13
C ASP B 70 7.30 -4.22 2.42
N PHE B 71 7.37 -4.95 3.52
CA PHE B 71 7.60 -4.36 4.83
C PHE B 71 8.66 -5.16 5.60
N THR B 72 9.39 -4.47 6.46
CA THR B 72 10.49 -5.04 7.23
C THR B 72 11.67 -5.37 6.31
N THR B 73 11.80 -4.56 5.27
CA THR B 73 12.87 -4.73 4.31
C THR B 73 13.92 -3.63 4.43
N THR B 74 13.46 -2.42 4.74
CA THR B 74 14.35 -1.29 4.93
C THR B 74 14.96 -1.34 6.33
N SER B 75 15.91 -2.23 6.51
CA SER B 75 16.58 -2.39 7.79
C SER B 75 17.91 -1.65 7.78
N THR B 76 17.91 -0.42 8.29
CA THR B 76 19.11 0.41 8.33
C THR B 76 20.02 -0.01 9.48
N SER B 77 20.41 -1.28 9.47
CA SER B 77 21.23 -1.84 10.53
C SER B 77 22.72 -1.63 10.21
N THR B 78 23.10 -0.39 10.00
CA THR B 78 24.48 -0.06 9.69
C THR B 78 25.36 -0.23 10.92
N PRO B 79 26.33 -1.17 10.88
CA PRO B 79 27.21 -1.48 12.01
C PRO B 79 28.31 -0.45 12.20
N GLY B 80 27.93 0.82 12.32
CA GLY B 80 28.90 1.89 12.50
C GLY B 80 29.88 1.95 11.34
N SER B 81 29.37 2.20 10.16
CA SER B 81 30.22 2.23 8.97
C SER B 81 30.87 3.61 8.83
N ARG B 82 31.94 3.82 9.58
CA ARG B 82 32.64 5.08 9.56
C ARG B 82 33.64 5.14 8.41
N SER B 83 33.33 5.95 7.42
CA SER B 83 34.23 6.17 6.31
C SER B 83 34.89 7.54 6.44
N HIS B 84 34.34 8.35 7.34
CA HIS B 84 34.82 9.71 7.53
C HIS B 84 36.11 9.72 8.35
N HIS B 85 37.21 10.06 7.69
CA HIS B 85 38.49 10.26 8.37
C HIS B 85 39.29 11.33 7.65
N HIS B 86 38.58 12.25 7.01
CA HIS B 86 39.19 13.38 6.35
C HIS B 86 38.39 14.64 6.69
N HIS B 87 39.03 15.61 7.31
CA HIS B 87 38.36 16.83 7.70
C HIS B 87 38.27 17.79 6.52
N HIS B 88 37.05 18.16 6.15
CA HIS B 88 36.83 19.11 5.07
C HIS B 88 37.08 20.53 5.57
N HIS B 89 37.27 21.45 4.63
CA HIS B 89 37.54 22.86 4.95
C HIS B 89 38.89 22.98 5.67
N GLY A 1 10.72 2.06 -18.26
CA GLY A 1 10.72 2.79 -19.55
C GLY A 1 9.33 2.94 -20.11
N SER A 2 9.15 2.58 -21.38
CA SER A 2 7.85 2.70 -22.03
C SER A 2 6.91 1.59 -21.55
N GLN A 3 7.47 0.57 -20.93
CA GLN A 3 6.67 -0.50 -20.37
C GLN A 3 6.14 -0.08 -19.00
N THR A 4 5.09 0.72 -19.03
CA THR A 4 4.44 1.17 -17.81
C THR A 4 3.00 0.70 -17.80
N THR A 5 2.81 -0.60 -17.77
CA THR A 5 1.48 -1.20 -17.77
C THR A 5 0.67 -0.68 -16.57
N ALA A 6 -0.59 -0.33 -16.84
CA ALA A 6 -1.47 0.25 -15.84
C ALA A 6 -0.86 1.51 -15.23
N PRO A 7 -0.80 2.60 -15.99
CA PRO A 7 -0.25 3.88 -15.51
C PRO A 7 -1.20 4.56 -14.55
N ASP A 8 -2.43 4.07 -14.51
CA ASP A 8 -3.47 4.63 -13.65
C ASP A 8 -3.51 3.88 -12.32
N ALA A 9 -2.34 3.51 -11.84
CA ALA A 9 -2.20 2.75 -10.60
C ALA A 9 -1.60 3.63 -9.50
N PRO A 10 -2.01 3.42 -8.24
CA PRO A 10 -1.47 4.16 -7.09
C PRO A 10 0.02 3.93 -6.90
N PRO A 11 0.81 5.02 -6.87
CA PRO A 11 2.24 4.96 -6.54
C PRO A 11 2.53 4.16 -5.27
N ASP A 12 3.69 3.50 -5.27
CA ASP A 12 4.09 2.58 -4.20
C ASP A 12 3.84 3.15 -2.81
N PRO A 13 2.96 2.49 -2.04
CA PRO A 13 2.61 2.91 -0.67
C PRO A 13 3.82 3.03 0.24
N THR A 14 3.74 3.96 1.16
CA THR A 14 4.81 4.20 2.11
C THR A 14 4.39 3.75 3.52
N VAL A 15 5.30 3.09 4.22
CA VAL A 15 5.03 2.64 5.56
C VAL A 15 5.77 3.50 6.58
N ASP A 16 5.02 4.23 7.40
CA ASP A 16 5.61 5.09 8.42
C ASP A 16 5.14 4.68 9.81
N GLN A 17 5.87 5.16 10.82
CA GLN A 17 5.52 4.98 12.23
C GLN A 17 5.24 3.52 12.57
N VAL A 18 6.29 2.76 12.77
CA VAL A 18 6.15 1.37 13.15
C VAL A 18 6.10 1.23 14.67
N ASP A 19 5.01 0.65 15.15
CA ASP A 19 4.85 0.39 16.57
C ASP A 19 5.48 -0.94 16.93
N ASP A 20 5.05 -1.51 18.05
CA ASP A 20 5.53 -2.83 18.45
C ASP A 20 4.96 -3.91 17.54
N THR A 21 3.72 -3.70 17.08
CA THR A 21 3.06 -4.68 16.21
C THR A 21 2.10 -4.01 15.22
N SER A 22 2.38 -2.77 14.84
CA SER A 22 1.51 -2.07 13.90
C SER A 22 2.29 -1.04 13.08
N ILE A 23 1.76 -0.68 11.93
CA ILE A 23 2.38 0.31 11.05
C ILE A 23 1.32 1.25 10.50
N VAL A 24 1.76 2.37 9.96
CA VAL A 24 0.88 3.24 9.21
C VAL A 24 1.23 3.19 7.73
N VAL A 25 0.41 2.51 6.96
CA VAL A 25 0.64 2.37 5.53
C VAL A 25 -0.26 3.33 4.76
N ARG A 26 0.35 4.21 3.97
CA ARG A 26 -0.39 5.19 3.19
C ARG A 26 -0.07 5.00 1.71
N TRP A 27 -0.99 5.44 0.86
CA TRP A 27 -0.82 5.30 -0.57
C TRP A 27 -1.49 6.46 -1.30
N SER A 28 -0.86 6.93 -2.36
CA SER A 28 -1.38 8.05 -3.12
C SER A 28 -2.19 7.56 -4.33
N ARG A 29 -3.36 8.13 -4.51
CA ARG A 29 -4.20 7.78 -5.65
C ARG A 29 -3.87 8.67 -6.84
N PRO A 30 -3.95 8.13 -8.08
CA PRO A 30 -3.67 8.89 -9.29
C PRO A 30 -4.75 9.92 -9.61
N MET B 1 -16.56 18.34 -8.37
CA MET B 1 -15.71 17.78 -9.45
C MET B 1 -16.01 18.48 -10.76
N ARG B 2 -15.10 18.35 -11.71
CA ARG B 2 -15.25 18.99 -13.01
C ARG B 2 -15.08 17.97 -14.13
N GLY B 3 -16.14 17.24 -14.40
CA GLY B 3 -16.09 16.23 -15.44
C GLY B 3 -17.46 15.80 -15.90
N SER B 4 -17.96 16.47 -16.92
CA SER B 4 -19.25 16.13 -17.48
C SER B 4 -19.09 14.97 -18.47
N ASN B 5 -17.90 14.84 -19.04
CA ASN B 5 -17.60 13.77 -19.97
C ASN B 5 -17.15 12.52 -19.21
N ALA B 6 -16.40 12.73 -18.14
CA ALA B 6 -15.89 11.64 -17.34
C ALA B 6 -16.25 11.84 -15.86
N PRO B 7 -17.20 11.05 -15.35
CA PRO B 7 -17.63 11.11 -13.95
C PRO B 7 -16.59 10.50 -13.00
N GLN B 8 -15.48 11.21 -12.82
CA GLN B 8 -14.39 10.78 -11.94
C GLN B 8 -13.80 9.45 -12.42
N PRO B 9 -12.88 9.51 -13.40
CA PRO B 9 -12.26 8.32 -13.99
C PRO B 9 -11.56 7.43 -12.96
N SER B 10 -10.53 7.97 -12.35
CA SER B 10 -9.74 7.20 -11.38
C SER B 10 -10.30 7.36 -9.97
N HIS B 11 -11.59 7.10 -9.83
CA HIS B 11 -12.23 7.14 -8.52
C HIS B 11 -12.27 5.75 -7.92
N ILE B 12 -11.47 5.53 -6.90
CA ILE B 12 -11.40 4.24 -6.24
C ILE B 12 -12.54 4.12 -5.24
N SER B 13 -13.30 3.04 -5.37
CA SER B 13 -14.42 2.79 -4.48
C SER B 13 -13.94 2.22 -3.15
N LYS B 14 -12.96 1.32 -3.22
CA LYS B 14 -12.40 0.70 -2.04
C LYS B 14 -10.98 0.22 -2.30
N TYR B 15 -10.12 0.39 -1.31
CA TYR B 15 -8.76 -0.12 -1.36
C TYR B 15 -8.67 -1.39 -0.54
N ILE B 16 -8.12 -2.43 -1.12
CA ILE B 16 -7.92 -3.68 -0.39
C ILE B 16 -6.45 -3.87 -0.09
N LEU B 17 -6.13 -3.89 1.19
CA LEU B 17 -4.76 -4.09 1.65
C LEU B 17 -4.56 -5.56 1.97
N ARG B 18 -3.73 -6.23 1.19
CA ARG B 18 -3.43 -7.62 1.43
C ARG B 18 -1.99 -7.81 1.84
N TRP B 19 -1.78 -8.33 3.04
CA TRP B 19 -0.43 -8.58 3.52
C TRP B 19 -0.28 -10.03 3.94
N ARG B 20 0.91 -10.56 3.72
CA ARG B 20 1.21 -11.94 4.05
C ARG B 20 2.69 -12.07 4.41
N PRO B 21 3.01 -12.66 5.57
CA PRO B 21 4.40 -12.91 5.97
C PRO B 21 5.09 -13.82 4.98
N LYS B 22 6.37 -13.56 4.74
CA LYS B 22 7.18 -14.35 3.80
C LYS B 22 7.22 -15.82 4.19
N ASN B 23 7.12 -16.08 5.49
CA ASN B 23 7.15 -17.46 6.00
C ASN B 23 5.79 -18.14 5.84
N SER B 24 4.78 -17.35 5.52
CA SER B 24 3.42 -17.87 5.37
C SER B 24 3.02 -17.94 3.91
N VAL B 25 2.45 -19.06 3.51
CA VAL B 25 1.96 -19.22 2.16
C VAL B 25 0.48 -19.60 2.18
N GLY B 26 -0.12 -19.51 3.37
CA GLY B 26 -1.52 -19.86 3.52
C GLY B 26 -2.44 -18.94 2.75
N ARG B 27 -2.65 -17.76 3.26
CA ARG B 27 -3.52 -16.79 2.62
C ARG B 27 -3.08 -15.36 2.92
N TRP B 28 -3.53 -14.44 2.09
CA TRP B 28 -3.26 -13.03 2.29
C TRP B 28 -4.34 -12.41 3.16
N LYS B 29 -3.93 -11.68 4.19
CA LYS B 29 -4.87 -10.99 5.04
C LYS B 29 -5.42 -9.77 4.32
N GLU B 30 -6.72 -9.56 4.41
CA GLU B 30 -7.37 -8.50 3.64
C GLU B 30 -7.91 -7.41 4.55
N ALA B 31 -7.80 -6.18 4.07
CA ALA B 31 -8.40 -5.04 4.74
C ALA B 31 -9.07 -4.14 3.70
N THR B 32 -10.27 -3.70 4.00
CA THR B 32 -11.02 -2.87 3.05
C THR B 32 -11.07 -1.42 3.53
N ILE B 33 -10.40 -0.55 2.81
CA ILE B 33 -10.35 0.86 3.17
C ILE B 33 -11.14 1.68 2.15
N PRO B 34 -12.13 2.46 2.60
CA PRO B 34 -12.91 3.36 1.74
C PRO B 34 -12.00 4.21 0.83
N GLY B 35 -12.47 4.43 -0.40
CA GLY B 35 -11.64 5.08 -1.41
C GLY B 35 -11.51 6.57 -1.23
N HIS B 36 -11.19 7.00 -0.01
CA HIS B 36 -11.00 8.41 0.30
C HIS B 36 -10.27 8.58 1.62
N LEU B 37 -9.55 7.54 2.03
CA LEU B 37 -8.76 7.60 3.26
C LEU B 37 -7.28 7.53 2.92
N ASN B 38 -6.90 6.53 2.14
CA ASN B 38 -5.50 6.41 1.67
C ASN B 38 -4.53 6.31 2.84
N SER B 39 -4.94 5.57 3.86
CA SER B 39 -4.13 5.38 5.05
C SER B 39 -4.75 4.28 5.90
N TYR B 40 -3.94 3.35 6.37
CA TYR B 40 -4.41 2.25 7.18
C TYR B 40 -3.36 1.87 8.21
N THR B 41 -3.80 1.49 9.39
CA THR B 41 -2.90 1.03 10.43
C THR B 41 -3.01 -0.48 10.61
N ILE B 42 -2.09 -1.21 10.01
CA ILE B 42 -2.10 -2.67 10.08
C ILE B 42 -1.63 -3.12 11.46
N LYS B 43 -2.47 -3.88 12.14
CA LYS B 43 -2.12 -4.39 13.46
C LYS B 43 -1.86 -5.88 13.40
N GLY B 44 -0.96 -6.35 14.25
CA GLY B 44 -0.64 -7.76 14.28
C GLY B 44 0.60 -8.07 13.47
N LEU B 45 1.41 -7.05 13.23
CA LEU B 45 2.63 -7.21 12.45
C LEU B 45 3.81 -7.49 13.37
N LYS B 46 4.50 -8.58 13.10
CA LYS B 46 5.66 -8.97 13.90
C LYS B 46 6.91 -8.26 13.40
N PRO B 47 7.59 -7.50 14.28
CA PRO B 47 8.78 -6.74 13.90
C PRO B 47 9.97 -7.64 13.59
N GLY B 48 10.69 -7.30 12.52
CA GLY B 48 11.83 -8.11 12.11
C GLY B 48 11.43 -9.22 11.17
N VAL B 49 10.15 -9.26 10.84
CA VAL B 49 9.63 -10.27 9.92
C VAL B 49 9.33 -9.63 8.57
N VAL B 50 9.66 -10.33 7.49
CA VAL B 50 9.45 -9.81 6.16
C VAL B 50 8.02 -10.05 5.70
N TYR B 51 7.26 -8.98 5.56
CA TYR B 51 5.87 -9.08 5.10
C TYR B 51 5.75 -8.68 3.64
N GLU B 52 4.86 -9.33 2.93
CA GLU B 52 4.53 -8.96 1.57
C GLU B 52 3.20 -8.22 1.57
N GLY B 53 3.13 -7.09 0.89
CA GLY B 53 1.91 -6.31 0.89
C GLY B 53 1.47 -5.93 -0.49
N GLN B 54 0.15 -5.88 -0.69
CA GLN B 54 -0.42 -5.48 -1.95
C GLN B 54 -1.55 -4.47 -1.71
N LEU B 55 -1.45 -3.32 -2.37
CA LEU B 55 -2.54 -2.35 -2.34
C LEU B 55 -3.38 -2.52 -3.59
N ILE B 56 -4.59 -3.01 -3.41
CA ILE B 56 -5.48 -3.26 -4.53
C ILE B 56 -6.60 -2.23 -4.56
N SER B 57 -6.53 -1.31 -5.50
CA SER B 57 -7.53 -0.28 -5.62
C SER B 57 -8.62 -0.70 -6.60
N ILE B 58 -9.85 -0.83 -6.10
CA ILE B 58 -10.98 -1.19 -6.94
C ILE B 58 -11.71 0.06 -7.39
N GLN B 59 -11.55 0.40 -8.67
CA GLN B 59 -12.21 1.58 -9.22
C GLN B 59 -13.63 1.23 -9.65
N GLN B 60 -14.47 2.27 -9.75
CA GLN B 60 -15.89 2.10 -10.06
C GLN B 60 -16.11 1.60 -11.49
N TYR B 61 -15.02 1.46 -12.25
CA TYR B 61 -15.09 0.95 -13.60
C TYR B 61 -14.58 -0.48 -13.67
N GLY B 62 -14.49 -1.12 -12.51
CA GLY B 62 -14.08 -2.51 -12.44
C GLY B 62 -12.58 -2.68 -12.61
N HIS B 63 -11.85 -1.58 -12.56
CA HIS B 63 -10.40 -1.63 -12.66
C HIS B 63 -9.80 -1.96 -11.30
N GLN B 64 -8.98 -3.00 -11.27
CA GLN B 64 -8.27 -3.33 -10.06
C GLN B 64 -6.78 -3.09 -10.28
N GLU B 65 -6.22 -2.19 -9.50
CA GLU B 65 -4.81 -1.88 -9.58
C GLU B 65 -4.10 -2.41 -8.35
N VAL B 66 -3.14 -3.30 -8.58
CA VAL B 66 -2.43 -3.94 -7.49
C VAL B 66 -1.00 -3.46 -7.42
N THR B 67 -0.70 -2.64 -6.42
CA THR B 67 0.65 -2.18 -6.19
C THR B 67 1.31 -3.01 -5.10
N ARG B 68 2.32 -3.78 -5.49
CA ARG B 68 2.96 -4.71 -4.57
C ARG B 68 4.18 -4.09 -3.90
N PHE B 69 4.30 -4.31 -2.60
CA PHE B 69 5.39 -3.77 -1.81
C PHE B 69 5.71 -4.70 -0.65
N ASP B 70 6.67 -4.32 0.16
CA ASP B 70 7.05 -5.09 1.35
C ASP B 70 7.35 -4.14 2.48
N PHE B 71 7.28 -4.62 3.71
CA PHE B 71 7.45 -3.76 4.87
C PHE B 71 7.92 -4.53 6.09
N THR B 72 8.21 -3.79 7.16
CA THR B 72 8.69 -4.33 8.42
C THR B 72 10.15 -4.78 8.33
N THR B 73 10.51 -5.34 7.18
CA THR B 73 11.89 -5.77 6.94
C THR B 73 12.81 -4.56 6.72
N THR B 74 12.22 -3.46 6.29
CA THR B 74 12.98 -2.24 6.06
C THR B 74 13.25 -1.52 7.38
N SER B 75 14.28 -1.98 8.09
CA SER B 75 14.61 -1.41 9.38
C SER B 75 16.10 -1.63 9.67
N THR B 76 16.94 -1.18 8.75
CA THR B 76 18.38 -1.29 8.91
C THR B 76 18.95 -0.06 9.62
N SER B 77 18.15 0.52 10.50
CA SER B 77 18.54 1.72 11.22
C SER B 77 19.44 1.38 12.41
N THR B 78 20.58 0.78 12.12
CA THR B 78 21.54 0.39 13.13
C THR B 78 22.29 1.60 13.71
N PRO B 79 22.89 2.48 12.86
CA PRO B 79 23.61 3.67 13.35
C PRO B 79 22.69 4.65 14.08
N GLY B 80 22.96 4.86 15.35
CA GLY B 80 22.15 5.76 16.15
C GLY B 80 22.98 6.84 16.80
N SER B 81 23.49 7.76 16.00
CA SER B 81 24.32 8.85 16.50
C SER B 81 23.48 9.94 17.16
N ARG B 82 22.16 9.80 17.03
CA ARG B 82 21.24 10.77 17.62
C ARG B 82 20.13 10.04 18.37
N SER B 83 19.67 10.64 19.45
CA SER B 83 18.61 10.05 20.25
C SER B 83 17.26 10.68 19.90
N HIS B 84 16.39 9.88 19.29
CA HIS B 84 15.07 10.35 18.92
C HIS B 84 14.04 9.96 19.98
N HIS B 85 13.14 10.88 20.28
CA HIS B 85 12.13 10.66 21.32
C HIS B 85 10.84 10.16 20.70
N HIS B 86 10.13 9.33 21.43
CA HIS B 86 8.86 8.77 20.97
C HIS B 86 7.68 9.57 21.50
N HIS B 87 7.36 10.66 20.82
CA HIS B 87 6.24 11.50 21.23
C HIS B 87 4.96 11.09 20.50
N HIS B 88 5.13 10.63 19.28
CA HIS B 88 4.00 10.16 18.48
C HIS B 88 3.66 8.72 18.85
N HIS B 89 4.67 7.86 18.77
CA HIS B 89 4.49 6.45 19.07
C HIS B 89 5.77 5.88 19.68
N GLY A 1 -1.76 12.76 -11.61
CA GLY A 1 -1.00 12.31 -12.81
C GLY A 1 0.42 11.92 -12.46
N SER A 2 1.32 12.00 -13.43
CA SER A 2 2.70 11.65 -13.22
C SER A 2 3.61 12.54 -14.07
N GLN A 3 3.42 12.50 -15.38
CA GLN A 3 4.20 13.30 -16.30
C GLN A 3 3.57 13.27 -17.70
N THR A 4 3.65 12.10 -18.34
CA THR A 4 3.05 11.93 -19.65
C THR A 4 1.99 10.83 -19.61
N THR A 5 1.77 10.30 -18.43
CA THR A 5 0.77 9.26 -18.21
C THR A 5 0.08 9.48 -16.88
N ALA A 6 -1.25 9.43 -16.88
CA ALA A 6 -2.03 9.60 -15.68
C ALA A 6 -2.59 8.27 -15.22
N PRO A 7 -1.90 7.58 -14.30
CA PRO A 7 -2.31 6.27 -13.81
C PRO A 7 -3.51 6.36 -12.88
N ASP A 8 -4.27 5.29 -12.80
CA ASP A 8 -5.41 5.22 -11.90
C ASP A 8 -5.04 4.42 -10.67
N ALA A 9 -3.82 3.92 -10.67
CA ALA A 9 -3.31 3.10 -9.58
C ALA A 9 -2.42 3.92 -8.65
N PRO A 10 -2.70 3.88 -7.34
CA PRO A 10 -1.85 4.53 -6.33
C PRO A 10 -0.43 3.99 -6.39
N PRO A 11 0.57 4.89 -6.51
CA PRO A 11 1.99 4.53 -6.52
C PRO A 11 2.41 3.78 -5.25
N ASP A 12 3.67 3.33 -5.24
CA ASP A 12 4.21 2.49 -4.15
C ASP A 12 3.82 3.00 -2.78
N PRO A 13 3.01 2.21 -2.04
CA PRO A 13 2.63 2.52 -0.68
C PRO A 13 3.76 2.21 0.30
N THR A 14 4.27 3.24 0.94
CA THR A 14 5.32 3.08 1.94
C THR A 14 4.73 3.25 3.32
N VAL A 15 5.12 2.41 4.25
CA VAL A 15 4.53 2.41 5.56
C VAL A 15 5.36 3.21 6.55
N ASP A 16 4.68 3.91 7.44
CA ASP A 16 5.32 4.76 8.43
C ASP A 16 4.87 4.38 9.84
N GLN A 17 5.58 4.92 10.83
CA GLN A 17 5.20 4.82 12.23
C GLN A 17 4.99 3.36 12.66
N VAL A 18 6.08 2.64 12.83
CA VAL A 18 6.02 1.24 13.24
C VAL A 18 5.92 1.12 14.75
N ASP A 19 4.88 0.45 15.21
CA ASP A 19 4.65 0.24 16.64
C ASP A 19 5.17 -1.13 17.06
N ASP A 20 4.69 -1.62 18.20
CA ASP A 20 5.04 -2.96 18.67
C ASP A 20 4.62 -4.00 17.65
N THR A 21 3.36 -3.91 17.20
CA THR A 21 2.83 -4.87 16.25
C THR A 21 1.84 -4.20 15.29
N SER A 22 2.11 -2.98 14.89
CA SER A 22 1.24 -2.26 13.97
C SER A 22 2.02 -1.22 13.17
N ILE A 23 1.53 -0.91 11.98
CA ILE A 23 2.15 0.09 11.11
C ILE A 23 1.07 0.99 10.51
N VAL A 24 1.50 2.11 9.92
CA VAL A 24 0.59 2.93 9.14
C VAL A 24 1.04 2.89 7.68
N VAL A 25 0.30 2.17 6.86
CA VAL A 25 0.64 2.05 5.45
C VAL A 25 -0.05 3.15 4.65
N ARG A 26 0.76 3.92 3.93
CA ARG A 26 0.28 5.10 3.22
C ARG A 26 0.58 5.00 1.74
N TRP A 27 -0.43 5.22 0.92
CA TRP A 27 -0.26 5.20 -0.53
C TRP A 27 -0.37 6.61 -1.10
N SER A 28 0.41 6.86 -2.15
CA SER A 28 0.42 8.16 -2.80
C SER A 28 -0.77 8.29 -3.75
N ARG A 29 -1.13 9.52 -4.09
CA ARG A 29 -2.26 9.75 -4.98
C ARG A 29 -1.80 9.69 -6.43
N PRO A 30 -2.50 8.89 -7.26
CA PRO A 30 -2.22 8.81 -8.69
C PRO A 30 -2.66 10.08 -9.43
N MET B 1 -31.62 21.58 -9.55
CA MET B 1 -31.43 20.36 -10.37
C MET B 1 -29.96 19.98 -10.45
N ARG B 2 -29.08 20.85 -9.94
CA ARG B 2 -27.66 20.59 -9.99
C ARG B 2 -27.09 20.32 -8.61
N GLY B 3 -26.69 19.08 -8.37
CA GLY B 3 -26.05 18.73 -7.12
C GLY B 3 -24.64 18.23 -7.35
N SER B 4 -24.49 16.92 -7.51
CA SER B 4 -23.19 16.33 -7.80
C SER B 4 -23.03 16.22 -9.31
N ASN B 5 -22.59 17.31 -9.93
CA ASN B 5 -22.52 17.39 -11.38
C ASN B 5 -21.26 16.74 -11.91
N ALA B 6 -20.13 17.10 -11.31
CA ALA B 6 -18.84 16.61 -11.77
C ALA B 6 -18.66 15.14 -11.43
N PRO B 7 -18.60 14.28 -12.46
CA PRO B 7 -18.43 12.85 -12.27
C PRO B 7 -16.96 12.47 -12.15
N GLN B 8 -16.68 11.41 -11.43
CA GLN B 8 -15.33 10.91 -11.26
C GLN B 8 -15.14 9.65 -12.08
N PRO B 9 -14.28 9.72 -13.12
CA PRO B 9 -14.04 8.59 -14.02
C PRO B 9 -13.43 7.38 -13.32
N SER B 10 -12.27 7.58 -12.69
CA SER B 10 -11.61 6.52 -11.96
C SER B 10 -12.48 6.11 -10.77
N HIS B 11 -12.65 7.07 -9.85
CA HIS B 11 -13.47 6.89 -8.66
C HIS B 11 -13.19 5.55 -7.98
N ILE B 12 -12.07 5.46 -7.28
CA ILE B 12 -11.75 4.27 -6.53
C ILE B 12 -12.73 4.15 -5.37
N SER B 13 -13.52 3.09 -5.39
CA SER B 13 -14.57 2.89 -4.42
C SER B 13 -14.02 2.35 -3.11
N LYS B 14 -12.96 1.55 -3.21
CA LYS B 14 -12.35 0.94 -2.05
C LYS B 14 -10.94 0.45 -2.36
N TYR B 15 -10.09 0.44 -1.34
CA TYR B 15 -8.75 -0.10 -1.45
C TYR B 15 -8.67 -1.37 -0.62
N ILE B 16 -8.25 -2.46 -1.23
CA ILE B 16 -8.09 -3.72 -0.52
C ILE B 16 -6.64 -3.93 -0.15
N LEU B 17 -6.37 -3.99 1.14
CA LEU B 17 -5.03 -4.20 1.64
C LEU B 17 -4.87 -5.66 2.06
N ARG B 18 -4.01 -6.38 1.37
CA ARG B 18 -3.73 -7.77 1.72
C ARG B 18 -2.28 -7.91 2.14
N TRP B 19 -2.04 -8.56 3.26
CA TRP B 19 -0.67 -8.80 3.72
C TRP B 19 -0.50 -10.25 4.17
N ARG B 20 0.70 -10.77 3.97
CA ARG B 20 1.01 -12.15 4.32
C ARG B 20 2.48 -12.25 4.74
N PRO B 21 2.78 -13.04 5.79
CA PRO B 21 4.15 -13.34 6.17
C PRO B 21 4.94 -13.92 5.00
N LYS B 22 5.98 -13.20 4.59
CA LYS B 22 6.73 -13.51 3.38
C LYS B 22 7.37 -14.90 3.43
N ASN B 23 7.69 -15.38 4.62
CA ASN B 23 8.34 -16.68 4.76
C ASN B 23 7.30 -17.81 4.73
N SER B 24 6.04 -17.45 4.74
CA SER B 24 4.96 -18.42 4.86
C SER B 24 4.01 -18.35 3.67
N VAL B 25 3.57 -19.51 3.21
CA VAL B 25 2.60 -19.60 2.14
C VAL B 25 1.18 -19.65 2.73
N GLY B 26 1.02 -18.98 3.87
CA GLY B 26 -0.25 -19.00 4.57
C GLY B 26 -1.31 -18.13 3.90
N ARG B 27 -2.41 -17.94 4.59
CA ARG B 27 -3.54 -17.18 4.06
C ARG B 27 -3.25 -15.69 4.11
N TRP B 28 -3.71 -14.98 3.09
CA TRP B 28 -3.56 -13.54 3.03
C TRP B 28 -4.61 -12.88 3.92
N LYS B 29 -4.18 -11.92 4.70
CA LYS B 29 -5.08 -11.16 5.55
C LYS B 29 -5.57 -9.95 4.79
N GLU B 30 -6.88 -9.76 4.76
CA GLU B 30 -7.48 -8.74 3.91
C GLU B 30 -8.14 -7.64 4.74
N ALA B 31 -7.87 -6.40 4.37
CA ALA B 31 -8.53 -5.25 4.94
C ALA B 31 -9.12 -4.39 3.84
N THR B 32 -10.24 -3.74 4.11
CA THR B 32 -10.90 -2.91 3.11
C THR B 32 -10.98 -1.46 3.57
N ILE B 33 -10.39 -0.58 2.80
CA ILE B 33 -10.34 0.83 3.12
C ILE B 33 -11.24 1.62 2.16
N PRO B 34 -12.10 2.50 2.69
CA PRO B 34 -12.94 3.39 1.88
C PRO B 34 -12.13 4.14 0.83
N GLY B 35 -12.70 4.29 -0.37
CA GLY B 35 -11.97 4.86 -1.49
C GLY B 35 -11.79 6.36 -1.40
N HIS B 36 -11.36 6.83 -0.24
CA HIS B 36 -11.06 8.24 -0.05
C HIS B 36 -10.10 8.42 1.13
N LEU B 37 -9.42 7.33 1.49
CA LEU B 37 -8.41 7.37 2.54
C LEU B 37 -7.06 7.00 1.93
N ASN B 38 -5.99 7.51 2.51
CA ASN B 38 -4.66 7.26 1.96
C ASN B 38 -3.75 6.60 2.98
N SER B 39 -4.34 6.06 4.02
CA SER B 39 -3.57 5.42 5.08
C SER B 39 -4.40 4.41 5.85
N TYR B 40 -3.78 3.31 6.24
CA TYR B 40 -4.43 2.31 7.06
C TYR B 40 -3.47 1.81 8.14
N THR B 41 -4.00 1.54 9.32
CA THR B 41 -3.19 1.04 10.42
C THR B 41 -3.28 -0.49 10.48
N ILE B 42 -2.27 -1.15 9.94
CA ILE B 42 -2.24 -2.61 9.94
C ILE B 42 -1.77 -3.11 11.30
N LYS B 43 -2.60 -3.91 11.95
CA LYS B 43 -2.26 -4.45 13.26
C LYS B 43 -2.03 -5.95 13.14
N GLY B 44 -0.93 -6.41 13.73
CA GLY B 44 -0.59 -7.81 13.67
C GLY B 44 0.70 -8.06 12.90
N LEU B 45 1.53 -7.05 12.78
CA LEU B 45 2.83 -7.18 12.11
C LEU B 45 3.96 -7.21 13.12
N LYS B 46 4.96 -8.04 12.88
CA LYS B 46 6.13 -8.08 13.75
C LYS B 46 7.29 -7.32 13.11
N PRO B 47 7.82 -6.28 13.78
CA PRO B 47 8.97 -5.53 13.30
C PRO B 47 10.23 -6.40 13.22
N GLY B 48 10.75 -6.55 12.02
CA GLY B 48 11.89 -7.41 11.82
C GLY B 48 11.52 -8.57 10.92
N VAL B 49 10.24 -8.90 10.91
CA VAL B 49 9.73 -9.96 10.07
C VAL B 49 9.27 -9.38 8.73
N VAL B 50 9.66 -10.02 7.65
CA VAL B 50 9.31 -9.55 6.33
C VAL B 50 7.90 -10.00 5.94
N TYR B 51 7.10 -9.06 5.48
CA TYR B 51 5.75 -9.34 5.03
C TYR B 51 5.55 -8.83 3.62
N GLU B 52 4.65 -9.46 2.88
CA GLU B 52 4.26 -8.97 1.57
C GLU B 52 2.92 -8.27 1.67
N GLY B 53 2.81 -7.14 1.00
CA GLY B 53 1.57 -6.40 1.01
C GLY B 53 1.15 -5.99 -0.38
N GLN B 54 -0.15 -6.00 -0.63
CA GLN B 54 -0.67 -5.58 -1.92
C GLN B 54 -1.90 -4.70 -1.74
N LEU B 55 -1.92 -3.58 -2.45
CA LEU B 55 -3.02 -2.66 -2.40
C LEU B 55 -3.82 -2.75 -3.70
N ILE B 56 -5.01 -3.33 -3.62
CA ILE B 56 -5.86 -3.50 -4.78
C ILE B 56 -6.94 -2.42 -4.79
N SER B 57 -6.92 -1.56 -5.78
CA SER B 57 -7.91 -0.50 -5.88
C SER B 57 -9.03 -0.89 -6.84
N ILE B 58 -10.26 -0.79 -6.37
CA ILE B 58 -11.43 -1.08 -7.20
C ILE B 58 -12.04 0.23 -7.70
N GLN B 59 -11.96 0.45 -9.01
CA GLN B 59 -12.47 1.67 -9.61
C GLN B 59 -13.95 1.56 -9.93
N GLN B 60 -14.51 2.63 -10.48
CA GLN B 60 -15.91 2.64 -10.91
C GLN B 60 -16.12 1.66 -12.07
N TYR B 61 -15.17 1.65 -13.00
CA TYR B 61 -15.26 0.79 -14.18
C TYR B 61 -14.81 -0.64 -13.88
N GLY B 62 -14.58 -0.92 -12.60
CA GLY B 62 -14.20 -2.27 -12.20
C GLY B 62 -12.74 -2.58 -12.49
N HIS B 63 -11.99 -1.56 -12.91
CA HIS B 63 -10.56 -1.73 -13.14
C HIS B 63 -9.86 -1.99 -11.81
N GLN B 64 -9.20 -3.13 -11.71
CA GLN B 64 -8.51 -3.48 -10.49
C GLN B 64 -7.03 -3.17 -10.63
N GLU B 65 -6.56 -2.29 -9.76
CA GLU B 65 -5.16 -1.89 -9.78
C GLU B 65 -4.46 -2.42 -8.54
N VAL B 66 -3.52 -3.32 -8.74
CA VAL B 66 -2.81 -3.93 -7.62
C VAL B 66 -1.40 -3.41 -7.52
N THR B 67 -1.14 -2.59 -6.52
CA THR B 67 0.19 -2.09 -6.25
C THR B 67 0.80 -2.84 -5.09
N ARG B 68 1.90 -3.53 -5.34
CA ARG B 68 2.52 -4.37 -4.33
C ARG B 68 3.62 -3.64 -3.59
N PHE B 69 3.84 -4.05 -2.35
CA PHE B 69 4.89 -3.50 -1.52
C PHE B 69 5.34 -4.55 -0.51
N ASP B 70 6.44 -4.30 0.16
CA ASP B 70 6.98 -5.23 1.14
C ASP B 70 7.28 -4.50 2.43
N PHE B 71 7.24 -5.22 3.53
CA PHE B 71 7.56 -4.64 4.83
C PHE B 71 8.59 -5.51 5.54
N THR B 72 9.53 -4.86 6.21
CA THR B 72 10.59 -5.57 6.92
C THR B 72 10.73 -5.03 8.34
N THR B 73 11.03 -3.75 8.45
CA THR B 73 11.16 -3.12 9.76
C THR B 73 10.86 -1.63 9.65
N THR B 74 11.71 -0.90 8.96
CA THR B 74 11.53 0.53 8.76
C THR B 74 12.36 0.99 7.56
N SER B 75 11.77 0.89 6.38
CA SER B 75 12.47 1.24 5.16
C SER B 75 12.21 2.70 4.78
N THR B 76 12.45 3.59 5.73
CA THR B 76 12.30 5.02 5.50
C THR B 76 13.41 5.78 6.22
N SER B 77 14.56 5.89 5.58
CA SER B 77 15.68 6.62 6.15
C SER B 77 15.42 8.12 6.12
N THR B 78 14.71 8.60 7.14
CA THR B 78 14.39 10.00 7.26
C THR B 78 15.64 10.83 7.55
N PRO B 79 15.93 11.83 6.70
CA PRO B 79 17.09 12.71 6.88
C PRO B 79 16.97 13.51 8.17
N GLY B 80 18.05 13.54 8.93
CA GLY B 80 18.06 14.26 10.19
C GLY B 80 18.19 15.76 10.00
N SER B 81 17.14 16.36 9.46
CA SER B 81 17.11 17.79 9.25
C SER B 81 15.68 18.30 9.43
N ARG B 82 15.45 18.98 10.53
CA ARG B 82 14.13 19.52 10.86
C ARG B 82 13.88 20.83 10.11
N SER B 83 13.88 20.74 8.79
CA SER B 83 13.71 21.90 7.95
C SER B 83 13.14 21.48 6.58
N HIS B 84 12.03 20.78 6.61
CA HIS B 84 11.42 20.28 5.39
C HIS B 84 10.45 21.29 4.79
N HIS B 85 11.00 22.35 4.22
CA HIS B 85 10.20 23.33 3.51
C HIS B 85 10.59 23.35 2.03
N HIS B 86 9.93 22.51 1.25
CA HIS B 86 10.26 22.32 -0.17
C HIS B 86 11.69 21.83 -0.32
N HIS B 87 12.08 20.94 0.58
CA HIS B 87 13.44 20.41 0.57
C HIS B 87 13.42 18.90 0.40
N HIS B 88 13.18 18.47 -0.83
CA HIS B 88 13.16 17.05 -1.15
C HIS B 88 14.41 16.69 -1.98
N HIS B 89 15.43 16.21 -1.31
CA HIS B 89 16.67 15.82 -1.97
C HIS B 89 17.15 14.48 -1.46
N GLY A 1 6.12 18.27 -21.18
CA GLY A 1 6.20 16.86 -20.74
C GLY A 1 4.91 16.12 -20.98
N SER A 2 4.97 15.05 -21.76
CA SER A 2 3.80 14.26 -22.08
C SER A 2 3.40 13.36 -20.91
N GLN A 3 2.19 13.55 -20.41
CA GLN A 3 1.67 12.71 -19.34
C GLN A 3 1.13 11.41 -19.92
N THR A 4 2.03 10.54 -20.34
CA THR A 4 1.64 9.29 -20.96
C THR A 4 1.58 8.16 -19.92
N THR A 5 2.53 8.16 -19.00
CA THR A 5 2.56 7.16 -17.93
C THR A 5 1.56 7.54 -16.84
N ALA A 6 0.29 7.34 -17.12
CA ALA A 6 -0.77 7.67 -16.17
C ALA A 6 -0.92 6.55 -15.15
N PRO A 7 -0.63 6.84 -13.88
CA PRO A 7 -0.71 5.85 -12.81
C PRO A 7 -2.13 5.63 -12.31
N ASP A 8 -2.69 4.48 -12.66
CA ASP A 8 -3.98 4.06 -12.12
C ASP A 8 -3.73 3.31 -10.83
N ALA A 9 -2.52 2.77 -10.71
CA ALA A 9 -2.09 2.12 -9.50
C ALA A 9 -1.29 3.10 -8.65
N PRO A 10 -1.63 3.23 -7.36
CA PRO A 10 -0.94 4.13 -6.43
C PRO A 10 0.58 3.98 -6.48
N PRO A 11 1.30 5.12 -6.62
CA PRO A 11 2.76 5.15 -6.82
C PRO A 11 3.53 4.16 -5.94
N ASP A 12 3.53 4.41 -4.63
CA ASP A 12 4.28 3.58 -3.70
C ASP A 12 3.62 3.61 -2.33
N PRO A 13 3.14 2.46 -1.83
CA PRO A 13 2.58 2.36 -0.49
C PRO A 13 3.66 2.56 0.57
N THR A 14 3.52 3.62 1.35
CA THR A 14 4.53 3.99 2.32
C THR A 14 4.15 3.52 3.71
N VAL A 15 5.11 2.95 4.41
CA VAL A 15 4.85 2.38 5.72
C VAL A 15 5.47 3.22 6.83
N ASP A 16 4.63 3.79 7.67
CA ASP A 16 5.11 4.50 8.86
C ASP A 16 5.11 3.55 10.04
N GLN A 17 6.27 3.35 10.64
CA GLN A 17 6.39 2.48 11.80
C GLN A 17 6.37 3.30 13.09
N VAL A 18 5.17 3.68 13.49
CA VAL A 18 4.99 4.52 14.66
C VAL A 18 4.58 3.69 15.88
N ASP A 19 4.64 2.38 15.75
CA ASP A 19 4.30 1.49 16.85
C ASP A 19 5.25 0.30 16.85
N ASP A 20 5.01 -0.66 17.73
CA ASP A 20 5.90 -1.81 17.85
C ASP A 20 5.57 -2.86 16.79
N THR A 21 4.32 -3.27 16.74
CA THR A 21 3.87 -4.27 15.79
C THR A 21 2.74 -3.74 14.93
N SER A 22 2.60 -2.43 14.88
CA SER A 22 1.58 -1.80 14.07
C SER A 22 2.19 -0.69 13.21
N ILE A 23 1.70 -0.59 11.98
CA ILE A 23 2.20 0.41 11.05
C ILE A 23 1.06 1.24 10.50
N VAL A 24 1.41 2.35 9.86
CA VAL A 24 0.46 3.11 9.09
C VAL A 24 0.89 3.11 7.63
N VAL A 25 0.18 2.33 6.82
CA VAL A 25 0.50 2.22 5.40
C VAL A 25 -0.34 3.21 4.61
N ARG A 26 0.33 4.10 3.90
CA ARG A 26 -0.35 5.15 3.16
C ARG A 26 -0.13 4.98 1.66
N TRP A 27 -1.09 5.40 0.88
CA TRP A 27 -0.98 5.31 -0.57
C TRP A 27 -1.45 6.62 -1.22
N SER A 28 -0.59 7.20 -2.02
CA SER A 28 -0.90 8.43 -2.75
C SER A 28 -2.01 8.18 -3.75
N ARG A 29 -2.89 9.16 -3.91
CA ARG A 29 -3.99 9.05 -4.85
C ARG A 29 -3.44 8.96 -6.27
N PRO A 30 -3.90 7.95 -7.04
CA PRO A 30 -3.54 7.78 -8.45
C PRO A 30 -3.71 9.07 -9.25
N MET B 1 -10.72 19.54 -21.48
CA MET B 1 -9.60 19.29 -22.42
C MET B 1 -9.78 17.92 -23.06
N ARG B 2 -9.38 17.83 -24.33
CA ARG B 2 -9.54 16.60 -25.11
C ARG B 2 -11.01 16.28 -25.29
N GLY B 3 -11.77 17.29 -25.73
CA GLY B 3 -13.18 17.09 -25.98
C GLY B 3 -14.05 17.81 -24.97
N SER B 4 -15.36 17.74 -25.18
CA SER B 4 -16.33 18.36 -24.28
C SER B 4 -16.29 17.67 -22.92
N ASN B 5 -16.04 16.38 -22.93
CA ASN B 5 -15.91 15.61 -21.69
C ASN B 5 -14.87 14.52 -21.86
N ALA B 6 -14.08 14.30 -20.82
CA ALA B 6 -13.05 13.28 -20.85
C ALA B 6 -13.03 12.52 -19.52
N PRO B 7 -13.64 11.32 -19.49
CA PRO B 7 -13.73 10.51 -18.27
C PRO B 7 -12.37 10.02 -17.82
N GLN B 8 -11.87 10.63 -16.75
CA GLN B 8 -10.58 10.26 -16.21
C GLN B 8 -10.76 9.08 -15.26
N PRO B 9 -10.05 7.96 -15.52
CA PRO B 9 -10.04 6.80 -14.63
C PRO B 9 -9.61 7.20 -13.23
N SER B 10 -10.58 7.29 -12.34
CA SER B 10 -10.34 7.76 -10.98
C SER B 10 -11.54 7.45 -10.10
N HIS B 11 -11.62 8.10 -8.95
CA HIS B 11 -12.69 7.87 -7.99
C HIS B 11 -12.68 6.41 -7.54
N ILE B 12 -11.63 6.06 -6.81
CA ILE B 12 -11.48 4.71 -6.30
C ILE B 12 -12.54 4.44 -5.23
N SER B 13 -13.31 3.39 -5.45
CA SER B 13 -14.41 3.06 -4.56
C SER B 13 -13.89 2.43 -3.27
N LYS B 14 -12.81 1.66 -3.39
CA LYS B 14 -12.21 1.02 -2.22
C LYS B 14 -10.78 0.57 -2.52
N TYR B 15 -9.95 0.60 -1.49
CA TYR B 15 -8.59 0.09 -1.57
C TYR B 15 -8.51 -1.18 -0.72
N ILE B 16 -8.06 -2.27 -1.32
CA ILE B 16 -7.96 -3.52 -0.60
C ILE B 16 -6.50 -3.80 -0.21
N LEU B 17 -6.26 -3.90 1.09
CA LEU B 17 -4.93 -4.17 1.60
C LEU B 17 -4.85 -5.65 1.98
N ARG B 18 -4.06 -6.41 1.23
CA ARG B 18 -3.88 -7.83 1.54
C ARG B 18 -2.41 -8.14 1.72
N TRP B 19 -2.05 -8.61 2.90
CA TRP B 19 -0.66 -8.88 3.20
C TRP B 19 -0.48 -10.29 3.75
N ARG B 20 0.65 -10.89 3.42
CA ARG B 20 0.99 -12.21 3.91
C ARG B 20 2.46 -12.27 4.27
N PRO B 21 2.79 -12.50 5.55
CA PRO B 21 4.17 -12.69 5.98
C PRO B 21 4.83 -13.83 5.22
N LYS B 22 6.07 -13.60 4.79
CA LYS B 22 6.82 -14.57 4.01
C LYS B 22 7.06 -15.85 4.79
N ASN B 23 7.07 -15.72 6.10
CA ASN B 23 7.25 -16.86 6.99
C ASN B 23 5.97 -17.69 7.07
N SER B 24 4.87 -17.09 6.64
CA SER B 24 3.58 -17.78 6.61
C SER B 24 3.46 -18.65 5.36
N VAL B 25 2.74 -19.76 5.51
CA VAL B 25 2.69 -20.79 4.49
C VAL B 25 1.82 -20.41 3.29
N GLY B 26 0.69 -19.74 3.51
CA GLY B 26 -0.19 -19.44 2.39
C GLY B 26 -1.26 -18.42 2.67
N ARG B 27 -1.81 -18.42 3.87
CA ARG B 27 -2.95 -17.55 4.18
C ARG B 27 -2.63 -16.07 4.05
N TRP B 28 -3.46 -15.37 3.29
CA TRP B 28 -3.36 -13.93 3.16
C TRP B 28 -4.27 -13.24 4.16
N LYS B 29 -3.82 -12.13 4.71
CA LYS B 29 -4.66 -11.29 5.56
C LYS B 29 -5.23 -10.16 4.72
N GLU B 30 -6.52 -9.94 4.80
CA GLU B 30 -7.18 -9.02 3.88
C GLU B 30 -8.04 -7.99 4.62
N ALA B 31 -7.84 -6.73 4.28
CA ALA B 31 -8.63 -5.65 4.87
C ALA B 31 -9.11 -4.69 3.78
N THR B 32 -10.38 -4.31 3.84
CA THR B 32 -10.94 -3.39 2.87
C THR B 32 -11.02 -1.97 3.44
N ILE B 33 -10.42 -1.03 2.72
CA ILE B 33 -10.44 0.36 3.13
C ILE B 33 -11.27 1.17 2.14
N PRO B 34 -12.24 1.97 2.65
CA PRO B 34 -13.02 2.88 1.81
C PRO B 34 -12.12 3.75 0.93
N GLY B 35 -12.54 3.92 -0.32
CA GLY B 35 -11.71 4.59 -1.31
C GLY B 35 -11.36 6.02 -0.98
N HIS B 36 -12.08 6.62 -0.04
CA HIS B 36 -11.78 8.00 0.37
C HIS B 36 -10.68 8.04 1.43
N LEU B 37 -10.22 6.88 1.86
CA LEU B 37 -9.09 6.80 2.78
C LEU B 37 -7.83 6.40 2.03
N ASN B 38 -6.72 6.99 2.42
CA ASN B 38 -5.45 6.71 1.76
C ASN B 38 -4.39 6.31 2.77
N SER B 39 -4.85 5.72 3.87
CA SER B 39 -3.95 5.23 4.91
C SER B 39 -4.67 4.23 5.80
N TYR B 40 -3.97 3.16 6.18
CA TYR B 40 -4.54 2.16 7.07
C TYR B 40 -3.51 1.74 8.12
N THR B 41 -3.96 1.63 9.36
CA THR B 41 -3.10 1.18 10.44
C THR B 41 -3.16 -0.34 10.57
N ILE B 42 -2.15 -1.02 10.03
CA ILE B 42 -2.08 -2.46 10.12
C ILE B 42 -1.52 -2.87 11.48
N LYS B 43 -2.34 -3.58 12.25
CA LYS B 43 -1.94 -4.03 13.58
C LYS B 43 -1.73 -5.53 13.59
N GLY B 44 -0.61 -5.96 14.13
CA GLY B 44 -0.32 -7.38 14.22
C GLY B 44 0.76 -7.83 13.26
N LEU B 45 1.67 -6.92 12.94
CA LEU B 45 2.82 -7.26 12.11
C LEU B 45 3.96 -7.76 12.99
N LYS B 46 5.03 -8.21 12.38
CA LYS B 46 6.19 -8.67 13.12
C LYS B 46 7.46 -7.98 12.62
N PRO B 47 8.17 -7.29 13.51
CA PRO B 47 9.41 -6.59 13.15
C PRO B 47 10.51 -7.56 12.72
N GLY B 48 11.05 -7.34 11.54
CA GLY B 48 12.09 -8.20 11.03
C GLY B 48 11.54 -9.34 10.19
N VAL B 49 10.23 -9.37 10.03
CA VAL B 49 9.58 -10.37 9.21
C VAL B 49 9.05 -9.73 7.93
N VAL B 50 9.57 -10.17 6.80
CA VAL B 50 9.14 -9.66 5.51
C VAL B 50 7.76 -10.21 5.17
N TYR B 51 6.89 -9.37 4.62
CA TYR B 51 5.61 -9.85 4.14
C TYR B 51 5.34 -9.34 2.73
N GLU B 52 4.40 -9.99 2.07
CA GLU B 52 3.97 -9.57 0.74
C GLU B 52 2.67 -8.80 0.85
N GLY B 53 2.72 -7.51 0.58
CA GLY B 53 1.54 -6.68 0.70
C GLY B 53 1.02 -6.24 -0.65
N GLN B 54 -0.28 -6.40 -0.85
CA GLN B 54 -0.91 -6.02 -2.10
C GLN B 54 -2.00 -4.99 -1.84
N LEU B 55 -1.88 -3.83 -2.48
CA LEU B 55 -2.88 -2.79 -2.39
C LEU B 55 -3.67 -2.74 -3.70
N ILE B 56 -4.87 -3.30 -3.69
CA ILE B 56 -5.69 -3.35 -4.89
C ILE B 56 -6.65 -2.17 -4.88
N SER B 57 -6.52 -1.30 -5.87
CA SER B 57 -7.39 -0.14 -5.96
C SER B 57 -8.52 -0.40 -6.93
N ILE B 58 -9.75 -0.32 -6.45
CA ILE B 58 -10.92 -0.56 -7.28
C ILE B 58 -11.53 0.76 -7.72
N GLN B 59 -11.33 1.11 -8.98
CA GLN B 59 -11.93 2.31 -9.54
C GLN B 59 -13.42 2.08 -9.83
N GLN B 60 -14.16 3.18 -9.91
CA GLN B 60 -15.60 3.12 -10.20
C GLN B 60 -15.85 2.66 -11.63
N TYR B 61 -14.78 2.61 -12.42
CA TYR B 61 -14.85 2.14 -13.80
C TYR B 61 -14.71 0.62 -13.86
N GLY B 62 -14.45 0.01 -12.70
CA GLY B 62 -14.20 -1.41 -12.65
C GLY B 62 -12.73 -1.73 -12.85
N HIS B 63 -11.94 -0.69 -13.08
CA HIS B 63 -10.51 -0.83 -13.30
C HIS B 63 -9.83 -1.25 -12.00
N GLN B 64 -9.17 -2.40 -12.02
CA GLN B 64 -8.48 -2.91 -10.84
C GLN B 64 -6.99 -3.02 -11.09
N GLU B 65 -6.21 -2.41 -10.23
CA GLU B 65 -4.76 -2.54 -10.29
C GLU B 65 -4.18 -2.78 -8.91
N VAL B 66 -3.21 -3.66 -8.85
CA VAL B 66 -2.64 -4.11 -7.59
C VAL B 66 -1.23 -3.57 -7.41
N THR B 67 -1.08 -2.67 -6.45
CA THR B 67 0.23 -2.14 -6.10
C THR B 67 0.84 -2.97 -4.98
N ARG B 68 1.86 -3.74 -5.30
CA ARG B 68 2.46 -4.64 -4.34
C ARG B 68 3.68 -4.00 -3.68
N PHE B 69 3.81 -4.22 -2.39
CA PHE B 69 4.92 -3.66 -1.62
C PHE B 69 5.36 -4.65 -0.54
N ASP B 70 6.47 -4.36 0.10
CA ASP B 70 6.97 -5.21 1.17
C ASP B 70 7.44 -4.35 2.34
N PHE B 71 7.48 -4.95 3.52
CA PHE B 71 7.94 -4.27 4.72
C PHE B 71 8.70 -5.25 5.60
N THR B 72 9.70 -4.74 6.28
CA THR B 72 10.49 -5.52 7.22
C THR B 72 11.35 -4.58 8.05
N THR B 73 12.07 -5.14 9.01
CA THR B 73 12.93 -4.36 9.86
C THR B 73 14.37 -4.86 9.74
N THR B 74 14.58 -5.76 8.79
CA THR B 74 15.90 -6.31 8.52
C THR B 74 16.71 -5.38 7.62
N SER B 75 17.01 -4.21 8.14
CA SER B 75 17.81 -3.23 7.41
C SER B 75 19.02 -2.83 8.24
N THR B 76 19.80 -3.82 8.65
CA THR B 76 20.98 -3.57 9.45
C THR B 76 22.17 -3.25 8.56
N SER B 77 22.38 -4.04 7.52
CA SER B 77 23.46 -3.79 6.59
C SER B 77 23.04 -2.74 5.57
N THR B 78 21.79 -2.79 5.16
CA THR B 78 21.25 -1.82 4.23
C THR B 78 20.97 -0.50 4.95
N PRO B 79 21.47 0.62 4.41
CA PRO B 79 21.24 1.95 4.99
C PRO B 79 19.77 2.32 5.04
N GLY B 80 19.23 2.42 6.23
CA GLY B 80 17.82 2.75 6.40
C GLY B 80 17.56 4.23 6.22
N SER B 81 18.54 4.93 5.64
CA SER B 81 18.43 6.36 5.41
C SER B 81 17.63 6.66 4.15
N ARG B 82 17.13 5.62 3.50
CA ARG B 82 16.28 5.80 2.31
C ARG B 82 14.83 6.02 2.74
N SER B 83 14.64 6.30 4.02
CA SER B 83 13.32 6.54 4.58
C SER B 83 12.89 7.99 4.37
N HIS B 84 12.96 8.44 3.14
CA HIS B 84 12.56 9.81 2.79
C HIS B 84 11.54 9.77 1.67
N HIS B 85 10.58 8.87 1.80
CA HIS B 85 9.56 8.70 0.77
C HIS B 85 8.25 9.34 1.20
N HIS B 86 8.35 10.43 1.95
CA HIS B 86 7.17 11.15 2.42
C HIS B 86 6.95 12.41 1.59
N HIS B 87 8.00 12.90 0.95
CA HIS B 87 7.91 14.11 0.15
C HIS B 87 8.04 13.79 -1.33
N HIS B 88 7.00 14.09 -2.10
CA HIS B 88 7.09 13.99 -3.55
C HIS B 88 7.68 15.27 -4.12
N HIS B 89 7.57 16.34 -3.34
CA HIS B 89 8.19 17.60 -3.70
C HIS B 89 9.19 17.99 -2.62
N GLY A 1 -7.17 -5.40 -23.89
CA GLY A 1 -6.11 -4.41 -23.58
C GLY A 1 -6.57 -2.98 -23.83
N SER A 2 -7.50 -2.51 -23.02
CA SER A 2 -8.01 -1.16 -23.16
C SER A 2 -8.13 -0.46 -21.81
N GLN A 3 -8.15 -1.25 -20.74
CA GLN A 3 -8.35 -0.71 -19.40
C GLN A 3 -7.05 -0.13 -18.85
N THR A 4 -5.92 -0.61 -19.33
CA THR A 4 -4.62 -0.18 -18.82
C THR A 4 -4.13 1.09 -19.52
N THR A 5 -5.04 2.02 -19.77
CA THR A 5 -4.69 3.29 -20.37
C THR A 5 -4.01 4.19 -19.35
N ALA A 6 -4.79 4.67 -18.39
CA ALA A 6 -4.26 5.48 -17.30
C ALA A 6 -4.72 4.89 -15.97
N PRO A 7 -4.07 3.81 -15.51
CA PRO A 7 -4.45 3.10 -14.29
C PRO A 7 -4.24 3.94 -13.04
N ASP A 8 -5.16 3.80 -12.09
CA ASP A 8 -5.08 4.52 -10.82
C ASP A 8 -4.28 3.73 -9.81
N ALA A 9 -3.07 3.34 -10.19
CA ALA A 9 -2.19 2.59 -9.32
C ALA A 9 -1.24 3.53 -8.59
N PRO A 10 -1.29 3.52 -7.25
CA PRO A 10 -0.39 4.33 -6.41
C PRO A 10 1.08 4.05 -6.75
N PRO A 11 1.87 5.13 -6.87
CA PRO A 11 3.28 5.06 -7.27
C PRO A 11 4.14 4.21 -6.32
N ASP A 12 3.83 4.29 -5.03
CA ASP A 12 4.55 3.52 -4.02
C ASP A 12 3.86 3.60 -2.67
N PRO A 13 3.34 2.47 -2.17
CA PRO A 13 2.82 2.39 -0.81
C PRO A 13 3.93 2.50 0.22
N THR A 14 3.88 3.55 1.01
CA THR A 14 4.92 3.84 1.99
C THR A 14 4.48 3.40 3.37
N VAL A 15 5.35 2.72 4.08
CA VAL A 15 5.08 2.35 5.45
C VAL A 15 5.74 3.34 6.41
N ASP A 16 4.92 4.07 7.14
CA ASP A 16 5.40 5.13 8.01
C ASP A 16 4.95 4.87 9.44
N GLN A 17 5.69 5.43 10.41
CA GLN A 17 5.39 5.28 11.84
C GLN A 17 5.17 3.82 12.23
N VAL A 18 6.26 3.07 12.29
CA VAL A 18 6.18 1.67 12.71
C VAL A 18 6.18 1.57 14.23
N ASP A 19 5.32 0.73 14.76
CA ASP A 19 5.27 0.47 16.19
C ASP A 19 5.82 -0.92 16.47
N ASP A 20 5.65 -1.41 17.69
CA ASP A 20 6.14 -2.72 18.04
C ASP A 20 5.39 -3.80 17.26
N THR A 21 4.09 -3.59 17.08
CA THR A 21 3.24 -4.58 16.42
C THR A 21 2.21 -3.94 15.49
N SER A 22 2.54 -2.78 14.93
CA SER A 22 1.63 -2.10 14.03
C SER A 22 2.36 -1.11 13.15
N ILE A 23 1.76 -0.75 12.01
CA ILE A 23 2.35 0.21 11.09
C ILE A 23 1.28 1.12 10.51
N VAL A 24 1.70 2.21 9.89
CA VAL A 24 0.80 3.04 9.09
C VAL A 24 1.19 2.93 7.62
N VAL A 25 0.41 2.19 6.85
CA VAL A 25 0.67 2.02 5.44
C VAL A 25 -0.11 3.06 4.63
N ARG A 26 0.62 3.85 3.86
CA ARG A 26 0.03 4.97 3.13
C ARG A 26 0.33 4.85 1.65
N TRP A 27 -0.65 5.15 0.82
CA TRP A 27 -0.44 5.09 -0.62
C TRP A 27 -0.80 6.42 -1.25
N SER A 28 0.15 6.97 -1.99
CA SER A 28 -0.04 8.25 -2.66
C SER A 28 -1.03 8.11 -3.80
N ARG A 29 -1.94 9.08 -3.91
CA ARG A 29 -2.93 9.09 -4.97
C ARG A 29 -2.27 9.29 -6.33
N PRO A 30 -2.63 8.45 -7.31
CA PRO A 30 -2.10 8.56 -8.67
C PRO A 30 -2.57 9.84 -9.37
N MET B 1 -21.87 5.95 -21.98
CA MET B 1 -23.19 5.46 -22.44
C MET B 1 -23.63 4.25 -21.62
N ARG B 2 -24.70 4.44 -20.85
CA ARG B 2 -25.27 3.38 -20.03
C ARG B 2 -26.63 3.81 -19.50
N GLY B 3 -27.56 4.05 -20.41
CA GLY B 3 -28.88 4.51 -20.02
C GLY B 3 -28.88 5.98 -19.69
N SER B 4 -28.41 6.32 -18.50
CA SER B 4 -28.27 7.70 -18.09
C SER B 4 -26.88 8.20 -18.47
N ASN B 5 -26.81 9.39 -19.05
CA ASN B 5 -25.54 9.94 -19.50
C ASN B 5 -24.85 10.70 -18.39
N ALA B 6 -24.56 9.98 -17.31
CA ALA B 6 -23.84 10.54 -16.19
C ALA B 6 -22.36 10.18 -16.30
N PRO B 7 -21.51 11.14 -16.68
CA PRO B 7 -20.07 10.90 -16.83
C PRO B 7 -19.37 10.83 -15.49
N GLN B 8 -19.72 9.81 -14.72
CA GLN B 8 -19.16 9.60 -13.40
C GLN B 8 -17.67 9.31 -13.48
N PRO B 9 -16.88 9.96 -12.64
CA PRO B 9 -15.40 9.84 -12.66
C PRO B 9 -14.92 8.46 -12.22
N SER B 10 -13.72 8.11 -12.65
CA SER B 10 -13.10 6.84 -12.31
C SER B 10 -12.57 6.87 -10.89
N HIS B 11 -13.47 7.03 -9.93
CA HIS B 11 -13.10 7.10 -8.53
C HIS B 11 -12.98 5.70 -7.94
N ILE B 12 -12.06 5.55 -6.99
CA ILE B 12 -11.88 4.28 -6.30
C ILE B 12 -12.93 4.12 -5.21
N SER B 13 -13.69 3.04 -5.28
CA SER B 13 -14.75 2.78 -4.32
C SER B 13 -14.19 2.25 -3.01
N LYS B 14 -13.14 1.42 -3.11
CA LYS B 14 -12.50 0.86 -1.93
C LYS B 14 -11.12 0.33 -2.26
N TYR B 15 -10.21 0.43 -1.28
CA TYR B 15 -8.87 -0.12 -1.40
C TYR B 15 -8.78 -1.41 -0.59
N ILE B 16 -8.13 -2.41 -1.14
CA ILE B 16 -7.96 -3.67 -0.45
C ILE B 16 -6.49 -3.90 -0.12
N LEU B 17 -6.20 -3.97 1.17
CA LEU B 17 -4.85 -4.24 1.64
C LEU B 17 -4.73 -5.72 1.97
N ARG B 18 -3.82 -6.40 1.28
CA ARG B 18 -3.59 -7.81 1.52
C ARG B 18 -2.12 -8.05 1.85
N TRP B 19 -1.85 -8.73 2.95
CA TRP B 19 -0.49 -8.96 3.39
C TRP B 19 -0.33 -10.36 4.00
N ARG B 20 0.89 -10.84 4.01
CA ARG B 20 1.22 -12.12 4.64
C ARG B 20 2.70 -12.17 4.99
N PRO B 21 3.07 -12.91 6.04
CA PRO B 21 4.47 -13.10 6.42
C PRO B 21 5.28 -13.72 5.29
N LYS B 22 6.48 -13.20 5.09
CA LYS B 22 7.34 -13.61 3.98
C LYS B 22 7.78 -15.07 4.14
N ASN B 23 7.81 -15.54 5.38
CA ASN B 23 8.17 -16.92 5.66
C ASN B 23 7.00 -17.85 5.35
N SER B 24 5.85 -17.25 5.11
CA SER B 24 4.64 -17.99 4.76
C SER B 24 4.28 -17.77 3.29
N VAL B 25 3.60 -18.75 2.71
CA VAL B 25 3.18 -18.67 1.33
C VAL B 25 1.68 -19.00 1.23
N GLY B 26 0.96 -18.72 2.31
CA GLY B 26 -0.45 -19.05 2.36
C GLY B 26 -1.34 -17.89 2.01
N ARG B 27 -2.39 -17.69 2.80
CA ARG B 27 -3.40 -16.68 2.51
C ARG B 27 -2.94 -15.29 2.89
N TRP B 28 -3.40 -14.31 2.13
CA TRP B 28 -3.16 -12.90 2.42
C TRP B 28 -4.31 -12.36 3.25
N LYS B 29 -4.00 -11.67 4.34
CA LYS B 29 -5.04 -11.06 5.16
C LYS B 29 -5.69 -9.91 4.40
N GLU B 30 -6.99 -9.73 4.58
CA GLU B 30 -7.73 -8.75 3.79
C GLU B 30 -8.25 -7.62 4.66
N ALA B 31 -7.90 -6.40 4.30
CA ALA B 31 -8.43 -5.22 4.96
C ALA B 31 -8.99 -4.26 3.91
N THR B 32 -10.23 -3.83 4.09
CA THR B 32 -10.88 -2.94 3.14
C THR B 32 -10.87 -1.50 3.65
N ILE B 33 -10.32 -0.60 2.85
CA ILE B 33 -10.28 0.81 3.18
C ILE B 33 -11.23 1.58 2.26
N PRO B 34 -12.08 2.45 2.82
CA PRO B 34 -12.94 3.32 2.02
C PRO B 34 -12.16 4.05 0.93
N GLY B 35 -12.73 4.12 -0.26
CA GLY B 35 -12.03 4.67 -1.42
C GLY B 35 -11.79 6.17 -1.35
N HIS B 36 -12.10 6.77 -0.22
CA HIS B 36 -11.83 8.19 -0.01
C HIS B 36 -10.69 8.38 0.99
N LEU B 37 -9.97 7.31 1.26
CA LEU B 37 -8.79 7.37 2.13
C LEU B 37 -7.57 6.91 1.35
N ASN B 38 -6.38 7.14 1.90
CA ASN B 38 -5.15 6.67 1.27
C ASN B 38 -4.17 6.16 2.32
N SER B 39 -4.69 5.71 3.45
CA SER B 39 -3.86 5.22 4.54
C SER B 39 -4.61 4.20 5.39
N TYR B 40 -3.90 3.22 5.89
CA TYR B 40 -4.46 2.23 6.80
C TYR B 40 -3.47 1.92 7.91
N THR B 41 -3.98 1.73 9.12
CA THR B 41 -3.13 1.36 10.25
C THR B 41 -3.25 -0.13 10.52
N ILE B 42 -2.25 -0.89 10.08
CA ILE B 42 -2.24 -2.34 10.28
C ILE B 42 -1.77 -2.66 11.68
N LYS B 43 -2.64 -3.26 12.47
CA LYS B 43 -2.29 -3.67 13.83
C LYS B 43 -2.30 -5.19 13.92
N GLY B 44 -1.26 -5.74 14.53
CA GLY B 44 -1.16 -7.18 14.65
C GLY B 44 0.00 -7.74 13.84
N LEU B 45 0.99 -6.90 13.59
CA LEU B 45 2.20 -7.32 12.88
C LEU B 45 3.25 -7.74 13.89
N LYS B 46 4.08 -8.69 13.53
CA LYS B 46 5.08 -9.23 14.44
C LYS B 46 6.43 -8.55 14.25
N PRO B 47 7.04 -8.09 15.34
CA PRO B 47 8.33 -7.40 15.30
C PRO B 47 9.48 -8.34 14.92
N GLY B 48 10.13 -8.03 13.81
CA GLY B 48 11.23 -8.83 13.34
C GLY B 48 10.86 -9.66 12.14
N VAL B 49 9.58 -9.65 11.80
CA VAL B 49 9.09 -10.42 10.67
C VAL B 49 8.91 -9.52 9.44
N VAL B 50 9.35 -10.00 8.30
CA VAL B 50 9.17 -9.29 7.04
C VAL B 50 7.91 -9.79 6.34
N TYR B 51 7.21 -8.88 5.67
CA TYR B 51 5.92 -9.19 5.07
C TYR B 51 5.86 -8.79 3.59
N GLU B 52 4.96 -9.44 2.86
CA GLU B 52 4.62 -9.03 1.51
C GLU B 52 3.27 -8.34 1.53
N GLY B 53 3.09 -7.33 0.70
CA GLY B 53 1.85 -6.58 0.71
C GLY B 53 1.32 -6.30 -0.69
N GLN B 54 0.00 -6.22 -0.79
CA GLN B 54 -0.67 -5.87 -2.03
C GLN B 54 -1.77 -4.86 -1.77
N LEU B 55 -1.73 -3.75 -2.50
CA LEU B 55 -2.76 -2.72 -2.43
C LEU B 55 -3.58 -2.74 -3.71
N ILE B 56 -4.84 -3.17 -3.60
CA ILE B 56 -5.70 -3.27 -4.77
C ILE B 56 -6.77 -2.19 -4.73
N SER B 57 -6.80 -1.34 -5.75
CA SER B 57 -7.81 -0.31 -5.84
C SER B 57 -8.97 -0.78 -6.72
N ILE B 58 -10.18 -0.71 -6.18
CA ILE B 58 -11.37 -1.09 -6.93
C ILE B 58 -12.15 0.16 -7.33
N GLN B 59 -12.18 0.45 -8.62
CA GLN B 59 -12.87 1.65 -9.09
C GLN B 59 -14.33 1.38 -9.44
N GLN B 60 -15.00 2.43 -9.90
CA GLN B 60 -16.40 2.37 -10.29
C GLN B 60 -16.65 1.29 -11.35
N TYR B 61 -15.79 1.25 -12.36
CA TYR B 61 -15.97 0.35 -13.50
C TYR B 61 -15.41 -1.03 -13.22
N GLY B 62 -15.12 -1.32 -11.95
CA GLY B 62 -14.47 -2.57 -11.61
C GLY B 62 -13.01 -2.55 -12.04
N HIS B 63 -12.50 -1.35 -12.24
CA HIS B 63 -11.12 -1.15 -12.62
C HIS B 63 -10.24 -1.48 -11.43
N GLN B 64 -9.35 -2.45 -11.59
CA GLN B 64 -8.53 -2.92 -10.47
C GLN B 64 -7.07 -2.67 -10.72
N GLU B 65 -6.45 -1.89 -9.85
CA GLU B 65 -5.01 -1.68 -9.89
C GLU B 65 -4.38 -2.35 -8.68
N VAL B 66 -3.57 -3.36 -8.91
CA VAL B 66 -2.90 -4.07 -7.84
C VAL B 66 -1.46 -3.58 -7.70
N THR B 67 -1.22 -2.81 -6.66
CA THR B 67 0.11 -2.30 -6.38
C THR B 67 0.81 -3.20 -5.37
N ARG B 68 1.81 -3.94 -5.83
CA ARG B 68 2.49 -4.90 -4.99
C ARG B 68 3.71 -4.26 -4.33
N PHE B 69 3.89 -4.54 -3.05
CA PHE B 69 4.98 -3.97 -2.28
C PHE B 69 5.37 -4.93 -1.16
N ASP B 70 6.31 -4.51 -0.33
CA ASP B 70 6.70 -5.30 0.83
C ASP B 70 6.96 -4.36 1.99
N PHE B 71 6.93 -4.90 3.19
CA PHE B 71 7.16 -4.10 4.38
C PHE B 71 7.68 -4.95 5.52
N THR B 72 8.47 -4.35 6.37
CA THR B 72 9.06 -5.06 7.50
C THR B 72 8.80 -4.30 8.79
N THR B 73 8.42 -5.03 9.82
CA THR B 73 8.25 -4.45 11.13
C THR B 73 9.48 -4.77 11.97
N THR B 74 10.60 -4.12 11.64
CA THR B 74 11.87 -4.41 12.26
C THR B 74 11.99 -3.72 13.62
N SER B 75 10.93 -3.82 14.40
CA SER B 75 10.91 -3.24 15.74
C SER B 75 11.51 -4.21 16.73
N THR B 76 12.82 -4.39 16.66
CA THR B 76 13.53 -5.30 17.52
C THR B 76 13.78 -4.68 18.89
N SER B 77 12.72 -4.49 19.65
CA SER B 77 12.82 -3.88 20.96
C SER B 77 12.69 -4.97 22.03
N THR B 78 12.69 -6.21 21.59
CA THR B 78 12.63 -7.36 22.48
C THR B 78 13.75 -7.32 23.54
N PRO B 79 15.03 -7.14 23.14
CA PRO B 79 16.16 -7.05 24.08
C PRO B 79 16.09 -5.80 24.97
N GLY B 80 15.03 -5.01 24.83
CA GLY B 80 14.86 -3.84 25.67
C GLY B 80 14.57 -4.20 27.10
N SER B 81 14.08 -5.41 27.32
CA SER B 81 13.78 -5.90 28.65
C SER B 81 14.74 -7.03 29.03
N ARG B 82 15.90 -7.04 28.37
CA ARG B 82 16.91 -8.06 28.62
C ARG B 82 17.66 -7.74 29.91
N SER B 83 18.31 -6.59 29.92
CA SER B 83 19.06 -6.16 31.09
C SER B 83 18.16 -5.30 31.98
N HIS B 84 18.05 -5.66 33.24
CA HIS B 84 17.19 -4.94 34.16
C HIS B 84 17.97 -3.89 34.94
N HIS B 85 19.24 -3.72 34.59
CA HIS B 85 20.08 -2.72 35.22
C HIS B 85 19.59 -1.31 34.89
N HIS B 86 19.18 -1.09 33.64
CA HIS B 86 18.58 0.18 33.27
C HIS B 86 17.11 0.18 33.68
N HIS B 87 16.76 1.10 34.56
CA HIS B 87 15.40 1.16 35.08
C HIS B 87 15.08 2.56 35.59
N HIS B 88 13.85 2.98 35.38
CA HIS B 88 13.39 4.28 35.85
C HIS B 88 12.05 4.13 36.55
N HIS B 89 11.70 5.10 37.39
CA HIS B 89 10.41 5.09 38.05
C HIS B 89 9.44 5.99 37.29
N GLY A 1 -1.87 9.98 -30.26
CA GLY A 1 -1.20 9.97 -28.93
C GLY A 1 -1.78 8.89 -28.03
N SER A 2 -0.91 8.20 -27.30
CA SER A 2 -1.34 7.14 -26.42
C SER A 2 -0.62 7.21 -25.09
N GLN A 3 -1.37 7.32 -24.01
CA GLN A 3 -0.79 7.36 -22.68
C GLN A 3 -0.54 5.96 -22.16
N THR A 4 0.63 5.41 -22.50
CA THR A 4 1.01 4.09 -22.05
C THR A 4 1.13 4.09 -20.53
N THR A 5 1.66 5.16 -19.98
CA THR A 5 1.72 5.33 -18.55
C THR A 5 0.72 6.40 -18.11
N ALA A 6 0.03 6.14 -17.02
CA ALA A 6 -0.98 7.04 -16.50
C ALA A 6 -1.17 6.80 -15.00
N PRO A 7 -1.53 7.85 -14.25
CA PRO A 7 -1.78 7.75 -12.80
C PRO A 7 -3.07 6.98 -12.50
N ASP A 8 -3.13 5.74 -12.94
CA ASP A 8 -4.28 4.87 -12.68
C ASP A 8 -3.96 3.92 -11.54
N ALA A 9 -2.68 3.58 -11.42
CA ALA A 9 -2.21 2.73 -10.35
C ALA A 9 -1.53 3.56 -9.26
N PRO A 10 -1.91 3.34 -7.98
CA PRO A 10 -1.27 4.01 -6.86
C PRO A 10 0.21 3.65 -6.74
N PRO A 11 1.08 4.66 -6.65
CA PRO A 11 2.52 4.46 -6.39
C PRO A 11 2.75 3.65 -5.11
N ASP A 12 3.95 3.11 -4.97
CA ASP A 12 4.29 2.26 -3.83
C ASP A 12 4.01 2.95 -2.51
N PRO A 13 3.14 2.36 -1.68
CA PRO A 13 2.78 2.91 -0.37
C PRO A 13 3.95 2.93 0.61
N THR A 14 3.94 3.91 1.50
CA THR A 14 5.00 4.05 2.48
C THR A 14 4.55 3.49 3.84
N VAL A 15 5.41 2.68 4.43
CA VAL A 15 5.15 2.09 5.73
C VAL A 15 5.77 2.93 6.84
N ASP A 16 4.94 3.40 7.77
CA ASP A 16 5.45 4.19 8.89
C ASP A 16 5.63 3.33 10.13
N GLN A 17 6.08 3.96 11.20
CA GLN A 17 6.38 3.27 12.45
C GLN A 17 5.72 3.99 13.62
N VAL A 18 4.41 3.87 13.71
CA VAL A 18 3.67 4.51 14.79
C VAL A 18 3.74 3.66 16.06
N ASP A 19 3.40 2.39 15.94
CA ASP A 19 3.43 1.48 17.07
C ASP A 19 4.62 0.54 16.93
N ASP A 20 4.73 -0.43 17.82
CA ASP A 20 5.85 -1.36 17.75
C ASP A 20 5.55 -2.47 16.75
N THR A 21 4.30 -2.88 16.70
CA THR A 21 3.87 -3.94 15.80
C THR A 21 2.69 -3.50 14.94
N SER A 22 2.53 -2.19 14.79
CA SER A 22 1.46 -1.64 13.97
C SER A 22 1.99 -0.47 13.15
N ILE A 23 1.67 -0.48 11.88
CA ILE A 23 2.19 0.53 10.96
C ILE A 23 1.05 1.37 10.40
N VAL A 24 1.40 2.46 9.75
CA VAL A 24 0.44 3.20 8.95
C VAL A 24 0.93 3.22 7.52
N VAL A 25 0.25 2.44 6.67
CA VAL A 25 0.63 2.34 5.28
C VAL A 25 -0.11 3.40 4.47
N ARG A 26 0.65 4.32 3.89
CA ARG A 26 0.09 5.44 3.15
C ARG A 26 0.35 5.30 1.66
N TRP A 27 -0.71 5.36 0.88
CA TRP A 27 -0.60 5.24 -0.56
C TRP A 27 -1.10 6.50 -1.25
N SER A 28 -0.57 6.80 -2.42
CA SER A 28 -1.07 7.89 -3.22
C SER A 28 -2.05 7.38 -4.26
N ARG A 29 -3.31 7.74 -4.11
CA ARG A 29 -4.34 7.27 -5.02
C ARG A 29 -4.46 8.20 -6.22
N PRO A 30 -4.91 7.67 -7.36
CA PRO A 30 -5.17 8.45 -8.58
C PRO A 30 -5.88 9.77 -8.29
N MET B 1 -19.77 23.59 -13.64
CA MET B 1 -19.68 22.17 -13.21
C MET B 1 -18.24 21.81 -12.86
N ARG B 2 -18.03 21.37 -11.63
CA ARG B 2 -16.69 21.12 -11.12
C ARG B 2 -16.29 19.65 -11.27
N GLY B 3 -15.85 19.29 -12.47
CA GLY B 3 -15.39 17.93 -12.72
C GLY B 3 -16.48 16.90 -12.50
N SER B 4 -17.70 17.24 -12.89
CA SER B 4 -18.83 16.35 -12.71
C SER B 4 -19.38 15.91 -14.06
N ASN B 5 -18.84 16.49 -15.13
CA ASN B 5 -19.28 16.17 -16.48
C ASN B 5 -18.82 14.77 -16.86
N ALA B 6 -17.50 14.61 -16.97
CA ALA B 6 -16.92 13.34 -17.36
C ALA B 6 -16.40 12.59 -16.13
N PRO B 7 -16.73 11.30 -16.03
CA PRO B 7 -16.25 10.45 -14.94
C PRO B 7 -14.76 10.12 -15.07
N GLN B 8 -13.93 11.09 -14.71
CA GLN B 8 -12.48 10.93 -14.78
C GLN B 8 -12.00 9.78 -13.90
N PRO B 9 -11.06 8.97 -14.41
CA PRO B 9 -10.53 7.82 -13.69
C PRO B 9 -9.59 8.22 -12.55
N SER B 10 -10.15 8.88 -11.55
CA SER B 10 -9.44 9.21 -10.33
C SER B 10 -10.40 9.17 -9.15
N HIS B 11 -11.21 8.12 -9.12
CA HIS B 11 -12.20 7.96 -8.07
C HIS B 11 -12.32 6.48 -7.70
N ILE B 12 -11.69 6.12 -6.59
CA ILE B 12 -11.62 4.74 -6.15
C ILE B 12 -12.79 4.43 -5.22
N SER B 13 -13.40 3.26 -5.40
CA SER B 13 -14.55 2.85 -4.62
C SER B 13 -14.11 2.19 -3.32
N LYS B 14 -12.98 1.50 -3.37
CA LYS B 14 -12.42 0.84 -2.20
C LYS B 14 -10.99 0.40 -2.45
N TYR B 15 -10.18 0.46 -1.40
CA TYR B 15 -8.79 0.04 -1.48
C TYR B 15 -8.63 -1.26 -0.70
N ILE B 16 -8.14 -2.29 -1.36
CA ILE B 16 -7.97 -3.58 -0.71
C ILE B 16 -6.50 -3.78 -0.32
N LEU B 17 -6.28 -3.94 0.98
CA LEU B 17 -4.94 -4.14 1.51
C LEU B 17 -4.78 -5.61 1.91
N ARG B 18 -3.91 -6.32 1.22
CA ARG B 18 -3.65 -7.72 1.53
C ARG B 18 -2.19 -7.90 1.90
N TRP B 19 -1.92 -8.57 3.00
CA TRP B 19 -0.55 -8.84 3.40
C TRP B 19 -0.37 -10.29 3.84
N ARG B 20 0.72 -10.89 3.41
CA ARG B 20 1.03 -12.26 3.74
C ARG B 20 2.39 -12.34 4.41
N PRO B 21 2.44 -12.91 5.62
CA PRO B 21 3.71 -13.20 6.29
C PRO B 21 4.49 -14.26 5.53
N LYS B 22 5.79 -14.07 5.42
CA LYS B 22 6.64 -15.03 4.69
C LYS B 22 6.65 -16.39 5.37
N ASN B 23 6.26 -16.43 6.63
CA ASN B 23 6.12 -17.69 7.36
C ASN B 23 4.82 -18.39 6.98
N SER B 24 3.98 -17.69 6.24
CA SER B 24 2.74 -18.24 5.73
C SER B 24 2.88 -18.52 4.24
N VAL B 25 2.60 -19.75 3.83
CA VAL B 25 2.80 -20.14 2.45
C VAL B 25 1.65 -19.68 1.55
N GLY B 26 0.42 -19.68 2.07
CA GLY B 26 -0.71 -19.37 1.23
C GLY B 26 -1.84 -18.66 1.94
N ARG B 27 -1.55 -18.09 3.09
CA ARG B 27 -2.57 -17.34 3.82
C ARG B 27 -2.33 -15.84 3.75
N TRP B 28 -3.20 -15.17 3.04
CA TRP B 28 -3.19 -13.72 2.93
C TRP B 28 -4.15 -13.12 3.93
N LYS B 29 -3.73 -12.06 4.60
CA LYS B 29 -4.61 -11.33 5.49
C LYS B 29 -5.14 -10.12 4.74
N GLU B 30 -6.45 -9.95 4.75
CA GLU B 30 -7.10 -8.96 3.88
C GLU B 30 -7.89 -7.93 4.67
N ALA B 31 -7.76 -6.68 4.26
CA ALA B 31 -8.53 -5.59 4.85
C ALA B 31 -9.12 -4.71 3.75
N THR B 32 -10.36 -4.29 3.92
CA THR B 32 -11.02 -3.43 2.95
C THR B 32 -11.09 -2.00 3.47
N ILE B 33 -10.53 -1.08 2.70
CA ILE B 33 -10.49 0.32 3.09
C ILE B 33 -11.41 1.14 2.20
N PRO B 34 -12.33 1.92 2.80
CA PRO B 34 -13.27 2.79 2.08
C PRO B 34 -12.56 3.67 1.05
N GLY B 35 -13.23 3.91 -0.07
CA GLY B 35 -12.62 4.58 -1.20
C GLY B 35 -12.49 6.08 -1.03
N HIS B 36 -12.01 6.52 0.12
CA HIS B 36 -11.72 7.93 0.34
C HIS B 36 -10.60 8.07 1.36
N LEU B 37 -9.87 6.98 1.57
CA LEU B 37 -8.79 6.96 2.53
C LEU B 37 -7.47 6.67 1.83
N ASN B 38 -6.38 7.20 2.34
CA ASN B 38 -5.07 7.01 1.73
C ASN B 38 -4.09 6.43 2.75
N SER B 39 -4.61 5.99 3.88
CA SER B 39 -3.78 5.43 4.92
C SER B 39 -4.53 4.38 5.72
N TYR B 40 -3.84 3.31 6.10
CA TYR B 40 -4.44 2.27 6.92
C TYR B 40 -3.44 1.80 7.98
N THR B 41 -3.94 1.50 9.17
CA THR B 41 -3.10 1.03 10.24
C THR B 41 -3.11 -0.50 10.31
N ILE B 42 -2.06 -1.12 9.78
CA ILE B 42 -1.94 -2.57 9.84
C ILE B 42 -1.34 -2.98 11.16
N LYS B 43 -2.04 -3.84 11.88
CA LYS B 43 -1.58 -4.30 13.18
C LYS B 43 -1.09 -5.73 13.09
N GLY B 44 -0.14 -6.08 13.93
CA GLY B 44 0.38 -7.44 13.94
C GLY B 44 1.58 -7.61 13.02
N LEU B 45 2.24 -6.50 12.70
CA LEU B 45 3.42 -6.55 11.87
C LEU B 45 4.67 -6.53 12.75
N LYS B 46 5.49 -7.55 12.61
CA LYS B 46 6.65 -7.71 13.48
C LYS B 46 7.92 -7.28 12.75
N PRO B 47 8.66 -6.31 13.31
CA PRO B 47 9.94 -5.89 12.76
C PRO B 47 10.97 -7.00 12.81
N GLY B 48 11.43 -7.42 11.65
CA GLY B 48 12.35 -8.54 11.56
C GLY B 48 11.71 -9.70 10.83
N VAL B 49 10.39 -9.68 10.78
CA VAL B 49 9.63 -10.68 10.04
C VAL B 49 9.21 -10.09 8.69
N VAL B 50 9.35 -10.88 7.64
CA VAL B 50 9.07 -10.38 6.31
C VAL B 50 7.60 -10.54 5.94
N TYR B 51 6.99 -9.44 5.52
CA TYR B 51 5.60 -9.44 5.11
C TYR B 51 5.48 -8.96 3.67
N GLU B 52 4.65 -9.62 2.88
CA GLU B 52 4.39 -9.20 1.52
C GLU B 52 3.02 -8.54 1.44
N GLY B 53 2.96 -7.31 0.96
CA GLY B 53 1.69 -6.60 0.93
C GLY B 53 1.33 -6.10 -0.44
N GLN B 54 0.03 -6.04 -0.70
CA GLN B 54 -0.47 -5.58 -1.99
C GLN B 54 -1.68 -4.67 -1.80
N LEU B 55 -1.64 -3.52 -2.46
CA LEU B 55 -2.75 -2.59 -2.42
C LEU B 55 -3.47 -2.62 -3.76
N ILE B 56 -4.73 -3.04 -3.73
CA ILE B 56 -5.53 -3.09 -4.94
C ILE B 56 -6.58 -1.99 -4.92
N SER B 57 -6.45 -1.04 -5.83
CA SER B 57 -7.38 0.07 -5.92
C SER B 57 -8.52 -0.26 -6.88
N ILE B 58 -9.70 -0.48 -6.33
CA ILE B 58 -10.87 -0.76 -7.16
C ILE B 58 -11.61 0.52 -7.48
N GLN B 59 -11.43 1.00 -8.69
CA GLN B 59 -12.12 2.19 -9.14
C GLN B 59 -13.54 1.86 -9.57
N GLN B 60 -14.39 2.87 -9.57
CA GLN B 60 -15.82 2.72 -9.85
C GLN B 60 -16.05 2.33 -11.31
N TYR B 61 -14.99 2.33 -12.09
CA TYR B 61 -15.06 2.03 -13.51
C TYR B 61 -14.49 0.65 -13.77
N GLY B 62 -14.39 -0.14 -12.71
CA GLY B 62 -13.89 -1.51 -12.81
C GLY B 62 -12.39 -1.56 -12.98
N HIS B 63 -11.74 -0.40 -12.91
CA HIS B 63 -10.29 -0.33 -12.98
C HIS B 63 -9.69 -0.84 -11.69
N GLN B 64 -8.88 -1.88 -11.80
CA GLN B 64 -8.24 -2.47 -10.63
C GLN B 64 -6.74 -2.50 -10.84
N GLU B 65 -6.01 -1.86 -9.95
CA GLU B 65 -4.56 -1.87 -10.01
C GLU B 65 -3.99 -2.44 -8.72
N VAL B 66 -3.09 -3.39 -8.87
CA VAL B 66 -2.47 -4.05 -7.73
C VAL B 66 -1.03 -3.60 -7.57
N THR B 67 -0.75 -2.87 -6.51
CA THR B 67 0.60 -2.43 -6.23
C THR B 67 1.22 -3.28 -5.14
N ARG B 68 2.26 -4.02 -5.51
CA ARG B 68 2.91 -4.95 -4.58
C ARG B 68 4.07 -4.26 -3.87
N PHE B 69 4.10 -4.38 -2.56
CA PHE B 69 5.16 -3.82 -1.74
C PHE B 69 5.60 -4.84 -0.70
N ASP B 70 6.63 -4.51 0.07
CA ASP B 70 7.15 -5.44 1.06
C ASP B 70 7.41 -4.74 2.38
N PHE B 71 7.39 -5.50 3.46
CA PHE B 71 7.69 -4.99 4.79
C PHE B 71 8.63 -5.95 5.52
N THR B 72 9.51 -5.41 6.33
CA THR B 72 10.39 -6.21 7.16
C THR B 72 10.61 -5.52 8.50
N THR B 73 11.01 -4.26 8.44
CA THR B 73 11.17 -3.42 9.61
C THR B 73 11.26 -1.97 9.19
N THR B 74 10.51 -1.12 9.86
CA THR B 74 10.42 0.28 9.49
C THR B 74 11.60 1.08 10.07
N SER B 75 12.41 0.43 10.88
CA SER B 75 13.53 1.09 11.54
C SER B 75 14.57 1.56 10.53
N THR B 76 14.87 0.73 9.54
CA THR B 76 15.91 1.04 8.58
C THR B 76 15.34 1.65 7.30
N SER B 77 14.04 1.86 7.27
CA SER B 77 13.38 2.40 6.08
C SER B 77 13.77 3.86 5.85
N THR B 78 13.34 4.73 6.76
CA THR B 78 13.61 6.15 6.63
C THR B 78 14.65 6.60 7.66
N PRO B 79 15.81 7.10 7.20
CA PRO B 79 16.86 7.62 8.09
C PRO B 79 16.45 8.94 8.76
N GLY B 80 15.53 8.85 9.71
CA GLY B 80 15.10 10.02 10.46
C GLY B 80 15.68 10.02 11.85
N SER B 81 14.97 9.43 12.79
CA SER B 81 15.47 9.25 14.15
C SER B 81 16.51 8.14 14.16
N ARG B 82 16.30 7.15 13.30
CA ARG B 82 17.25 6.07 13.13
C ARG B 82 18.29 6.47 12.08
N SER B 83 19.55 6.24 12.40
CA SER B 83 20.66 6.59 11.52
C SER B 83 20.72 8.11 11.35
N HIS B 84 20.98 8.79 12.44
CA HIS B 84 21.06 10.25 12.44
C HIS B 84 22.51 10.70 12.59
N HIS B 85 23.43 9.74 12.55
CA HIS B 85 24.84 10.03 12.66
C HIS B 85 25.41 10.39 11.29
N HIS B 86 24.87 11.45 10.71
CA HIS B 86 25.30 11.89 9.39
C HIS B 86 25.94 13.28 9.47
N HIS B 87 25.71 13.97 10.58
CA HIS B 87 26.24 15.32 10.75
C HIS B 87 27.66 15.27 11.29
N HIS B 88 28.57 15.95 10.60
CA HIS B 88 29.97 15.97 11.01
C HIS B 88 30.29 17.31 11.67
N HIS B 89 31.39 17.34 12.42
CA HIS B 89 31.82 18.56 13.09
C HIS B 89 33.19 18.97 12.58
N GLY A 1 0.75 1.87 -23.96
CA GLY A 1 -0.63 1.97 -24.50
C GLY A 1 -0.91 3.34 -25.07
N SER A 2 -2.03 3.47 -25.78
CA SER A 2 -2.39 4.73 -26.41
C SER A 2 -2.89 5.73 -25.37
N GLN A 3 -3.50 5.21 -24.31
CA GLN A 3 -3.99 6.06 -23.24
C GLN A 3 -2.83 6.58 -22.40
N THR A 4 -2.95 7.80 -21.93
CA THR A 4 -1.90 8.44 -21.16
C THR A 4 -2.52 9.32 -20.08
N THR A 5 -1.66 9.83 -19.20
CA THR A 5 -2.04 10.73 -18.10
C THR A 5 -3.08 10.12 -17.16
N ALA A 6 -3.43 10.87 -16.12
CA ALA A 6 -4.41 10.45 -15.13
C ALA A 6 -4.01 9.12 -14.48
N PRO A 7 -3.14 9.17 -13.47
CA PRO A 7 -2.68 7.97 -12.76
C PRO A 7 -3.80 7.31 -11.97
N ASP A 8 -4.49 6.38 -12.61
CA ASP A 8 -5.57 5.65 -11.97
C ASP A 8 -5.01 4.59 -11.04
N ALA A 9 -3.78 4.18 -11.31
CA ALA A 9 -3.10 3.22 -10.46
C ALA A 9 -2.25 3.95 -9.43
N PRO A 10 -2.54 3.74 -8.13
CA PRO A 10 -1.77 4.32 -7.04
C PRO A 10 -0.30 3.90 -7.10
N PRO A 11 0.63 4.87 -6.98
CA PRO A 11 2.07 4.59 -6.93
C PRO A 11 2.47 3.80 -5.69
N ASP A 12 3.78 3.60 -5.52
CA ASP A 12 4.31 2.81 -4.41
C ASP A 12 3.83 3.32 -3.06
N PRO A 13 3.14 2.47 -2.30
CA PRO A 13 2.73 2.80 -0.93
C PRO A 13 3.94 2.89 0.00
N THR A 14 3.88 3.81 0.93
CA THR A 14 4.95 4.01 1.89
C THR A 14 4.53 3.51 3.26
N VAL A 15 5.41 2.76 3.91
CA VAL A 15 5.10 2.21 5.21
C VAL A 15 5.90 2.90 6.31
N ASP A 16 5.18 3.55 7.23
CA ASP A 16 5.81 4.17 8.38
C ASP A 16 5.47 3.38 9.64
N GLN A 17 6.48 3.03 10.42
CA GLN A 17 6.27 2.24 11.62
C GLN A 17 5.97 3.15 12.80
N VAL A 18 4.75 3.09 13.29
CA VAL A 18 4.35 3.88 14.45
C VAL A 18 4.50 3.05 15.73
N ASP A 19 4.48 1.75 15.57
CA ASP A 19 4.68 0.82 16.68
C ASP A 19 5.57 -0.32 16.24
N ASP A 20 5.78 -1.30 17.11
CA ASP A 20 6.53 -2.48 16.73
C ASP A 20 5.64 -3.42 15.95
N THR A 21 4.40 -3.54 16.40
CA THR A 21 3.46 -4.47 15.81
C THR A 21 2.38 -3.76 15.00
N SER A 22 2.58 -2.49 14.70
CA SER A 22 1.60 -1.72 13.94
C SER A 22 2.27 -0.67 13.06
N ILE A 23 1.83 -0.60 11.82
CA ILE A 23 2.37 0.35 10.86
C ILE A 23 1.28 1.23 10.30
N VAL A 24 1.68 2.32 9.67
CA VAL A 24 0.77 3.10 8.87
C VAL A 24 1.19 3.02 7.41
N VAL A 25 0.44 2.25 6.64
CA VAL A 25 0.72 2.09 5.23
C VAL A 25 -0.08 3.12 4.43
N ARG A 26 0.64 4.01 3.78
CA ARG A 26 0.03 5.14 3.09
C ARG A 26 0.24 5.04 1.59
N TRP A 27 -0.80 5.40 0.84
CA TRP A 27 -0.73 5.40 -0.60
C TRP A 27 -1.32 6.71 -1.14
N SER A 28 -0.64 7.31 -2.11
CA SER A 28 -1.10 8.56 -2.67
C SER A 28 -2.29 8.35 -3.60
N ARG A 29 -3.45 8.82 -3.19
CA ARG A 29 -4.65 8.71 -3.99
C ARG A 29 -4.73 9.85 -4.99
N PRO A 30 -4.87 9.49 -6.27
CA PRO A 30 -4.93 10.44 -7.39
C PRO A 30 -6.05 11.47 -7.21
N MET B 1 -21.12 15.70 -21.54
CA MET B 1 -20.26 14.56 -21.94
C MET B 1 -18.83 15.02 -22.18
N ARG B 2 -18.64 15.82 -23.21
CA ARG B 2 -17.31 16.29 -23.56
C ARG B 2 -17.29 17.82 -23.57
N GLY B 3 -16.60 18.39 -22.60
CA GLY B 3 -16.50 19.83 -22.50
C GLY B 3 -15.39 20.25 -21.56
N SER B 4 -15.76 20.89 -20.46
CA SER B 4 -14.79 21.28 -19.45
C SER B 4 -14.47 20.09 -18.56
N ASN B 5 -15.45 19.20 -18.40
CA ASN B 5 -15.28 18.00 -17.61
C ASN B 5 -14.58 16.93 -18.42
N ALA B 6 -13.31 16.70 -18.11
CA ALA B 6 -12.53 15.65 -18.75
C ALA B 6 -12.43 14.45 -17.82
N PRO B 7 -13.23 13.40 -18.08
CA PRO B 7 -13.31 12.22 -17.21
C PRO B 7 -11.96 11.53 -17.04
N GLN B 8 -11.48 11.50 -15.82
CA GLN B 8 -10.26 10.77 -15.51
C GLN B 8 -10.62 9.43 -14.88
N PRO B 9 -9.96 8.35 -15.31
CA PRO B 9 -10.25 7.00 -14.80
C PRO B 9 -9.89 6.84 -13.33
N SER B 10 -9.15 7.82 -12.80
CA SER B 10 -8.66 7.78 -11.43
C SER B 10 -9.78 8.04 -10.42
N HIS B 11 -10.68 7.08 -10.27
CA HIS B 11 -11.76 7.18 -9.28
C HIS B 11 -11.87 5.89 -8.48
N ILE B 12 -11.07 5.78 -7.43
CA ILE B 12 -11.04 4.58 -6.60
C ILE B 12 -12.26 4.55 -5.68
N SER B 13 -12.89 3.37 -5.59
CA SER B 13 -14.04 3.19 -4.72
C SER B 13 -13.61 2.54 -3.40
N LYS B 14 -12.61 1.66 -3.45
CA LYS B 14 -12.10 1.00 -2.26
C LYS B 14 -10.74 0.38 -2.53
N TYR B 15 -9.94 0.27 -1.47
CA TYR B 15 -8.62 -0.34 -1.56
C TYR B 15 -8.63 -1.65 -0.79
N ILE B 16 -8.09 -2.69 -1.38
CA ILE B 16 -7.97 -3.97 -0.69
C ILE B 16 -6.50 -4.21 -0.35
N LEU B 17 -6.22 -4.15 0.95
CA LEU B 17 -4.86 -4.32 1.45
C LEU B 17 -4.70 -5.77 1.91
N ARG B 18 -3.80 -6.49 1.24
CA ARG B 18 -3.53 -7.87 1.60
C ARG B 18 -2.05 -8.06 1.90
N TRP B 19 -1.76 -8.61 3.06
CA TRP B 19 -0.38 -8.82 3.47
C TRP B 19 -0.16 -10.26 3.91
N ARG B 20 1.01 -10.79 3.58
CA ARG B 20 1.37 -12.14 3.96
C ARG B 20 2.78 -12.17 4.52
N PRO B 21 2.97 -12.80 5.69
CA PRO B 21 4.30 -13.00 6.27
C PRO B 21 5.12 -13.96 5.42
N LYS B 22 6.35 -13.56 5.10
CA LYS B 22 7.25 -14.39 4.29
C LYS B 22 7.61 -15.68 5.01
N ASN B 23 7.50 -15.64 6.33
CA ASN B 23 7.78 -16.80 7.16
C ASN B 23 6.60 -17.77 7.12
N SER B 24 5.45 -17.29 6.68
CA SER B 24 4.24 -18.08 6.61
C SER B 24 3.99 -18.55 5.18
N VAL B 25 3.26 -19.65 5.04
CA VAL B 25 2.99 -20.23 3.73
C VAL B 25 1.49 -20.39 3.49
N GLY B 26 0.70 -19.69 4.30
CA GLY B 26 -0.73 -19.82 4.23
C GLY B 26 -1.37 -18.77 3.34
N ARG B 27 -2.31 -18.03 3.90
CA ARG B 27 -3.09 -17.06 3.14
C ARG B 27 -2.64 -15.64 3.43
N TRP B 28 -3.13 -14.70 2.63
CA TRP B 28 -2.90 -13.30 2.84
C TRP B 28 -4.01 -12.72 3.69
N LYS B 29 -3.66 -11.89 4.66
CA LYS B 29 -4.66 -11.26 5.51
C LYS B 29 -5.23 -10.04 4.79
N GLU B 30 -6.53 -9.82 4.92
CA GLU B 30 -7.22 -8.87 4.07
C GLU B 30 -7.87 -7.74 4.87
N ALA B 31 -7.65 -6.51 4.41
CA ALA B 31 -8.34 -5.35 4.96
C ALA B 31 -8.87 -4.48 3.83
N THR B 32 -10.13 -4.07 3.94
CA THR B 32 -10.74 -3.24 2.91
C THR B 32 -10.86 -1.79 3.39
N ILE B 33 -10.26 -0.87 2.64
CA ILE B 33 -10.24 0.53 3.00
C ILE B 33 -11.10 1.34 2.02
N PRO B 34 -11.94 2.25 2.55
CA PRO B 34 -12.75 3.15 1.72
C PRO B 34 -11.89 3.97 0.77
N GLY B 35 -12.35 4.13 -0.48
CA GLY B 35 -11.63 4.88 -1.48
C GLY B 35 -11.49 6.35 -1.12
N HIS B 36 -12.19 6.74 -0.08
CA HIS B 36 -12.10 8.09 0.48
C HIS B 36 -10.81 8.25 1.28
N LEU B 37 -10.21 7.15 1.70
CA LEU B 37 -9.00 7.19 2.51
C LEU B 37 -7.76 7.01 1.64
N ASN B 38 -6.59 7.14 2.26
CA ASN B 38 -5.33 6.95 1.56
C ASN B 38 -4.26 6.36 2.47
N SER B 39 -4.70 5.75 3.56
CA SER B 39 -3.79 5.13 4.50
C SER B 39 -4.54 4.18 5.44
N TYR B 40 -3.82 3.19 5.96
CA TYR B 40 -4.40 2.26 6.92
C TYR B 40 -3.35 1.88 7.97
N THR B 41 -3.79 1.72 9.21
CA THR B 41 -2.91 1.30 10.28
C THR B 41 -3.03 -0.20 10.52
N ILE B 42 -2.08 -0.96 9.98
CA ILE B 42 -2.11 -2.41 10.12
C ILE B 42 -1.61 -2.81 11.50
N LYS B 43 -2.52 -3.26 12.34
CA LYS B 43 -2.17 -3.70 13.68
C LYS B 43 -2.10 -5.23 13.73
N GLY B 44 -0.95 -5.76 14.10
CA GLY B 44 -0.79 -7.20 14.17
C GLY B 44 0.35 -7.69 13.31
N LEU B 45 1.38 -6.87 13.16
CA LEU B 45 2.56 -7.26 12.41
C LEU B 45 3.69 -7.61 13.37
N LYS B 46 4.19 -8.83 13.26
CA LYS B 46 5.26 -9.32 14.12
C LYS B 46 6.59 -8.65 13.79
N PRO B 47 7.31 -8.14 14.81
CA PRO B 47 8.64 -7.56 14.63
C PRO B 47 9.67 -8.63 14.28
N GLY B 48 10.47 -8.36 13.25
CA GLY B 48 11.49 -9.29 12.83
C GLY B 48 11.01 -10.20 11.72
N VAL B 49 9.86 -9.88 11.16
CA VAL B 49 9.26 -10.68 10.10
C VAL B 49 9.10 -9.82 8.84
N VAL B 50 9.36 -10.43 7.69
CA VAL B 50 9.19 -9.74 6.41
C VAL B 50 7.81 -10.06 5.84
N TYR B 51 7.18 -9.07 5.23
CA TYR B 51 5.82 -9.23 4.70
C TYR B 51 5.74 -8.82 3.26
N GLU B 52 4.82 -9.44 2.53
CA GLU B 52 4.47 -9.01 1.19
C GLU B 52 3.15 -8.27 1.23
N GLY B 53 3.05 -7.19 0.49
CA GLY B 53 1.84 -6.40 0.51
C GLY B 53 1.28 -6.13 -0.87
N GLN B 54 -0.03 -6.20 -0.99
CA GLN B 54 -0.71 -5.88 -2.24
C GLN B 54 -1.78 -4.83 -2.01
N LEU B 55 -1.65 -3.69 -2.69
CA LEU B 55 -2.67 -2.66 -2.64
C LEU B 55 -3.52 -2.75 -3.89
N ILE B 56 -4.72 -3.29 -3.75
CA ILE B 56 -5.62 -3.48 -4.87
C ILE B 56 -6.71 -2.42 -4.86
N SER B 57 -6.65 -1.49 -5.78
CA SER B 57 -7.65 -0.44 -5.87
C SER B 57 -8.77 -0.85 -6.81
N ILE B 58 -9.99 -0.89 -6.28
CA ILE B 58 -11.17 -1.14 -7.10
C ILE B 58 -11.77 0.21 -7.49
N GLN B 59 -11.66 0.54 -8.75
CA GLN B 59 -12.09 1.84 -9.23
C GLN B 59 -13.50 1.81 -9.80
N GLN B 60 -14.12 2.97 -9.89
CA GLN B 60 -15.50 3.12 -10.36
C GLN B 60 -15.75 2.31 -11.64
N TYR B 61 -14.82 2.42 -12.58
CA TYR B 61 -15.00 1.82 -13.90
C TYR B 61 -14.66 0.33 -13.90
N GLY B 62 -14.45 -0.23 -12.71
CA GLY B 62 -14.16 -1.65 -12.60
C GLY B 62 -12.68 -1.96 -12.77
N HIS B 63 -11.89 -0.91 -12.93
CA HIS B 63 -10.45 -1.04 -13.08
C HIS B 63 -9.83 -1.48 -11.76
N GLN B 64 -9.17 -2.64 -11.76
CA GLN B 64 -8.49 -3.11 -10.56
C GLN B 64 -7.00 -2.92 -10.69
N GLU B 65 -6.42 -2.14 -9.80
CA GLU B 65 -5.00 -1.85 -9.85
C GLU B 65 -4.30 -2.45 -8.64
N VAL B 66 -3.43 -3.41 -8.90
CA VAL B 66 -2.67 -4.04 -7.83
C VAL B 66 -1.27 -3.48 -7.77
N THR B 67 -1.02 -2.65 -6.79
CA THR B 67 0.29 -2.10 -6.58
C THR B 67 0.99 -2.84 -5.44
N ARG B 68 2.02 -3.61 -5.78
CA ARG B 68 2.70 -4.42 -4.80
C ARG B 68 3.74 -3.62 -4.03
N PHE B 69 3.93 -4.00 -2.78
CA PHE B 69 4.96 -3.41 -1.94
C PHE B 69 5.50 -4.47 -1.00
N ASP B 70 6.60 -4.15 -0.34
CA ASP B 70 7.21 -5.06 0.61
C ASP B 70 7.31 -4.37 1.96
N PHE B 71 7.25 -5.14 3.03
CA PHE B 71 7.38 -4.57 4.36
C PHE B 71 8.43 -5.31 5.17
N THR B 72 9.25 -4.53 5.84
CA THR B 72 10.26 -5.04 6.73
C THR B 72 10.25 -4.24 8.02
N THR B 73 10.43 -4.93 9.14
CA THR B 73 10.36 -4.28 10.44
C THR B 73 11.67 -3.56 10.76
N THR B 74 12.67 -3.82 9.94
CA THR B 74 13.93 -3.10 10.00
C THR B 74 14.73 -3.34 8.72
N SER B 75 15.22 -2.25 8.14
CA SER B 75 16.03 -2.32 6.94
C SER B 75 17.36 -1.60 7.15
N THR B 76 17.70 -1.38 8.41
CA THR B 76 18.93 -0.69 8.76
C THR B 76 19.54 -1.29 10.02
N SER B 77 19.10 -2.50 10.36
CA SER B 77 19.60 -3.20 11.53
C SER B 77 21.03 -3.65 11.27
N THR B 78 21.23 -4.31 10.14
CA THR B 78 22.55 -4.74 9.72
C THR B 78 22.99 -3.93 8.50
N PRO B 79 23.92 -2.99 8.69
CA PRO B 79 24.39 -2.11 7.61
C PRO B 79 25.35 -2.82 6.65
N GLY B 80 24.84 -3.82 5.96
CA GLY B 80 25.64 -4.53 4.97
C GLY B 80 25.78 -3.73 3.70
N SER B 81 24.76 -2.93 3.40
CA SER B 81 24.77 -2.07 2.22
C SER B 81 23.95 -0.82 2.50
N ARG B 82 24.35 0.28 1.88
CA ARG B 82 23.64 1.54 2.03
C ARG B 82 22.52 1.64 1.00
N SER B 83 22.44 0.64 0.14
CA SER B 83 21.39 0.59 -0.86
C SER B 83 20.07 0.17 -0.22
N HIS B 84 18.96 0.68 -0.76
CA HIS B 84 17.62 0.35 -0.27
C HIS B 84 17.48 0.72 1.20
N HIS B 85 17.78 1.97 1.52
CA HIS B 85 17.57 2.50 2.86
C HIS B 85 16.41 3.48 2.87
N HIS B 86 15.59 3.39 1.82
CA HIS B 86 14.40 4.24 1.70
C HIS B 86 13.44 3.95 2.85
N HIS B 87 13.38 2.69 3.23
CA HIS B 87 12.54 2.27 4.33
C HIS B 87 13.28 2.43 5.66
N HIS B 88 12.97 3.51 6.36
CA HIS B 88 13.57 3.83 7.65
C HIS B 88 15.05 4.16 7.50
N HIS B 89 15.34 5.44 7.32
CA HIS B 89 16.73 5.90 7.19
C HIS B 89 17.40 5.93 8.56
N GLY A 1 11.01 3.03 -23.75
CA GLY A 1 10.95 3.10 -22.26
C GLY A 1 9.72 2.40 -21.73
N SER A 2 9.40 2.63 -20.46
CA SER A 2 8.25 2.01 -19.84
C SER A 2 6.96 2.71 -20.25
N GLN A 3 6.11 2.00 -20.99
CA GLN A 3 4.87 2.57 -21.50
C GLN A 3 3.79 2.58 -20.43
N THR A 4 4.01 3.40 -19.40
CA THR A 4 3.06 3.54 -18.30
C THR A 4 2.81 2.21 -17.60
N THR A 5 3.78 1.80 -16.79
CA THR A 5 3.70 0.53 -16.07
C THR A 5 2.52 0.54 -15.10
N ALA A 6 2.34 1.66 -14.42
CA ALA A 6 1.22 1.83 -13.50
C ALA A 6 0.23 2.83 -14.07
N PRO A 7 -0.83 2.33 -14.72
CA PRO A 7 -1.85 3.17 -15.36
C PRO A 7 -2.59 4.06 -14.36
N ASP A 8 -3.48 3.46 -13.59
CA ASP A 8 -4.23 4.20 -12.58
C ASP A 8 -3.86 3.72 -11.19
N ALA A 9 -2.88 2.83 -11.13
CA ALA A 9 -2.41 2.27 -9.88
C ALA A 9 -1.63 3.30 -9.08
N PRO A 10 -1.93 3.44 -7.78
CA PRO A 10 -1.19 4.31 -6.87
C PRO A 10 0.30 3.98 -6.88
N PRO A 11 1.18 4.95 -7.23
CA PRO A 11 2.61 4.73 -7.43
C PRO A 11 3.27 3.83 -6.37
N ASP A 12 3.33 4.30 -5.14
CA ASP A 12 3.99 3.54 -4.08
C ASP A 12 3.34 3.79 -2.72
N PRO A 13 2.90 2.72 -2.04
CA PRO A 13 2.43 2.79 -0.66
C PRO A 13 3.60 2.81 0.33
N THR A 14 3.59 3.77 1.23
CA THR A 14 4.66 3.94 2.20
C THR A 14 4.25 3.37 3.55
N VAL A 15 5.18 2.69 4.20
CA VAL A 15 4.92 2.14 5.53
C VAL A 15 5.69 2.93 6.59
N ASP A 16 4.95 3.64 7.43
CA ASP A 16 5.54 4.42 8.49
C ASP A 16 5.09 3.90 9.85
N GLN A 17 5.89 4.19 10.88
CA GLN A 17 5.55 3.85 12.26
C GLN A 17 5.33 2.35 12.43
N VAL A 18 6.41 1.62 12.71
CA VAL A 18 6.32 0.19 12.91
C VAL A 18 5.74 -0.13 14.30
N ASP A 19 5.88 0.85 15.21
CA ASP A 19 5.33 0.74 16.56
C ASP A 19 5.80 -0.56 17.21
N ASP A 20 4.94 -1.19 17.99
CA ASP A 20 5.24 -2.49 18.58
C ASP A 20 4.95 -3.60 17.59
N THR A 21 3.72 -3.62 17.09
CA THR A 21 3.28 -4.65 16.15
C THR A 21 2.21 -4.11 15.20
N SER A 22 2.29 -2.84 14.84
CA SER A 22 1.29 -2.23 13.97
C SER A 22 1.92 -1.11 13.14
N ILE A 23 1.57 -1.05 11.86
CA ILE A 23 2.16 -0.08 10.96
C ILE A 23 1.11 0.89 10.42
N VAL A 24 1.59 2.01 9.92
CA VAL A 24 0.74 2.94 9.19
C VAL A 24 1.10 2.89 7.72
N VAL A 25 0.27 2.26 6.92
CA VAL A 25 0.52 2.14 5.49
C VAL A 25 -0.30 3.19 4.73
N ARG A 26 0.42 4.08 4.06
CA ARG A 26 -0.20 5.18 3.35
C ARG A 26 0.10 5.10 1.87
N TRP A 27 -0.93 5.11 1.04
CA TRP A 27 -0.75 5.01 -0.40
C TRP A 27 -1.04 6.34 -1.08
N SER A 28 -0.09 6.77 -1.91
CA SER A 28 -0.24 8.00 -2.66
C SER A 28 -0.91 7.73 -4.00
N ARG A 29 -1.97 8.47 -4.29
CA ARG A 29 -2.71 8.28 -5.53
C ARG A 29 -1.93 8.80 -6.74
N PRO A 30 -2.27 8.31 -7.95
CA PRO A 30 -1.65 8.76 -9.21
C PRO A 30 -2.04 10.19 -9.55
N MET B 1 -29.27 20.14 -11.39
CA MET B 1 -28.54 19.88 -10.14
C MET B 1 -27.06 19.65 -10.43
N ARG B 2 -26.26 20.70 -10.30
CA ARG B 2 -24.83 20.60 -10.58
C ARG B 2 -24.17 19.57 -9.66
N GLY B 3 -23.44 18.64 -10.25
CA GLY B 3 -22.76 17.62 -9.47
C GLY B 3 -23.57 16.35 -9.35
N SER B 4 -24.83 16.40 -9.76
CA SER B 4 -25.69 15.22 -9.73
C SER B 4 -25.29 14.26 -10.85
N ASN B 5 -24.71 14.83 -11.90
CA ASN B 5 -24.22 14.04 -13.02
C ASN B 5 -22.77 14.45 -13.30
N ALA B 6 -21.89 14.11 -12.37
CA ALA B 6 -20.49 14.47 -12.49
C ALA B 6 -19.60 13.23 -12.41
N PRO B 7 -19.29 12.63 -13.57
CA PRO B 7 -18.42 11.46 -13.66
C PRO B 7 -17.03 11.75 -13.11
N GLN B 8 -16.53 10.85 -12.28
CA GLN B 8 -15.22 11.03 -11.68
C GLN B 8 -14.17 10.16 -12.39
N PRO B 9 -13.24 10.79 -13.11
CA PRO B 9 -12.20 10.07 -13.85
C PRO B 9 -11.22 9.37 -12.90
N SER B 10 -11.12 8.05 -13.05
CA SER B 10 -10.24 7.23 -12.23
C SER B 10 -10.61 7.36 -10.74
N HIS B 11 -11.90 7.22 -10.47
CA HIS B 11 -12.39 7.25 -9.09
C HIS B 11 -12.30 5.86 -8.47
N ILE B 12 -11.72 5.80 -7.28
CA ILE B 12 -11.63 4.54 -6.55
C ILE B 12 -12.80 4.43 -5.59
N SER B 13 -13.47 3.28 -5.61
CA SER B 13 -14.63 3.06 -4.77
C SER B 13 -14.21 2.42 -3.44
N LYS B 14 -13.14 1.63 -3.47
CA LYS B 14 -12.62 1.02 -2.26
C LYS B 14 -11.20 0.52 -2.48
N TYR B 15 -10.39 0.61 -1.44
CA TYR B 15 -9.03 0.08 -1.45
C TYR B 15 -9.00 -1.21 -0.66
N ILE B 16 -8.41 -2.25 -1.21
CA ILE B 16 -8.26 -3.50 -0.49
C ILE B 16 -6.80 -3.72 -0.13
N LEU B 17 -6.52 -3.77 1.16
CA LEU B 17 -5.17 -4.02 1.63
C LEU B 17 -5.02 -5.50 1.95
N ARG B 18 -4.19 -6.18 1.17
CA ARG B 18 -3.91 -7.59 1.40
C ARG B 18 -2.47 -7.77 1.83
N TRP B 19 -2.26 -8.55 2.88
CA TRP B 19 -0.91 -8.83 3.33
C TRP B 19 -0.77 -10.29 3.76
N ARG B 20 0.37 -10.86 3.44
CA ARG B 20 0.68 -12.24 3.80
C ARG B 20 2.13 -12.35 4.21
N PRO B 21 2.41 -13.03 5.35
CA PRO B 21 3.78 -13.30 5.79
C PRO B 21 4.62 -13.95 4.70
N LYS B 22 5.66 -13.23 4.28
CA LYS B 22 6.58 -13.70 3.26
C LYS B 22 7.57 -14.68 3.88
N ASN B 23 7.92 -14.40 5.13
CA ASN B 23 8.86 -15.21 5.90
C ASN B 23 8.31 -16.61 6.14
N SER B 24 7.00 -16.72 6.10
CA SER B 24 6.32 -18.00 6.29
C SER B 24 5.46 -18.29 5.07
N VAL B 25 4.61 -19.31 5.15
CA VAL B 25 3.65 -19.54 4.09
C VAL B 25 2.53 -18.51 4.21
N GLY B 26 2.02 -18.33 5.42
CA GLY B 26 1.10 -17.25 5.71
C GLY B 26 -0.29 -17.44 5.15
N ARG B 27 -1.22 -16.65 5.67
CA ARG B 27 -2.58 -16.59 5.15
C ARG B 27 -2.86 -15.18 4.67
N TRP B 28 -3.59 -15.06 3.56
CA TRP B 28 -3.96 -13.76 3.02
C TRP B 28 -4.95 -13.06 3.93
N LYS B 29 -4.53 -11.96 4.53
CA LYS B 29 -5.42 -11.15 5.33
C LYS B 29 -5.85 -9.93 4.52
N GLU B 30 -7.14 -9.62 4.55
CA GLU B 30 -7.68 -8.56 3.72
C GLU B 30 -8.36 -7.48 4.55
N ALA B 31 -8.23 -6.24 4.11
CA ALA B 31 -8.90 -5.12 4.73
C ALA B 31 -9.48 -4.20 3.67
N THR B 32 -10.74 -3.83 3.82
CA THR B 32 -11.40 -2.95 2.86
C THR B 32 -11.49 -1.53 3.40
N ILE B 33 -10.85 -0.61 2.70
CA ILE B 33 -10.85 0.80 3.08
C ILE B 33 -11.67 1.58 2.05
N PRO B 34 -12.60 2.44 2.51
CA PRO B 34 -13.40 3.31 1.62
C PRO B 34 -12.52 4.06 0.62
N GLY B 35 -13.05 4.29 -0.57
CA GLY B 35 -12.27 4.86 -1.66
C GLY B 35 -12.02 6.36 -1.52
N HIS B 36 -11.75 6.79 -0.30
CA HIS B 36 -11.42 8.18 -0.02
C HIS B 36 -10.51 8.28 1.18
N LEU B 37 -9.89 7.16 1.55
CA LEU B 37 -8.93 7.13 2.63
C LEU B 37 -7.62 6.55 2.12
N ASN B 38 -6.52 7.27 2.33
CA ASN B 38 -5.23 6.84 1.81
C ASN B 38 -4.27 6.50 2.95
N SER B 39 -4.79 5.84 3.98
CA SER B 39 -3.98 5.44 5.12
C SER B 39 -4.71 4.38 5.94
N TYR B 40 -4.01 3.33 6.31
CA TYR B 40 -4.57 2.27 7.13
C TYR B 40 -3.55 1.80 8.15
N THR B 41 -4.01 1.38 9.32
CA THR B 41 -3.13 0.88 10.36
C THR B 41 -3.24 -0.63 10.49
N ILE B 42 -2.26 -1.34 9.93
CA ILE B 42 -2.26 -2.80 9.99
C ILE B 42 -1.77 -3.27 11.36
N LYS B 43 -2.54 -4.14 12.01
CA LYS B 43 -2.21 -4.60 13.34
C LYS B 43 -1.86 -6.08 13.33
N GLY B 44 -0.85 -6.46 14.09
CA GLY B 44 -0.48 -7.86 14.20
C GLY B 44 0.72 -8.21 13.35
N LEU B 45 1.52 -7.20 13.01
CA LEU B 45 2.72 -7.43 12.21
C LEU B 45 3.93 -7.59 13.13
N LYS B 46 4.73 -8.61 12.86
CA LYS B 46 5.88 -8.91 13.70
C LYS B 46 7.18 -8.39 13.09
N PRO B 47 7.90 -7.54 13.83
CA PRO B 47 9.23 -7.07 13.42
C PRO B 47 10.21 -8.22 13.21
N GLY B 48 10.90 -8.19 12.09
CA GLY B 48 11.79 -9.28 11.73
C GLY B 48 11.19 -10.15 10.66
N VAL B 49 9.88 -10.27 10.70
CA VAL B 49 9.13 -11.05 9.72
C VAL B 49 8.93 -10.24 8.44
N VAL B 50 9.11 -10.88 7.30
CA VAL B 50 8.90 -10.22 6.02
C VAL B 50 7.44 -10.38 5.61
N TYR B 51 6.86 -9.34 5.00
CA TYR B 51 5.45 -9.38 4.60
C TYR B 51 5.27 -8.96 3.15
N GLU B 52 4.34 -9.61 2.48
CA GLU B 52 3.94 -9.24 1.14
C GLU B 52 2.61 -8.51 1.17
N GLY B 53 2.64 -7.21 0.91
CA GLY B 53 1.43 -6.44 0.94
C GLY B 53 1.08 -5.88 -0.43
N GLN B 54 -0.21 -5.87 -0.75
CA GLN B 54 -0.67 -5.31 -1.99
C GLN B 54 -1.85 -4.38 -1.74
N LEU B 55 -1.81 -3.21 -2.37
CA LEU B 55 -2.92 -2.28 -2.31
C LEU B 55 -3.73 -2.40 -3.60
N ILE B 56 -4.89 -3.03 -3.50
CA ILE B 56 -5.76 -3.21 -4.65
C ILE B 56 -6.81 -2.12 -4.69
N SER B 57 -6.66 -1.20 -5.63
CA SER B 57 -7.60 -0.10 -5.77
C SER B 57 -8.71 -0.48 -6.75
N ILE B 58 -9.93 -0.56 -6.24
CA ILE B 58 -11.08 -0.87 -7.06
C ILE B 58 -11.69 0.41 -7.61
N GLN B 59 -11.48 0.67 -8.89
CA GLN B 59 -12.01 1.87 -9.52
C GLN B 59 -13.47 1.68 -9.89
N GLN B 60 -14.13 2.82 -10.08
CA GLN B 60 -15.56 2.88 -10.35
C GLN B 60 -15.92 2.16 -11.66
N TYR B 61 -14.92 1.89 -12.47
CA TYR B 61 -15.14 1.21 -13.75
C TYR B 61 -14.97 -0.30 -13.58
N GLY B 62 -14.63 -0.71 -12.38
CA GLY B 62 -14.36 -2.12 -12.12
C GLY B 62 -12.90 -2.46 -12.28
N HIS B 63 -12.16 -1.54 -12.89
CA HIS B 63 -10.73 -1.71 -13.13
C HIS B 63 -10.00 -1.83 -11.79
N GLN B 64 -9.33 -2.94 -11.60
CA GLN B 64 -8.57 -3.18 -10.37
C GLN B 64 -7.10 -2.89 -10.59
N GLU B 65 -6.55 -1.97 -9.82
CA GLU B 65 -5.15 -1.63 -9.90
C GLU B 65 -4.43 -2.09 -8.63
N VAL B 66 -3.52 -3.03 -8.77
CA VAL B 66 -2.84 -3.62 -7.63
C VAL B 66 -1.41 -3.10 -7.50
N THR B 67 -1.18 -2.32 -6.46
CA THR B 67 0.16 -1.84 -6.16
C THR B 67 0.78 -2.65 -5.03
N ARG B 68 1.81 -3.40 -5.37
CA ARG B 68 2.50 -4.23 -4.39
C ARG B 68 3.51 -3.40 -3.61
N PHE B 69 3.65 -3.69 -2.33
CA PHE B 69 4.66 -3.05 -1.51
C PHE B 69 5.33 -4.07 -0.61
N ASP B 70 6.60 -3.85 -0.35
CA ASP B 70 7.39 -4.74 0.49
C ASP B 70 7.55 -4.15 1.87
N PHE B 71 7.34 -4.97 2.89
CA PHE B 71 7.53 -4.52 4.26
C PHE B 71 8.27 -5.55 5.08
N THR B 72 9.23 -5.06 5.86
CA THR B 72 9.91 -5.85 6.86
C THR B 72 10.85 -4.94 7.66
N THR B 73 10.93 -5.16 8.95
CA THR B 73 11.80 -4.37 9.81
C THR B 73 12.28 -5.22 10.97
N THR B 74 13.53 -5.65 10.91
CA THR B 74 14.10 -6.51 11.93
C THR B 74 14.60 -5.67 13.11
N SER B 75 13.80 -5.58 14.15
CA SER B 75 14.11 -4.77 15.31
C SER B 75 15.00 -5.50 16.30
N THR B 76 16.11 -6.06 15.82
CA THR B 76 17.07 -6.71 16.69
C THR B 76 18.03 -5.68 17.26
N SER B 77 17.56 -4.94 18.25
CA SER B 77 18.33 -3.86 18.84
C SER B 77 19.23 -4.39 19.96
N THR B 78 18.99 -5.62 20.38
CA THR B 78 19.80 -6.22 21.44
C THR B 78 20.54 -7.46 20.93
N PRO B 79 21.81 -7.29 20.51
CA PRO B 79 22.66 -8.39 20.08
C PRO B 79 23.09 -9.26 21.27
N GLY B 80 22.94 -8.71 22.46
CA GLY B 80 23.30 -9.43 23.68
C GLY B 80 22.42 -10.63 23.92
N SER B 81 21.31 -10.73 23.18
CA SER B 81 20.43 -11.87 23.27
C SER B 81 21.09 -13.09 22.63
N ARG B 82 22.11 -12.83 21.81
CA ARG B 82 22.91 -13.88 21.21
C ARG B 82 23.92 -14.41 22.22
N SER B 83 24.58 -13.48 22.88
CA SER B 83 25.60 -13.80 23.87
C SER B 83 24.99 -14.51 25.07
N HIS B 84 25.70 -15.50 25.59
CA HIS B 84 25.27 -16.25 26.77
C HIS B 84 23.97 -17.00 26.48
N HIS B 85 23.01 -16.92 27.41
CA HIS B 85 21.72 -17.59 27.27
C HIS B 85 21.89 -19.10 27.21
N HIS B 86 22.92 -19.60 27.88
CA HIS B 86 23.17 -21.05 27.93
C HIS B 86 22.58 -21.63 29.20
N HIS B 87 21.90 -20.78 29.96
CA HIS B 87 21.25 -21.18 31.19
C HIS B 87 19.90 -20.47 31.29
N HIS B 88 19.17 -20.48 30.17
CA HIS B 88 17.90 -19.75 30.04
C HIS B 88 18.12 -18.24 30.06
N HIS B 89 18.45 -17.72 31.24
CA HIS B 89 18.66 -16.29 31.42
C HIS B 89 19.86 -16.05 32.31
N GLY A 1 -5.86 6.29 -23.87
CA GLY A 1 -6.85 7.11 -23.15
C GLY A 1 -7.36 6.42 -21.90
N SER A 2 -7.50 7.17 -20.82
CA SER A 2 -7.91 6.62 -19.55
C SER A 2 -9.44 6.57 -19.44
N GLN A 3 -10.11 6.70 -20.58
CA GLN A 3 -11.55 6.55 -20.62
C GLN A 3 -11.89 5.06 -20.60
N THR A 4 -11.13 4.29 -21.36
CA THR A 4 -11.26 2.84 -21.36
C THR A 4 -10.11 2.19 -20.59
N THR A 5 -8.88 2.53 -20.96
CA THR A 5 -7.71 2.01 -20.29
C THR A 5 -7.34 2.91 -19.11
N ALA A 6 -7.84 2.59 -17.94
CA ALA A 6 -7.61 3.42 -16.76
C ALA A 6 -6.93 2.62 -15.66
N PRO A 7 -5.58 2.55 -15.69
CA PRO A 7 -4.80 1.94 -14.61
C PRO A 7 -4.58 2.94 -13.48
N ASP A 8 -5.67 3.28 -12.81
CA ASP A 8 -5.68 4.40 -11.87
C ASP A 8 -5.27 3.95 -10.47
N ALA A 9 -4.11 3.31 -10.38
CA ALA A 9 -3.59 2.81 -9.11
C ALA A 9 -2.68 3.82 -8.45
N PRO A 10 -2.66 3.87 -7.11
CA PRO A 10 -1.67 4.63 -6.35
C PRO A 10 -0.26 4.09 -6.62
N PRO A 11 0.62 4.97 -7.13
CA PRO A 11 1.98 4.59 -7.54
C PRO A 11 2.80 3.89 -6.46
N ASP A 12 2.70 4.36 -5.22
CA ASP A 12 3.49 3.79 -4.13
C ASP A 12 2.79 3.93 -2.79
N PRO A 13 2.45 2.79 -2.15
CA PRO A 13 2.03 2.78 -0.76
C PRO A 13 3.23 2.74 0.17
N THR A 14 3.41 3.80 0.95
CA THR A 14 4.57 3.92 1.81
C THR A 14 4.20 3.55 3.24
N VAL A 15 5.11 2.88 3.92
CA VAL A 15 4.88 2.47 5.29
C VAL A 15 5.55 3.44 6.26
N ASP A 16 4.77 3.96 7.19
CA ASP A 16 5.26 4.91 8.18
C ASP A 16 4.96 4.37 9.58
N GLN A 17 5.99 4.29 10.43
CA GLN A 17 5.90 3.71 11.78
C GLN A 17 5.70 2.20 11.73
N VAL A 18 6.32 1.51 12.67
CA VAL A 18 6.14 0.07 12.84
C VAL A 18 5.60 -0.24 14.23
N ASP A 19 5.84 0.70 15.14
CA ASP A 19 5.33 0.60 16.52
C ASP A 19 5.75 -0.73 17.12
N ASP A 20 4.87 -1.34 17.90
CA ASP A 20 5.12 -2.67 18.42
C ASP A 20 4.75 -3.72 17.38
N THR A 21 3.52 -3.64 16.90
CA THR A 21 3.00 -4.62 15.95
C THR A 21 1.97 -3.98 15.00
N SER A 22 2.19 -2.72 14.63
CA SER A 22 1.22 -2.00 13.81
C SER A 22 1.90 -0.91 12.99
N ILE A 23 1.59 -0.86 11.70
CA ILE A 23 2.19 0.14 10.81
C ILE A 23 1.13 1.08 10.28
N VAL A 24 1.55 2.24 9.79
CA VAL A 24 0.66 3.14 9.08
C VAL A 24 1.03 3.14 7.61
N VAL A 25 0.22 2.49 6.79
CA VAL A 25 0.49 2.40 5.37
C VAL A 25 -0.34 3.43 4.60
N ARG A 26 0.34 4.34 3.93
CA ARG A 26 -0.31 5.42 3.20
C ARG A 26 0.08 5.38 1.73
N TRP A 27 -0.91 5.51 0.85
CA TRP A 27 -0.65 5.47 -0.58
C TRP A 27 -0.98 6.80 -1.25
N SER A 28 -0.06 7.25 -2.09
CA SER A 28 -0.23 8.49 -2.82
C SER A 28 -0.98 8.24 -4.12
N ARG A 29 -1.78 9.21 -4.54
CA ARG A 29 -2.57 9.11 -5.76
C ARG A 29 -1.77 9.56 -6.96
N PRO A 30 -2.08 9.01 -8.15
CA PRO A 30 -1.42 9.39 -9.40
C PRO A 30 -1.80 10.81 -9.83
N MET B 1 -25.79 5.34 -13.05
CA MET B 1 -26.63 5.49 -14.25
C MET B 1 -26.64 6.95 -14.72
N ARG B 2 -26.42 7.87 -13.79
CA ARG B 2 -26.43 9.28 -14.10
C ARG B 2 -25.06 9.72 -14.61
N GLY B 3 -24.66 9.17 -15.75
CA GLY B 3 -23.36 9.50 -16.32
C GLY B 3 -23.47 9.94 -17.75
N SER B 4 -24.61 10.51 -18.11
CA SER B 4 -24.83 11.00 -19.47
C SER B 4 -24.17 12.36 -19.62
N ASN B 5 -24.58 13.31 -18.79
CA ASN B 5 -23.98 14.64 -18.80
C ASN B 5 -23.02 14.77 -17.62
N ALA B 6 -21.77 15.11 -17.95
CA ALA B 6 -20.71 15.29 -16.95
C ALA B 6 -20.57 14.06 -16.04
N PRO B 7 -20.00 12.97 -16.56
CA PRO B 7 -19.78 11.74 -15.79
C PRO B 7 -18.70 11.94 -14.73
N GLN B 8 -18.67 11.05 -13.74
CA GLN B 8 -17.66 11.11 -12.69
C GLN B 8 -16.36 10.48 -13.17
N PRO B 9 -15.28 11.28 -13.19
CA PRO B 9 -13.97 10.83 -13.69
C PRO B 9 -13.33 9.78 -12.78
N SER B 10 -12.09 9.39 -13.11
CA SER B 10 -11.39 8.33 -12.40
C SER B 10 -11.37 8.53 -10.89
N HIS B 11 -11.98 7.60 -10.19
CA HIS B 11 -11.98 7.56 -8.73
C HIS B 11 -11.93 6.12 -8.27
N ILE B 12 -11.54 5.91 -7.02
CA ILE B 12 -11.49 4.57 -6.45
C ILE B 12 -12.64 4.36 -5.48
N SER B 13 -13.33 3.24 -5.66
CA SER B 13 -14.46 2.88 -4.84
C SER B 13 -14.01 2.34 -3.49
N LYS B 14 -12.98 1.50 -3.52
CA LYS B 14 -12.45 0.91 -2.30
C LYS B 14 -11.02 0.42 -2.51
N TYR B 15 -10.20 0.54 -1.48
CA TYR B 15 -8.83 0.04 -1.51
C TYR B 15 -8.74 -1.24 -0.69
N ILE B 16 -8.21 -2.30 -1.29
CA ILE B 16 -8.02 -3.55 -0.56
C ILE B 16 -6.55 -3.76 -0.27
N LEU B 17 -6.22 -3.80 1.02
CA LEU B 17 -4.86 -4.01 1.46
C LEU B 17 -4.65 -5.48 1.78
N ARG B 18 -3.79 -6.14 1.03
CA ARG B 18 -3.47 -7.53 1.30
C ARG B 18 -2.01 -7.68 1.69
N TRP B 19 -1.75 -8.49 2.70
CA TRP B 19 -0.39 -8.74 3.15
C TRP B 19 -0.20 -10.20 3.54
N ARG B 20 0.99 -10.72 3.29
CA ARG B 20 1.31 -12.12 3.54
C ARG B 20 2.71 -12.22 4.15
N PRO B 21 2.86 -12.96 5.26
CA PRO B 21 4.18 -13.18 5.87
C PRO B 21 5.10 -13.99 4.96
N LYS B 22 6.18 -13.35 4.52
CA LYS B 22 7.09 -13.89 3.51
C LYS B 22 7.76 -15.16 4.02
N ASN B 23 8.11 -15.18 5.29
CA ASN B 23 8.84 -16.29 5.87
C ASN B 23 7.91 -17.35 6.46
N SER B 24 6.61 -17.17 6.28
CA SER B 24 5.64 -18.12 6.82
C SER B 24 4.70 -18.61 5.72
N VAL B 25 4.16 -19.80 5.91
CA VAL B 25 3.23 -20.41 4.95
C VAL B 25 1.81 -19.86 5.13
N GLY B 26 1.71 -18.61 5.51
CA GLY B 26 0.41 -17.99 5.76
C GLY B 26 -0.26 -17.53 4.48
N ARG B 27 -1.44 -16.94 4.63
CA ARG B 27 -2.21 -16.47 3.48
C ARG B 27 -2.18 -14.95 3.42
N TRP B 28 -2.83 -14.40 2.41
CA TRP B 28 -2.89 -12.96 2.25
C TRP B 28 -4.13 -12.42 2.95
N LYS B 29 -3.92 -11.63 4.00
CA LYS B 29 -5.03 -11.07 4.75
C LYS B 29 -5.61 -9.87 4.01
N GLU B 30 -6.88 -9.56 4.26
CA GLU B 30 -7.55 -8.51 3.52
C GLU B 30 -8.08 -7.42 4.44
N ALA B 31 -7.74 -6.19 4.15
CA ALA B 31 -8.32 -5.04 4.81
C ALA B 31 -8.96 -4.12 3.77
N THR B 32 -10.22 -3.77 3.98
CA THR B 32 -10.93 -2.94 3.02
C THR B 32 -11.01 -1.50 3.50
N ILE B 33 -10.39 -0.60 2.74
CA ILE B 33 -10.37 0.81 3.08
C ILE B 33 -11.22 1.61 2.09
N PRO B 34 -12.16 2.43 2.59
CA PRO B 34 -12.93 3.36 1.76
C PRO B 34 -12.01 4.20 0.87
N GLY B 35 -12.45 4.44 -0.36
CA GLY B 35 -11.61 5.08 -1.35
C GLY B 35 -11.45 6.59 -1.15
N HIS B 36 -11.13 6.98 0.08
CA HIS B 36 -10.93 8.40 0.39
C HIS B 36 -10.27 8.55 1.76
N LEU B 37 -9.53 7.53 2.17
CA LEU B 37 -8.79 7.59 3.44
C LEU B 37 -7.30 7.54 3.16
N ASN B 38 -6.92 6.62 2.27
CA ASN B 38 -5.57 6.54 1.70
C ASN B 38 -4.53 6.26 2.77
N SER B 39 -4.97 5.70 3.87
CA SER B 39 -4.11 5.39 4.99
C SER B 39 -4.76 4.33 5.88
N TYR B 40 -3.99 3.35 6.28
CA TYR B 40 -4.52 2.29 7.13
C TYR B 40 -3.47 1.83 8.15
N THR B 41 -3.92 1.57 9.36
CA THR B 41 -3.04 1.02 10.38
C THR B 41 -3.20 -0.49 10.46
N ILE B 42 -2.23 -1.20 9.90
CA ILE B 42 -2.26 -2.66 9.92
C ILE B 42 -1.79 -3.17 11.27
N LYS B 43 -2.63 -3.91 11.95
CA LYS B 43 -2.29 -4.47 13.24
C LYS B 43 -2.07 -5.97 13.13
N GLY B 44 -1.37 -6.53 14.09
CA GLY B 44 -1.08 -7.95 14.07
C GLY B 44 0.11 -8.28 13.20
N LEU B 45 0.97 -7.29 12.98
CA LEU B 45 2.19 -7.48 12.22
C LEU B 45 3.31 -7.86 13.16
N LYS B 46 3.92 -9.02 12.91
CA LYS B 46 4.92 -9.57 13.81
C LYS B 46 6.31 -8.99 13.51
N PRO B 47 7.00 -8.50 14.54
CA PRO B 47 8.35 -7.94 14.40
C PRO B 47 9.37 -9.01 14.00
N GLY B 48 10.16 -8.72 12.98
CA GLY B 48 11.13 -9.67 12.49
C GLY B 48 10.58 -10.49 11.34
N VAL B 49 9.28 -10.42 11.15
CA VAL B 49 8.62 -11.14 10.07
C VAL B 49 8.50 -10.25 8.85
N VAL B 50 8.95 -10.75 7.71
CA VAL B 50 8.85 -10.01 6.47
C VAL B 50 7.45 -10.14 5.91
N TYR B 51 6.86 -9.03 5.49
CA TYR B 51 5.52 -9.05 4.92
C TYR B 51 5.52 -8.52 3.50
N GLU B 52 4.80 -9.19 2.63
CA GLU B 52 4.60 -8.74 1.27
C GLU B 52 3.21 -8.14 1.15
N GLY B 53 3.12 -6.91 0.70
CA GLY B 53 1.84 -6.24 0.67
C GLY B 53 1.42 -5.83 -0.72
N GLN B 54 0.12 -5.70 -0.89
CA GLN B 54 -0.44 -5.32 -2.18
C GLN B 54 -1.64 -4.40 -1.97
N LEU B 55 -1.56 -3.21 -2.55
CA LEU B 55 -2.65 -2.26 -2.50
C LEU B 55 -3.49 -2.41 -3.76
N ILE B 56 -4.68 -2.92 -3.60
CA ILE B 56 -5.57 -3.17 -4.74
C ILE B 56 -6.62 -2.07 -4.82
N SER B 57 -6.52 -1.24 -5.84
CA SER B 57 -7.44 -0.13 -6.01
C SER B 57 -8.62 -0.56 -6.88
N ILE B 58 -9.78 -0.72 -6.26
CA ILE B 58 -10.98 -1.06 -6.98
C ILE B 58 -11.63 0.22 -7.50
N GLN B 59 -11.53 0.43 -8.79
CA GLN B 59 -11.98 1.67 -9.41
C GLN B 59 -13.48 1.67 -9.67
N GLN B 60 -14.00 2.79 -10.17
CA GLN B 60 -15.43 2.98 -10.33
C GLN B 60 -16.09 1.88 -11.16
N TYR B 61 -15.47 1.53 -12.28
CA TYR B 61 -16.06 0.55 -13.18
C TYR B 61 -15.67 -0.87 -12.77
N GLY B 62 -14.98 -0.98 -11.64
CA GLY B 62 -14.63 -2.28 -11.12
C GLY B 62 -13.24 -2.73 -11.54
N HIS B 63 -12.50 -1.83 -12.18
CA HIS B 63 -11.14 -2.15 -12.60
C HIS B 63 -10.26 -2.37 -11.39
N GLN B 64 -9.69 -3.56 -11.29
CA GLN B 64 -8.80 -3.89 -10.18
C GLN B 64 -7.36 -3.60 -10.59
N GLU B 65 -6.70 -2.74 -9.84
CA GLU B 65 -5.30 -2.45 -10.09
C GLU B 65 -4.50 -2.70 -8.82
N VAL B 66 -3.40 -3.43 -8.94
CA VAL B 66 -2.66 -3.85 -7.77
C VAL B 66 -1.26 -3.24 -7.73
N THR B 67 -1.00 -2.46 -6.69
CA THR B 67 0.33 -1.95 -6.46
C THR B 67 1.03 -2.77 -5.39
N ARG B 68 2.09 -3.46 -5.77
CA ARG B 68 2.76 -4.38 -4.88
C ARG B 68 3.94 -3.71 -4.19
N PHE B 69 4.06 -3.93 -2.89
CA PHE B 69 5.13 -3.33 -2.10
C PHE B 69 5.58 -4.30 -1.01
N ASP B 70 6.74 -4.03 -0.43
CA ASP B 70 7.28 -4.89 0.62
C ASP B 70 7.52 -4.08 1.88
N PHE B 71 7.22 -4.67 3.03
CA PHE B 71 7.38 -3.95 4.28
C PHE B 71 7.75 -4.88 5.43
N THR B 72 8.58 -4.36 6.32
CA THR B 72 8.98 -5.07 7.53
C THR B 72 9.40 -4.05 8.57
N THR B 73 10.28 -3.15 8.17
CA THR B 73 10.72 -2.06 9.00
C THR B 73 10.92 -0.80 8.16
N THR B 74 10.27 0.28 8.56
CA THR B 74 10.31 1.52 7.79
C THR B 74 11.70 2.15 7.87
N SER B 75 12.42 1.81 8.93
CA SER B 75 13.78 2.28 9.11
C SER B 75 14.75 1.27 8.49
N THR B 76 14.96 1.41 7.19
CA THR B 76 15.79 0.48 6.44
C THR B 76 16.81 1.24 5.60
N SER B 77 17.24 2.39 6.14
CA SER B 77 18.21 3.26 5.47
C SER B 77 17.62 3.76 4.15
N THR B 78 16.76 4.77 4.26
CA THR B 78 16.07 5.31 3.10
C THR B 78 16.50 6.75 2.82
N PRO B 79 17.46 6.94 1.90
CA PRO B 79 17.94 8.27 1.53
C PRO B 79 17.04 8.95 0.51
N GLY B 80 16.05 8.21 0.04
CA GLY B 80 15.12 8.76 -0.94
C GLY B 80 14.89 7.81 -2.09
N SER B 81 13.63 7.51 -2.37
CA SER B 81 13.26 6.62 -3.47
C SER B 81 13.42 7.35 -4.80
N ARG B 82 13.68 8.65 -4.72
CA ARG B 82 13.98 9.45 -5.91
C ARG B 82 15.24 8.94 -6.60
N SER B 83 16.15 8.34 -5.83
CA SER B 83 17.38 7.83 -6.38
C SER B 83 17.20 6.38 -6.79
N HIS B 84 17.09 6.16 -8.10
CA HIS B 84 16.94 4.82 -8.63
C HIS B 84 17.54 4.74 -10.03
N HIS B 85 18.70 5.36 -10.21
CA HIS B 85 19.44 5.30 -11.47
C HIS B 85 19.82 3.85 -11.75
N HIS B 86 19.08 3.21 -12.66
CA HIS B 86 19.23 1.78 -12.92
C HIS B 86 18.91 0.97 -11.67
N HIS B 87 18.04 1.53 -10.84
CA HIS B 87 17.61 0.91 -9.58
C HIS B 87 18.80 0.63 -8.66
N HIS B 88 19.88 1.41 -8.83
CA HIS B 88 21.06 1.25 -7.98
C HIS B 88 20.70 1.60 -6.54
N HIS B 89 20.33 2.86 -6.33
CA HIS B 89 19.86 3.33 -5.02
C HIS B 89 20.92 3.08 -3.94
N GLY A 1 -3.47 11.91 -24.66
CA GLY A 1 -2.04 11.51 -24.75
C GLY A 1 -1.86 10.01 -24.53
N SER A 2 -0.86 9.45 -25.18
CA SER A 2 -0.60 8.02 -25.08
C SER A 2 0.20 7.70 -23.82
N GLN A 3 -0.49 7.67 -22.69
CA GLN A 3 0.14 7.36 -21.42
C GLN A 3 -0.06 5.89 -21.06
N THR A 4 0.75 5.04 -21.67
CA THR A 4 0.63 3.60 -21.46
C THR A 4 1.53 3.14 -20.31
N THR A 5 2.60 3.88 -20.08
CA THR A 5 3.50 3.56 -18.98
C THR A 5 2.99 4.16 -17.67
N ALA A 6 2.02 5.05 -17.80
CA ALA A 6 1.40 5.68 -16.64
C ALA A 6 0.14 4.93 -16.25
N PRO A 7 0.19 4.16 -15.16
CA PRO A 7 -0.96 3.41 -14.68
C PRO A 7 -1.84 4.25 -13.78
N ASP A 8 -2.96 3.68 -13.36
CA ASP A 8 -3.86 4.35 -12.43
C ASP A 8 -3.70 3.76 -11.04
N ALA A 9 -2.57 3.10 -10.84
CA ALA A 9 -2.24 2.48 -9.57
C ALA A 9 -1.49 3.46 -8.68
N PRO A 10 -1.98 3.64 -7.45
CA PRO A 10 -1.35 4.54 -6.46
C PRO A 10 0.14 4.25 -6.30
N PRO A 11 0.97 5.31 -6.37
CA PRO A 11 2.42 5.21 -6.15
C PRO A 11 2.76 4.37 -4.93
N ASP A 12 3.90 3.67 -5.01
CA ASP A 12 4.33 2.70 -4.00
C ASP A 12 4.02 3.18 -2.59
N PRO A 13 3.13 2.46 -1.90
CA PRO A 13 2.66 2.80 -0.55
C PRO A 13 3.78 3.16 0.42
N THR A 14 3.52 4.17 1.24
CA THR A 14 4.49 4.67 2.20
C THR A 14 4.18 4.09 3.58
N VAL A 15 5.08 3.27 4.09
CA VAL A 15 4.91 2.68 5.41
C VAL A 15 5.82 3.36 6.42
N ASP A 16 5.21 3.85 7.50
CA ASP A 16 5.96 4.55 8.53
C ASP A 16 6.66 3.56 9.46
N GLN A 17 7.36 4.08 10.46
CA GLN A 17 8.08 3.24 11.41
C GLN A 17 7.12 2.30 12.13
N VAL A 18 7.47 1.03 12.17
CA VAL A 18 6.63 0.00 12.78
C VAL A 18 6.53 0.21 14.28
N ASP A 19 5.30 0.13 14.79
CA ASP A 19 5.05 0.25 16.22
C ASP A 19 5.31 -1.09 16.90
N ASP A 20 4.63 -1.36 18.00
CA ASP A 20 4.79 -2.63 18.71
C ASP A 20 4.50 -3.80 17.77
N THR A 21 3.34 -3.77 17.14
CA THR A 21 2.94 -4.81 16.20
C THR A 21 2.01 -4.24 15.13
N SER A 22 2.24 -2.99 14.74
CA SER A 22 1.37 -2.33 13.77
C SER A 22 2.16 -1.35 12.90
N ILE A 23 1.69 -1.16 11.67
CA ILE A 23 2.28 -0.18 10.77
C ILE A 23 1.21 0.75 10.23
N VAL A 24 1.60 1.95 9.84
CA VAL A 24 0.71 2.84 9.11
C VAL A 24 1.13 2.85 7.64
N VAL A 25 0.33 2.18 6.82
CA VAL A 25 0.62 2.09 5.40
C VAL A 25 -0.21 3.10 4.62
N ARG A 26 0.48 4.06 4.01
CA ARG A 26 -0.17 5.13 3.27
C ARG A 26 -0.06 4.87 1.78
N TRP A 27 -0.92 5.50 1.00
CA TRP A 27 -0.84 5.41 -0.45
C TRP A 27 -1.33 6.71 -1.08
N SER A 28 -0.58 7.19 -2.06
CA SER A 28 -0.97 8.41 -2.77
C SER A 28 -2.01 8.10 -3.82
N ARG A 29 -3.23 8.56 -3.61
CA ARG A 29 -4.30 8.37 -4.58
C ARG A 29 -3.93 9.04 -5.91
N PRO A 30 -4.24 8.38 -7.04
CA PRO A 30 -3.99 8.93 -8.36
C PRO A 30 -4.71 10.26 -8.57
N MET B 1 -13.63 17.67 -29.58
CA MET B 1 -13.48 18.79 -28.62
C MET B 1 -14.39 18.60 -27.42
N ARG B 2 -15.65 18.25 -27.66
CA ARG B 2 -16.62 18.05 -26.58
C ARG B 2 -17.68 17.05 -27.00
N GLY B 3 -18.62 16.77 -26.11
CA GLY B 3 -19.69 15.85 -26.41
C GLY B 3 -20.61 15.65 -25.23
N SER B 4 -21.21 14.47 -25.14
CA SER B 4 -22.10 14.14 -24.05
C SER B 4 -21.33 14.05 -22.73
N ASN B 5 -20.34 13.16 -22.71
CA ASN B 5 -19.53 12.95 -21.52
C ASN B 5 -18.38 11.99 -21.83
N ALA B 6 -17.22 12.28 -21.28
CA ALA B 6 -16.07 11.41 -21.44
C ALA B 6 -15.69 10.82 -20.08
N PRO B 7 -16.16 9.60 -19.79
CA PRO B 7 -15.94 8.94 -18.49
C PRO B 7 -14.45 8.70 -18.21
N GLN B 8 -13.88 9.54 -17.35
CA GLN B 8 -12.48 9.40 -16.97
C GLN B 8 -12.27 8.09 -16.22
N PRO B 9 -11.33 7.26 -16.69
CA PRO B 9 -11.05 5.95 -16.09
C PRO B 9 -10.34 6.08 -14.74
N SER B 10 -11.07 6.57 -13.75
CA SER B 10 -10.53 6.77 -12.42
C SER B 10 -11.64 6.57 -11.39
N HIS B 11 -11.53 7.27 -10.25
CA HIS B 11 -12.53 7.19 -9.18
C HIS B 11 -12.48 5.83 -8.49
N ILE B 12 -11.64 5.71 -7.47
CA ILE B 12 -11.46 4.47 -6.76
C ILE B 12 -12.52 4.35 -5.67
N SER B 13 -13.33 3.30 -5.76
CA SER B 13 -14.42 3.08 -4.83
C SER B 13 -13.90 2.56 -3.48
N LYS B 14 -12.82 1.79 -3.53
CA LYS B 14 -12.23 1.23 -2.33
C LYS B 14 -10.82 0.70 -2.59
N TYR B 15 -9.98 0.80 -1.58
CA TYR B 15 -8.63 0.26 -1.63
C TYR B 15 -8.55 -0.97 -0.74
N ILE B 16 -8.14 -2.09 -1.30
CA ILE B 16 -8.01 -3.32 -0.53
C ILE B 16 -6.54 -3.58 -0.20
N LEU B 17 -6.25 -3.65 1.09
CA LEU B 17 -4.90 -3.95 1.55
C LEU B 17 -4.80 -5.44 1.86
N ARG B 18 -3.99 -6.15 1.10
CA ARG B 18 -3.74 -7.56 1.37
C ARG B 18 -2.29 -7.76 1.77
N TRP B 19 -2.06 -8.58 2.78
CA TRP B 19 -0.72 -8.87 3.23
C TRP B 19 -0.59 -10.33 3.63
N ARG B 20 0.64 -10.84 3.59
CA ARG B 20 0.92 -12.22 3.95
C ARG B 20 2.31 -12.35 4.55
N PRO B 21 2.44 -13.10 5.65
CA PRO B 21 3.74 -13.40 6.26
C PRO B 21 4.62 -14.24 5.33
N LYS B 22 5.81 -13.74 5.06
CA LYS B 22 6.74 -14.39 4.15
C LYS B 22 7.47 -15.55 4.82
N ASN B 23 7.65 -15.44 6.12
CA ASN B 23 8.39 -16.43 6.90
C ASN B 23 7.73 -17.80 6.84
N SER B 24 6.41 -17.82 6.82
CA SER B 24 5.67 -19.07 6.72
C SER B 24 4.90 -19.11 5.40
N VAL B 25 4.04 -20.11 5.25
CA VAL B 25 3.17 -20.16 4.09
C VAL B 25 2.27 -18.94 4.05
N GLY B 26 1.65 -18.63 5.19
CA GLY B 26 0.90 -17.41 5.33
C GLY B 26 -0.44 -17.41 4.62
N ARG B 27 -1.37 -16.65 5.16
CA ARG B 27 -2.66 -16.46 4.55
C ARG B 27 -2.84 -14.98 4.21
N TRP B 28 -3.40 -14.71 3.05
CA TRP B 28 -3.65 -13.32 2.66
C TRP B 28 -4.87 -12.79 3.39
N LYS B 29 -4.70 -11.66 4.04
CA LYS B 29 -5.78 -10.99 4.74
C LYS B 29 -6.24 -9.79 3.94
N GLU B 30 -7.55 -9.52 3.96
CA GLU B 30 -8.08 -8.41 3.18
C GLU B 30 -8.63 -7.34 4.10
N ALA B 31 -8.11 -6.14 3.94
CA ALA B 31 -8.64 -4.98 4.63
C ALA B 31 -9.18 -3.99 3.61
N THR B 32 -10.47 -3.76 3.65
CA THR B 32 -11.10 -2.83 2.71
C THR B 32 -11.14 -1.43 3.28
N ILE B 33 -10.48 -0.51 2.60
CA ILE B 33 -10.46 0.89 2.99
C ILE B 33 -11.26 1.71 2.00
N PRO B 34 -12.24 2.51 2.49
CA PRO B 34 -13.03 3.41 1.65
C PRO B 34 -12.15 4.27 0.74
N GLY B 35 -12.66 4.54 -0.46
CA GLY B 35 -11.87 5.20 -1.49
C GLY B 35 -11.47 6.63 -1.15
N HIS B 36 -11.94 7.13 -0.03
CA HIS B 36 -11.61 8.50 0.39
C HIS B 36 -10.57 8.50 1.51
N LEU B 37 -9.92 7.36 1.72
CA LEU B 37 -8.83 7.27 2.68
C LEU B 37 -7.54 6.89 1.97
N ASN B 38 -6.41 7.34 2.51
CA ASN B 38 -5.12 7.07 1.88
C ASN B 38 -4.12 6.47 2.87
N SER B 39 -4.63 5.87 3.94
CA SER B 39 -3.77 5.23 4.93
C SER B 39 -4.54 4.20 5.75
N TYR B 40 -3.85 3.12 6.11
CA TYR B 40 -4.43 2.07 6.94
C TYR B 40 -3.41 1.63 7.99
N THR B 41 -3.89 1.33 9.18
CA THR B 41 -3.04 0.82 10.23
C THR B 41 -3.17 -0.70 10.34
N ILE B 42 -2.17 -1.41 9.86
CA ILE B 42 -2.18 -2.87 9.92
C ILE B 42 -1.72 -3.33 11.29
N LYS B 43 -2.60 -3.99 12.02
CA LYS B 43 -2.30 -4.44 13.37
C LYS B 43 -2.16 -5.96 13.40
N GLY B 44 -1.08 -6.44 13.98
CA GLY B 44 -0.84 -7.86 14.04
C GLY B 44 0.39 -8.27 13.23
N LEU B 45 1.30 -7.32 13.05
CA LEU B 45 2.53 -7.57 12.31
C LEU B 45 3.71 -7.72 13.26
N LYS B 46 4.57 -8.68 12.99
CA LYS B 46 5.75 -8.91 13.81
C LYS B 46 6.94 -8.16 13.25
N PRO B 47 7.54 -7.25 14.04
CA PRO B 47 8.75 -6.54 13.63
C PRO B 47 9.91 -7.48 13.38
N GLY B 48 10.59 -7.31 12.26
CA GLY B 48 11.70 -8.17 11.90
C GLY B 48 11.31 -9.20 10.87
N VAL B 49 10.03 -9.56 10.88
CA VAL B 49 9.49 -10.51 9.92
C VAL B 49 9.07 -9.78 8.66
N VAL B 50 9.47 -10.30 7.51
CA VAL B 50 9.16 -9.66 6.24
C VAL B 50 7.76 -10.06 5.77
N TYR B 51 7.03 -9.08 5.26
CA TYR B 51 5.68 -9.30 4.76
C TYR B 51 5.53 -8.77 3.35
N GLU B 52 4.57 -9.33 2.62
CA GLU B 52 4.25 -8.85 1.29
C GLU B 52 2.98 -8.02 1.33
N GLY B 53 2.95 -6.94 0.58
CA GLY B 53 1.80 -6.07 0.59
C GLY B 53 1.22 -5.85 -0.79
N GLN B 54 -0.08 -6.03 -0.91
CA GLN B 54 -0.78 -5.81 -2.17
C GLN B 54 -1.89 -4.79 -1.98
N LEU B 55 -1.76 -3.65 -2.62
CA LEU B 55 -2.79 -2.62 -2.55
C LEU B 55 -3.64 -2.66 -3.82
N ILE B 56 -4.82 -3.26 -3.71
CA ILE B 56 -5.71 -3.40 -4.85
C ILE B 56 -6.74 -2.27 -4.85
N SER B 57 -6.61 -1.37 -5.80
CA SER B 57 -7.55 -0.26 -5.92
C SER B 57 -8.68 -0.64 -6.87
N ILE B 58 -9.90 -0.66 -6.34
CA ILE B 58 -11.07 -1.00 -7.13
C ILE B 58 -11.75 0.26 -7.62
N GLN B 59 -11.74 0.47 -8.93
CA GLN B 59 -12.39 1.63 -9.52
C GLN B 59 -13.84 1.34 -9.84
N GLN B 60 -14.62 2.40 -10.03
CA GLN B 60 -16.04 2.27 -10.36
C GLN B 60 -16.23 1.45 -11.63
N TYR B 61 -15.30 1.57 -12.56
CA TYR B 61 -15.39 0.93 -13.86
C TYR B 61 -14.94 -0.52 -13.81
N GLY B 62 -14.76 -1.04 -12.60
CA GLY B 62 -14.37 -2.43 -12.44
C GLY B 62 -12.89 -2.65 -12.72
N HIS B 63 -12.13 -1.56 -12.78
CA HIS B 63 -10.70 -1.65 -12.98
C HIS B 63 -9.98 -1.91 -11.68
N GLN B 64 -9.15 -2.93 -11.66
CA GLN B 64 -8.35 -3.23 -10.48
C GLN B 64 -6.91 -2.83 -10.72
N GLU B 65 -6.42 -1.93 -9.88
CA GLU B 65 -5.04 -1.51 -9.95
C GLU B 65 -4.32 -1.97 -8.69
N VAL B 66 -3.38 -2.88 -8.86
CA VAL B 66 -2.70 -3.49 -7.73
C VAL B 66 -1.26 -3.03 -7.65
N THR B 67 -0.96 -2.23 -6.64
CA THR B 67 0.39 -1.77 -6.41
C THR B 67 1.10 -2.72 -5.45
N ARG B 68 2.13 -3.38 -5.96
CA ARG B 68 2.87 -4.37 -5.18
C ARG B 68 3.97 -3.69 -4.37
N PHE B 69 4.06 -4.05 -3.10
CA PHE B 69 5.08 -3.51 -2.22
C PHE B 69 5.38 -4.50 -1.11
N ASP B 70 6.30 -4.16 -0.23
CA ASP B 70 6.65 -5.02 0.89
C ASP B 70 7.02 -4.18 2.09
N PHE B 71 6.83 -4.72 3.28
CA PHE B 71 7.11 -4.00 4.51
C PHE B 71 7.65 -4.94 5.59
N THR B 72 8.45 -4.39 6.49
CA THR B 72 9.02 -5.14 7.59
C THR B 72 9.28 -4.22 8.79
N THR B 73 10.10 -3.21 8.58
CA THR B 73 10.41 -2.24 9.63
C THR B 73 10.88 -0.93 9.01
N THR B 74 11.92 -1.00 8.19
CA THR B 74 12.48 0.18 7.57
C THR B 74 11.94 0.38 6.16
N SER B 75 10.64 0.63 6.06
CA SER B 75 10.01 0.88 4.78
C SER B 75 10.23 2.35 4.39
N THR B 76 9.63 3.25 5.14
CA THR B 76 9.89 4.66 4.99
C THR B 76 10.35 5.25 6.32
N SER B 77 11.65 5.30 6.51
CA SER B 77 12.23 5.84 7.72
C SER B 77 13.61 6.43 7.41
N THR B 78 13.69 7.74 7.38
CA THR B 78 14.93 8.42 7.05
C THR B 78 15.53 9.10 8.28
N PRO B 79 16.51 8.45 8.94
CA PRO B 79 17.14 9.02 10.14
C PRO B 79 18.03 10.21 9.81
N GLY B 80 18.65 10.16 8.64
CA GLY B 80 19.50 11.24 8.19
C GLY B 80 18.79 12.17 7.23
N SER B 81 17.60 12.61 7.62
CA SER B 81 16.82 13.53 6.82
C SER B 81 17.48 14.91 6.83
N ARG B 82 17.97 15.30 8.01
CA ARG B 82 18.69 16.56 8.18
C ARG B 82 17.88 17.74 7.68
N SER B 83 16.88 18.12 8.45
CA SER B 83 16.03 19.24 8.11
C SER B 83 16.68 20.58 8.47
N HIS B 84 17.84 20.84 7.88
CA HIS B 84 18.55 22.10 8.10
C HIS B 84 18.50 22.93 6.82
N HIS B 85 17.40 22.79 6.09
CA HIS B 85 17.20 23.50 4.84
C HIS B 85 15.79 24.07 4.81
N HIS B 86 15.31 24.47 5.97
CA HIS B 86 13.90 24.85 6.14
C HIS B 86 13.66 26.29 5.69
N HIS B 87 14.07 26.60 4.47
CA HIS B 87 13.73 27.86 3.84
C HIS B 87 12.58 27.64 2.88
N HIS B 88 11.38 27.55 3.45
CA HIS B 88 10.18 27.19 2.71
C HIS B 88 10.30 25.75 2.23
N HIS B 89 10.95 24.93 3.04
CA HIS B 89 11.12 23.51 2.76
C HIS B 89 11.04 22.72 4.06
N GLY A 1 3.31 2.65 -11.28
CA GLY A 1 2.36 3.62 -11.88
C GLY A 1 1.63 3.04 -13.08
N SER A 2 1.83 3.66 -14.24
CA SER A 2 1.16 3.22 -15.46
C SER A 2 1.94 2.09 -16.13
N GLN A 3 1.77 0.88 -15.61
CA GLN A 3 2.46 -0.28 -16.16
C GLN A 3 1.77 -0.78 -17.43
N THR A 4 0.46 -0.59 -17.51
CA THR A 4 -0.29 -1.00 -18.68
C THR A 4 -0.25 0.07 -19.77
N THR A 5 -1.04 1.13 -19.60
CA THR A 5 -1.03 2.24 -20.55
C THR A 5 -1.24 3.57 -19.83
N ALA A 6 -2.46 3.80 -19.36
CA ALA A 6 -2.77 5.02 -18.62
C ALA A 6 -3.79 4.76 -17.52
N PRO A 7 -3.49 3.85 -16.58
CA PRO A 7 -4.37 3.53 -15.48
C PRO A 7 -4.10 4.42 -14.27
N ASP A 8 -5.16 4.75 -13.55
CA ASP A 8 -5.05 5.57 -12.36
C ASP A 8 -4.66 4.73 -11.15
N ALA A 9 -3.56 4.01 -11.30
CA ALA A 9 -3.05 3.13 -10.25
C ALA A 9 -2.42 3.94 -9.14
N PRO A 10 -2.73 3.61 -7.88
CA PRO A 10 -2.12 4.25 -6.72
C PRO A 10 -0.59 4.07 -6.72
N PRO A 11 0.15 5.19 -6.62
CA PRO A 11 1.61 5.17 -6.58
C PRO A 11 2.16 4.36 -5.42
N ASP A 12 3.49 4.19 -5.40
CA ASP A 12 4.19 3.36 -4.43
C ASP A 12 3.71 3.61 -3.01
N PRO A 13 3.09 2.60 -2.38
CA PRO A 13 2.63 2.69 -1.00
C PRO A 13 3.80 2.77 -0.04
N THR A 14 3.85 3.84 0.74
CA THR A 14 4.93 4.06 1.66
C THR A 14 4.46 3.78 3.08
N VAL A 15 5.25 3.01 3.82
CA VAL A 15 4.91 2.71 5.18
C VAL A 15 5.61 3.67 6.14
N ASP A 16 4.81 4.49 6.80
CA ASP A 16 5.32 5.45 7.77
C ASP A 16 4.96 4.99 9.18
N GLN A 17 5.75 5.43 10.15
CA GLN A 17 5.47 5.18 11.56
C GLN A 17 5.35 3.68 11.83
N VAL A 18 6.48 2.98 11.79
CA VAL A 18 6.50 1.55 12.04
C VAL A 18 6.63 1.27 13.53
N ASP A 19 5.62 0.60 14.08
CA ASP A 19 5.63 0.22 15.48
C ASP A 19 6.19 -1.20 15.63
N ASP A 20 5.89 -1.85 16.75
CA ASP A 20 6.30 -3.23 16.95
C ASP A 20 5.38 -4.16 16.18
N THR A 21 4.08 -3.97 16.35
CA THR A 21 3.10 -4.86 15.74
C THR A 21 2.11 -4.10 14.85
N SER A 22 2.40 -2.85 14.56
CA SER A 22 1.51 -2.05 13.73
C SER A 22 2.30 -1.09 12.85
N ILE A 23 1.73 -0.75 11.70
CA ILE A 23 2.34 0.21 10.79
C ILE A 23 1.26 1.12 10.20
N VAL A 24 1.67 2.24 9.64
CA VAL A 24 0.77 3.05 8.86
C VAL A 24 1.16 2.95 7.39
N VAL A 25 0.40 2.18 6.64
CA VAL A 25 0.66 1.98 5.23
C VAL A 25 -0.14 3.00 4.41
N ARG A 26 0.57 3.87 3.73
CA ARG A 26 -0.05 4.98 3.02
C ARG A 26 0.08 4.81 1.52
N TRP A 27 -0.97 5.18 0.80
CA TRP A 27 -0.94 5.14 -0.65
C TRP A 27 -1.22 6.53 -1.21
N SER A 28 -0.40 6.95 -2.16
CA SER A 28 -0.50 8.26 -2.73
C SER A 28 -1.68 8.36 -3.69
N ARG A 29 -2.12 9.58 -3.95
CA ARG A 29 -3.20 9.81 -4.91
C ARG A 29 -2.68 9.69 -6.32
N PRO A 30 -3.31 8.83 -7.14
CA PRO A 30 -2.90 8.59 -8.53
C PRO A 30 -2.97 9.85 -9.37
N MET B 1 -10.06 20.32 -2.24
CA MET B 1 -8.78 21.07 -2.32
C MET B 1 -8.74 21.90 -3.60
N ARG B 2 -8.52 21.25 -4.73
CA ARG B 2 -8.54 21.93 -6.01
C ARG B 2 -9.97 22.04 -6.53
N GLY B 3 -10.77 22.80 -5.81
CA GLY B 3 -12.19 22.88 -6.10
C GLY B 3 -12.99 22.04 -5.14
N SER B 4 -14.27 22.37 -4.98
CA SER B 4 -15.13 21.64 -4.07
C SER B 4 -15.58 20.34 -4.72
N ASN B 5 -15.16 19.22 -4.13
CA ASN B 5 -15.51 17.90 -4.63
C ASN B 5 -15.09 17.73 -6.08
N ALA B 6 -13.78 17.66 -6.30
CA ALA B 6 -13.24 17.48 -7.63
C ALA B 6 -13.59 16.10 -8.16
N PRO B 7 -14.42 16.05 -9.23
CA PRO B 7 -14.91 14.79 -9.82
C PRO B 7 -13.79 13.79 -10.09
N GLN B 8 -13.90 12.62 -9.49
CA GLN B 8 -12.92 11.56 -9.69
C GLN B 8 -13.43 10.56 -10.72
N PRO B 9 -12.88 10.59 -11.95
CA PRO B 9 -13.26 9.66 -13.01
C PRO B 9 -12.96 8.22 -12.64
N SER B 10 -11.76 8.00 -12.08
CA SER B 10 -11.38 6.69 -11.60
C SER B 10 -12.30 6.27 -10.45
N HIS B 11 -12.40 7.15 -9.45
CA HIS B 11 -13.28 6.96 -8.30
C HIS B 11 -13.05 5.59 -7.66
N ILE B 12 -11.99 5.50 -6.86
CA ILE B 12 -11.70 4.27 -6.15
C ILE B 12 -12.78 4.01 -5.12
N SER B 13 -13.54 2.94 -5.33
CA SER B 13 -14.63 2.58 -4.45
C SER B 13 -14.10 2.09 -3.11
N LYS B 14 -13.01 1.33 -3.15
CA LYS B 14 -12.41 0.79 -1.95
C LYS B 14 -11.00 0.28 -2.23
N TYR B 15 -10.16 0.31 -1.21
CA TYR B 15 -8.81 -0.21 -1.29
C TYR B 15 -8.73 -1.51 -0.49
N ILE B 16 -8.21 -2.55 -1.11
CA ILE B 16 -8.05 -3.83 -0.43
C ILE B 16 -6.58 -4.05 -0.08
N LEU B 17 -6.32 -4.13 1.21
CA LEU B 17 -4.97 -4.39 1.70
C LEU B 17 -4.84 -5.86 2.05
N ARG B 18 -4.01 -6.57 1.31
CA ARG B 18 -3.74 -7.97 1.61
C ARG B 18 -2.26 -8.17 1.89
N TRP B 19 -1.96 -8.77 3.03
CA TRP B 19 -0.58 -8.97 3.45
C TRP B 19 -0.40 -10.32 4.09
N ARG B 20 0.84 -10.79 4.13
CA ARG B 20 1.19 -12.03 4.80
C ARG B 20 2.66 -12.03 5.16
N PRO B 21 3.02 -12.64 6.30
CA PRO B 21 4.42 -12.73 6.72
C PRO B 21 5.21 -13.65 5.81
N LYS B 22 6.47 -13.29 5.56
CA LYS B 22 7.35 -14.05 4.67
C LYS B 22 7.57 -15.48 5.17
N ASN B 23 7.31 -15.71 6.44
CA ASN B 23 7.47 -17.03 7.01
C ASN B 23 6.23 -17.89 6.76
N SER B 24 5.21 -17.29 6.17
CA SER B 24 3.99 -18.02 5.85
C SER B 24 3.60 -17.78 4.38
N VAL B 25 3.53 -18.86 3.62
CA VAL B 25 3.17 -18.78 2.22
C VAL B 25 1.68 -19.14 2.06
N GLY B 26 0.95 -19.03 3.15
CA GLY B 26 -0.45 -19.41 3.15
C GLY B 26 -1.38 -18.28 2.76
N ARG B 27 -2.38 -18.03 3.60
CA ARG B 27 -3.43 -17.08 3.30
C ARG B 27 -2.96 -15.64 3.41
N TRP B 28 -3.56 -14.78 2.61
CA TRP B 28 -3.34 -13.34 2.70
C TRP B 28 -4.37 -12.73 3.63
N LYS B 29 -3.93 -11.91 4.56
CA LYS B 29 -4.85 -11.23 5.46
C LYS B 29 -5.48 -10.06 4.71
N GLU B 30 -6.78 -9.91 4.85
CA GLU B 30 -7.52 -8.95 4.04
C GLU B 30 -8.08 -7.81 4.88
N ALA B 31 -8.00 -6.60 4.34
CA ALA B 31 -8.60 -5.43 4.95
C ALA B 31 -9.21 -4.55 3.88
N THR B 32 -10.39 -4.01 4.16
CA THR B 32 -11.07 -3.14 3.20
C THR B 32 -11.10 -1.70 3.70
N ILE B 33 -10.46 -0.82 2.96
CA ILE B 33 -10.38 0.59 3.33
C ILE B 33 -11.18 1.44 2.35
N PRO B 34 -12.02 2.35 2.85
CA PRO B 34 -12.75 3.31 2.01
C PRO B 34 -11.80 4.08 1.09
N GLY B 35 -12.23 4.26 -0.17
CA GLY B 35 -11.40 4.91 -1.17
C GLY B 35 -11.09 6.36 -0.83
N HIS B 36 -11.80 6.89 0.15
CA HIS B 36 -11.57 8.24 0.64
C HIS B 36 -10.30 8.30 1.50
N LEU B 37 -9.92 7.18 2.08
CA LEU B 37 -8.75 7.14 2.95
C LEU B 37 -7.49 6.87 2.14
N ASN B 38 -6.35 7.30 2.68
CA ASN B 38 -5.07 7.12 2.01
C ASN B 38 -4.06 6.47 2.93
N SER B 39 -4.53 5.97 4.06
CA SER B 39 -3.64 5.36 5.04
C SER B 39 -4.39 4.33 5.88
N TYR B 40 -3.76 3.18 6.08
CA TYR B 40 -4.32 2.14 6.91
C TYR B 40 -3.32 1.74 7.98
N THR B 41 -3.80 1.52 9.19
CA THR B 41 -2.93 1.09 10.27
C THR B 41 -3.09 -0.41 10.48
N ILE B 42 -2.15 -1.18 9.91
CA ILE B 42 -2.19 -2.63 10.02
C ILE B 42 -1.84 -3.04 11.44
N LYS B 43 -2.67 -3.88 12.03
CA LYS B 43 -2.49 -4.30 13.41
C LYS B 43 -2.35 -5.81 13.50
N GLY B 44 -1.47 -6.27 14.37
CA GLY B 44 -1.27 -7.70 14.53
C GLY B 44 -0.05 -8.21 13.80
N LEU B 45 0.83 -7.29 13.41
CA LEU B 45 2.06 -7.66 12.73
C LEU B 45 3.07 -8.20 13.76
N LYS B 46 4.14 -8.79 13.28
CA LYS B 46 5.16 -9.37 14.14
C LYS B 46 6.49 -8.65 13.97
N PRO B 47 7.11 -8.23 15.08
CA PRO B 47 8.41 -7.55 15.04
C PRO B 47 9.53 -8.48 14.58
N GLY B 48 10.33 -8.00 13.63
CA GLY B 48 11.45 -8.78 13.15
C GLY B 48 11.08 -9.67 11.97
N VAL B 49 9.85 -9.55 11.52
CA VAL B 49 9.35 -10.38 10.42
C VAL B 49 9.06 -9.54 9.19
N VAL B 50 9.47 -10.02 8.03
CA VAL B 50 9.22 -9.35 6.77
C VAL B 50 7.86 -9.77 6.22
N TYR B 51 7.18 -8.85 5.56
CA TYR B 51 5.84 -9.12 5.07
C TYR B 51 5.71 -8.85 3.57
N GLU B 52 4.79 -9.55 2.95
CA GLU B 52 4.40 -9.29 1.58
C GLU B 52 3.06 -8.56 1.59
N GLY B 53 2.87 -7.64 0.68
CA GLY B 53 1.63 -6.88 0.65
C GLY B 53 1.33 -6.29 -0.70
N GLN B 54 0.07 -6.29 -1.08
CA GLN B 54 -0.37 -5.68 -2.32
C GLN B 54 -1.58 -4.78 -2.07
N LEU B 55 -1.51 -3.56 -2.58
CA LEU B 55 -2.61 -2.62 -2.47
C LEU B 55 -3.49 -2.74 -3.70
N ILE B 56 -4.67 -3.31 -3.52
CA ILE B 56 -5.58 -3.55 -4.62
C ILE B 56 -6.65 -2.47 -4.65
N SER B 57 -6.62 -1.63 -5.67
CA SER B 57 -7.60 -0.56 -5.78
C SER B 57 -8.75 -0.98 -6.71
N ILE B 58 -9.98 -0.86 -6.20
CA ILE B 58 -11.17 -1.15 -6.99
C ILE B 58 -11.81 0.16 -7.42
N GLN B 59 -11.77 0.45 -8.71
CA GLN B 59 -12.25 1.73 -9.21
C GLN B 59 -13.66 1.63 -9.77
N GLN B 60 -14.19 2.75 -10.24
CA GLN B 60 -15.55 2.83 -10.74
C GLN B 60 -15.74 1.96 -11.98
N TYR B 61 -14.80 2.04 -12.91
CA TYR B 61 -14.90 1.30 -14.17
C TYR B 61 -14.48 -0.16 -13.99
N GLY B 62 -14.43 -0.60 -12.74
CA GLY B 62 -14.06 -1.97 -12.45
C GLY B 62 -12.58 -2.20 -12.60
N HIS B 63 -11.80 -1.11 -12.64
CA HIS B 63 -10.35 -1.22 -12.74
C HIS B 63 -9.77 -1.72 -11.45
N GLN B 64 -9.09 -2.84 -11.52
CA GLN B 64 -8.27 -3.28 -10.41
C GLN B 64 -6.83 -2.93 -10.70
N GLU B 65 -6.26 -2.10 -9.86
CA GLU B 65 -4.86 -1.77 -9.96
C GLU B 65 -4.15 -2.25 -8.70
N VAL B 66 -3.27 -3.22 -8.87
CA VAL B 66 -2.60 -3.83 -7.74
C VAL B 66 -1.17 -3.32 -7.63
N THR B 67 -0.92 -2.49 -6.65
CA THR B 67 0.40 -1.96 -6.41
C THR B 67 1.09 -2.75 -5.30
N ARG B 68 2.09 -3.53 -5.68
CA ARG B 68 2.79 -4.40 -4.75
C ARG B 68 3.80 -3.60 -3.93
N PHE B 69 3.82 -3.81 -2.63
CA PHE B 69 4.75 -3.10 -1.76
C PHE B 69 5.39 -4.05 -0.76
N ASP B 70 6.56 -3.68 -0.28
CA ASP B 70 7.29 -4.50 0.67
C ASP B 70 7.45 -3.75 1.98
N PHE B 71 7.35 -4.45 3.09
CA PHE B 71 7.46 -3.83 4.40
C PHE B 71 7.85 -4.84 5.47
N THR B 72 8.18 -4.35 6.65
CA THR B 72 8.56 -5.20 7.76
C THR B 72 8.46 -4.40 9.07
N THR B 73 7.95 -5.06 10.10
CA THR B 73 7.76 -4.42 11.39
C THR B 73 9.01 -4.49 12.26
N THR B 74 9.55 -3.32 12.61
CA THR B 74 10.64 -3.21 13.59
C THR B 74 12.01 -3.61 13.00
N SER B 75 12.00 -4.30 11.86
CA SER B 75 13.23 -4.79 11.25
C SER B 75 13.98 -3.68 10.51
N THR B 76 13.93 -2.47 11.06
CA THR B 76 14.62 -1.33 10.46
C THR B 76 16.03 -1.22 11.00
N SER B 77 16.32 -2.03 12.02
CA SER B 77 17.62 -2.02 12.67
C SER B 77 18.62 -2.86 11.86
N THR B 78 18.78 -2.52 10.60
CA THR B 78 19.71 -3.21 9.72
C THR B 78 21.14 -2.71 9.95
N PRO B 79 22.14 -3.59 9.80
CA PRO B 79 23.55 -3.21 9.95
C PRO B 79 24.02 -2.24 8.88
N GLY B 80 23.86 -0.95 9.16
CA GLY B 80 24.31 0.07 8.24
C GLY B 80 25.43 0.89 8.82
N SER B 81 25.17 2.18 9.05
CA SER B 81 26.15 3.10 9.61
C SER B 81 27.41 3.12 8.74
N ARG B 82 27.21 3.12 7.43
CA ARG B 82 28.32 3.11 6.49
C ARG B 82 28.49 4.48 5.85
N SER B 83 27.73 5.45 6.35
CA SER B 83 27.71 6.80 5.81
C SER B 83 27.22 6.79 4.36
N HIS B 84 26.44 5.77 4.03
CA HIS B 84 25.94 5.59 2.66
C HIS B 84 24.46 5.19 2.67
N HIS B 85 23.65 5.93 3.42
CA HIS B 85 22.22 5.63 3.46
C HIS B 85 21.41 6.76 2.83
N HIS B 86 22.08 7.56 2.00
CA HIS B 86 21.39 8.57 1.20
C HIS B 86 21.48 8.17 -0.27
N HIS B 87 21.37 6.88 -0.50
CA HIS B 87 21.49 6.30 -1.83
C HIS B 87 20.31 6.72 -2.70
N HIS B 88 20.60 7.39 -3.81
CA HIS B 88 19.59 7.81 -4.76
C HIS B 88 19.52 6.83 -5.92
N HIS B 89 18.55 7.02 -6.79
CA HIS B 89 18.47 6.23 -8.00
C HIS B 89 19.07 7.02 -9.15
N GLY A 1 -0.95 21.12 -11.90
CA GLY A 1 -0.95 19.70 -11.47
C GLY A 1 0.42 19.08 -11.58
N SER A 2 0.48 17.75 -11.53
CA SER A 2 1.73 17.04 -11.67
C SER A 2 2.18 17.06 -13.12
N GLN A 3 1.26 16.74 -14.01
CA GLN A 3 1.47 16.80 -15.46
C GLN A 3 0.18 16.41 -16.17
N THR A 4 -0.24 15.19 -15.91
CA THR A 4 -1.46 14.65 -16.48
C THR A 4 -2.33 14.07 -15.37
N THR A 5 -3.43 14.76 -15.06
CA THR A 5 -4.32 14.33 -14.00
C THR A 5 -5.18 13.14 -14.46
N ALA A 6 -4.54 12.01 -14.63
CA ALA A 6 -5.23 10.77 -14.98
C ALA A 6 -4.43 9.55 -14.52
N PRO A 7 -4.16 9.42 -13.21
CA PRO A 7 -3.43 8.28 -12.66
C PRO A 7 -4.37 7.11 -12.35
N ASP A 8 -3.83 5.90 -12.40
CA ASP A 8 -4.63 4.70 -12.15
C ASP A 8 -4.25 4.06 -10.82
N ALA A 9 -2.95 3.86 -10.61
CA ALA A 9 -2.47 3.19 -9.42
C ALA A 9 -1.69 4.16 -8.53
N PRO A 10 -1.85 4.05 -7.21
CA PRO A 10 -1.10 4.87 -6.24
C PRO A 10 0.41 4.67 -6.38
N PRO A 11 1.17 5.78 -6.53
CA PRO A 11 2.62 5.74 -6.81
C PRO A 11 3.39 4.72 -6.00
N ASP A 12 3.37 4.87 -4.68
CA ASP A 12 4.12 3.99 -3.79
C ASP A 12 3.46 3.88 -2.43
N PRO A 13 3.02 2.68 -2.04
CA PRO A 13 2.56 2.41 -0.69
C PRO A 13 3.73 2.33 0.27
N THR A 14 3.79 3.27 1.20
CA THR A 14 4.92 3.39 2.10
C THR A 14 4.52 3.00 3.51
N VAL A 15 5.41 2.33 4.21
CA VAL A 15 5.15 1.93 5.58
C VAL A 15 5.75 2.94 6.55
N ASP A 16 4.89 3.66 7.26
CA ASP A 16 5.33 4.66 8.23
C ASP A 16 4.79 4.34 9.61
N GLN A 17 5.33 5.01 10.61
CA GLN A 17 4.84 4.94 12.00
C GLN A 17 4.73 3.50 12.49
N VAL A 18 5.87 2.82 12.53
CA VAL A 18 5.91 1.44 12.99
C VAL A 18 5.92 1.38 14.52
N ASP A 19 4.84 0.85 15.08
CA ASP A 19 4.73 0.68 16.52
C ASP A 19 5.37 -0.63 16.94
N ASP A 20 4.85 -1.22 18.01
CA ASP A 20 5.32 -2.52 18.48
C ASP A 20 5.02 -3.60 17.43
N THR A 21 3.77 -3.64 16.98
CA THR A 21 3.36 -4.59 15.95
C THR A 21 2.25 -4.02 15.08
N SER A 22 2.32 -2.73 14.80
CA SER A 22 1.34 -2.07 13.94
C SER A 22 2.01 -0.98 13.11
N ILE A 23 1.56 -0.82 11.88
CA ILE A 23 2.14 0.17 10.99
C ILE A 23 1.07 1.07 10.40
N VAL A 24 1.50 2.13 9.75
CA VAL A 24 0.62 2.94 8.93
C VAL A 24 1.09 2.88 7.48
N VAL A 25 0.37 2.14 6.66
CA VAL A 25 0.71 2.04 5.25
C VAL A 25 0.02 3.15 4.48
N ARG A 26 0.82 4.07 3.96
CA ARG A 26 0.30 5.26 3.31
C ARG A 26 0.39 5.14 1.79
N TRP A 27 -0.59 5.68 1.11
CA TRP A 27 -0.60 5.71 -0.34
C TRP A 27 -1.22 7.01 -0.84
N SER A 28 -0.74 7.50 -1.97
CA SER A 28 -1.30 8.69 -2.57
C SER A 28 -2.29 8.28 -3.65
N ARG A 29 -3.57 8.55 -3.42
CA ARG A 29 -4.59 8.19 -4.39
C ARG A 29 -4.49 9.07 -5.62
N PRO A 30 -4.88 8.53 -6.79
CA PRO A 30 -4.90 9.30 -8.04
C PRO A 30 -5.68 10.61 -7.90
N MET B 1 -12.54 21.32 -19.01
CA MET B 1 -13.38 21.58 -17.82
C MET B 1 -14.22 22.82 -18.04
N ARG B 2 -15.53 22.64 -18.10
CA ARG B 2 -16.46 23.74 -18.31
C ARG B 2 -17.74 23.54 -17.50
N GLY B 3 -17.61 22.81 -16.40
CA GLY B 3 -18.74 22.57 -15.54
C GLY B 3 -18.40 22.82 -14.08
N SER B 4 -19.21 22.31 -13.17
CA SER B 4 -18.98 22.49 -11.75
C SER B 4 -18.01 21.42 -11.23
N ASN B 5 -18.23 20.18 -11.64
CA ASN B 5 -17.37 19.07 -11.27
C ASN B 5 -16.98 18.28 -12.50
N ALA B 6 -15.72 17.85 -12.55
CA ALA B 6 -15.23 17.05 -13.65
C ALA B 6 -15.40 15.57 -13.34
N PRO B 7 -16.08 14.82 -14.22
CA PRO B 7 -16.27 13.38 -14.04
C PRO B 7 -14.94 12.63 -14.13
N GLN B 8 -14.46 12.16 -12.99
CA GLN B 8 -13.17 11.51 -12.93
C GLN B 8 -13.30 9.99 -12.99
N PRO B 9 -12.80 9.38 -14.07
CA PRO B 9 -12.83 7.93 -14.23
C PRO B 9 -11.85 7.25 -13.27
N SER B 10 -10.85 8.01 -12.85
CA SER B 10 -9.77 7.49 -12.03
C SER B 10 -10.08 7.58 -10.54
N HIS B 11 -11.36 7.67 -10.18
CA HIS B 11 -11.71 7.70 -8.77
C HIS B 11 -11.85 6.29 -8.23
N ILE B 12 -11.22 6.05 -7.08
CA ILE B 12 -11.19 4.71 -6.48
C ILE B 12 -12.40 4.51 -5.58
N SER B 13 -13.03 3.35 -5.71
CA SER B 13 -14.22 3.02 -4.95
C SER B 13 -13.85 2.41 -3.60
N LYS B 14 -12.75 1.63 -3.60
CA LYS B 14 -12.28 0.99 -2.38
C LYS B 14 -10.85 0.49 -2.58
N TYR B 15 -10.11 0.40 -1.48
CA TYR B 15 -8.76 -0.15 -1.51
C TYR B 15 -8.75 -1.49 -0.80
N ILE B 16 -8.18 -2.50 -1.43
CA ILE B 16 -8.05 -3.82 -0.82
C ILE B 16 -6.61 -4.04 -0.39
N LEU B 17 -6.41 -4.10 0.92
CA LEU B 17 -5.09 -4.31 1.50
C LEU B 17 -4.92 -5.77 1.85
N ARG B 18 -3.97 -6.44 1.23
CA ARG B 18 -3.70 -7.84 1.52
C ARG B 18 -2.23 -8.04 1.82
N TRP B 19 -1.91 -8.72 2.91
CA TRP B 19 -0.53 -8.97 3.27
C TRP B 19 -0.36 -10.40 3.78
N ARG B 20 0.78 -10.99 3.48
CA ARG B 20 1.12 -12.31 3.96
C ARG B 20 2.54 -12.35 4.49
N PRO B 21 2.76 -12.93 5.67
CA PRO B 21 4.09 -13.15 6.22
C PRO B 21 4.80 -14.26 5.47
N LYS B 22 6.07 -14.03 5.13
CA LYS B 22 6.87 -14.99 4.39
C LYS B 22 7.07 -16.29 5.16
N ASN B 23 6.93 -16.22 6.48
CA ASN B 23 7.04 -17.39 7.34
C ASN B 23 5.74 -18.17 7.37
N SER B 24 4.69 -17.57 6.85
CA SER B 24 3.38 -18.21 6.80
C SER B 24 3.13 -18.77 5.41
N VAL B 25 2.49 -19.92 5.35
CA VAL B 25 2.21 -20.57 4.08
C VAL B 25 0.69 -20.65 3.86
N GLY B 26 -0.04 -19.87 4.64
CA GLY B 26 -1.49 -19.90 4.56
C GLY B 26 -2.05 -18.93 3.55
N ARG B 27 -2.99 -18.11 3.97
CA ARG B 27 -3.67 -17.19 3.09
C ARG B 27 -3.17 -15.77 3.28
N TRP B 28 -3.54 -14.89 2.36
CA TRP B 28 -3.27 -13.47 2.48
C TRP B 28 -4.25 -12.85 3.45
N LYS B 29 -3.75 -12.11 4.43
CA LYS B 29 -4.63 -11.40 5.35
C LYS B 29 -5.17 -10.17 4.66
N GLU B 30 -6.48 -9.99 4.68
CA GLU B 30 -7.13 -8.97 3.88
C GLU B 30 -7.84 -7.94 4.74
N ALA B 31 -7.89 -6.72 4.23
CA ALA B 31 -8.63 -5.64 4.86
C ALA B 31 -9.22 -4.74 3.78
N THR B 32 -10.35 -4.13 4.07
CA THR B 32 -11.00 -3.24 3.10
C THR B 32 -10.97 -1.80 3.60
N ILE B 33 -10.42 -0.92 2.78
CA ILE B 33 -10.34 0.49 3.11
C ILE B 33 -11.21 1.30 2.18
N PRO B 34 -12.09 2.15 2.74
CA PRO B 34 -12.95 3.05 1.95
C PRO B 34 -12.15 3.86 0.92
N GLY B 35 -12.71 4.02 -0.27
CA GLY B 35 -12.00 4.67 -1.37
C GLY B 35 -11.92 6.17 -1.23
N HIS B 36 -11.43 6.63 -0.08
CA HIS B 36 -11.23 8.05 0.17
C HIS B 36 -10.27 8.25 1.34
N LEU B 37 -9.48 7.23 1.61
CA LEU B 37 -8.47 7.30 2.67
C LEU B 37 -7.09 7.14 2.05
N ASN B 38 -6.06 7.52 2.80
CA ASN B 38 -4.70 7.51 2.28
C ASN B 38 -3.79 6.59 3.10
N SER B 39 -4.33 5.97 4.13
CA SER B 39 -3.51 5.12 4.98
C SER B 39 -4.36 4.11 5.74
N TYR B 40 -3.72 3.04 6.18
CA TYR B 40 -4.38 2.03 6.99
C TYR B 40 -3.43 1.50 8.05
N THR B 41 -3.94 1.32 9.25
CA THR B 41 -3.15 0.78 10.34
C THR B 41 -3.19 -0.75 10.34
N ILE B 42 -2.16 -1.37 9.80
CA ILE B 42 -2.06 -2.82 9.79
C ILE B 42 -1.52 -3.30 11.13
N LYS B 43 -2.29 -4.12 11.82
CA LYS B 43 -1.90 -4.61 13.12
C LYS B 43 -1.55 -6.09 13.06
N GLY B 44 -0.41 -6.44 13.61
CA GLY B 44 0.05 -7.82 13.59
C GLY B 44 1.32 -7.98 12.79
N LEU B 45 2.04 -6.88 12.58
CA LEU B 45 3.29 -6.92 11.84
C LEU B 45 4.49 -6.83 12.77
N LYS B 46 5.35 -7.82 12.68
CA LYS B 46 6.58 -7.82 13.46
C LYS B 46 7.70 -7.14 12.69
N PRO B 47 8.30 -6.08 13.25
CA PRO B 47 9.41 -5.38 12.61
C PRO B 47 10.63 -6.29 12.42
N GLY B 48 11.01 -6.50 11.18
CA GLY B 48 12.14 -7.37 10.89
C GLY B 48 11.70 -8.61 10.18
N VAL B 49 10.42 -8.92 10.29
CA VAL B 49 9.83 -10.06 9.60
C VAL B 49 9.34 -9.61 8.23
N VAL B 50 9.65 -10.40 7.21
CA VAL B 50 9.31 -10.02 5.84
C VAL B 50 7.84 -10.31 5.55
N TYR B 51 7.09 -9.26 5.30
CA TYR B 51 5.70 -9.38 4.89
C TYR B 51 5.54 -8.90 3.46
N GLU B 52 4.80 -9.65 2.66
CA GLU B 52 4.47 -9.22 1.31
C GLU B 52 3.04 -8.72 1.28
N GLY B 53 2.82 -7.58 0.66
CA GLY B 53 1.47 -7.04 0.61
C GLY B 53 1.17 -6.32 -0.67
N GLN B 54 -0.11 -6.17 -0.94
CA GLN B 54 -0.57 -5.54 -2.16
C GLN B 54 -1.72 -4.60 -1.87
N LEU B 55 -1.65 -3.42 -2.45
CA LEU B 55 -2.73 -2.45 -2.37
C LEU B 55 -3.51 -2.49 -3.69
N ILE B 56 -4.66 -3.14 -3.68
CA ILE B 56 -5.46 -3.26 -4.88
C ILE B 56 -6.58 -2.21 -4.86
N SER B 57 -6.50 -1.27 -5.77
CA SER B 57 -7.50 -0.21 -5.86
C SER B 57 -8.55 -0.56 -6.91
N ILE B 58 -9.82 -0.41 -6.56
CA ILE B 58 -10.90 -0.64 -7.49
C ILE B 58 -11.39 0.70 -8.03
N GLN B 59 -11.44 0.84 -9.34
CA GLN B 59 -11.88 2.09 -9.95
C GLN B 59 -13.35 2.04 -10.34
N GLN B 60 -13.81 3.13 -10.95
CA GLN B 60 -15.20 3.27 -11.37
C GLN B 60 -15.63 2.11 -12.27
N TYR B 61 -14.78 1.74 -13.22
CA TYR B 61 -15.13 0.72 -14.21
C TYR B 61 -14.82 -0.68 -13.70
N GLY B 62 -14.56 -0.79 -12.40
CA GLY B 62 -14.23 -2.08 -11.83
C GLY B 62 -12.82 -2.51 -12.18
N HIS B 63 -12.01 -1.54 -12.62
CA HIS B 63 -10.63 -1.82 -12.99
C HIS B 63 -9.80 -1.96 -11.74
N GLN B 64 -9.03 -3.04 -11.65
CA GLN B 64 -8.25 -3.33 -10.45
C GLN B 64 -6.81 -2.91 -10.65
N GLU B 65 -6.33 -2.02 -9.79
CA GLU B 65 -4.95 -1.61 -9.80
C GLU B 65 -4.21 -2.22 -8.63
N VAL B 66 -3.26 -3.10 -8.92
CA VAL B 66 -2.55 -3.81 -7.87
C VAL B 66 -1.15 -3.25 -7.68
N THR B 67 -0.97 -2.54 -6.57
CA THR B 67 0.33 -1.98 -6.24
C THR B 67 0.97 -2.77 -5.10
N ARG B 68 2.04 -3.48 -5.40
CA ARG B 68 2.66 -4.37 -4.42
C ARG B 68 3.67 -3.62 -3.55
N PHE B 69 3.82 -4.06 -2.31
CA PHE B 69 4.78 -3.50 -1.37
C PHE B 69 5.24 -4.56 -0.38
N ASP B 70 6.17 -4.19 0.50
CA ASP B 70 6.68 -5.12 1.50
C ASP B 70 6.97 -4.38 2.80
N PHE B 71 7.23 -5.12 3.87
CA PHE B 71 7.56 -4.52 5.16
C PHE B 71 8.82 -5.15 5.75
N THR B 72 9.71 -4.27 6.24
CA THR B 72 11.00 -4.65 6.83
C THR B 72 11.72 -5.77 6.07
N THR B 73 11.79 -5.63 4.75
CA THR B 73 12.60 -6.51 3.94
C THR B 73 13.95 -5.86 3.69
N THR B 74 13.94 -4.53 3.58
CA THR B 74 15.14 -3.76 3.33
C THR B 74 15.93 -3.54 4.62
N SER B 75 16.45 -4.63 5.17
CA SER B 75 17.19 -4.56 6.41
C SER B 75 18.69 -4.36 6.15
N THR B 76 19.00 -3.69 5.06
CA THR B 76 20.37 -3.39 4.70
C THR B 76 20.88 -2.16 5.43
N SER B 77 20.81 -2.20 6.76
CA SER B 77 21.29 -1.10 7.59
C SER B 77 22.82 -1.16 7.66
N THR B 78 23.34 -2.36 7.80
CA THR B 78 24.77 -2.61 7.75
C THR B 78 25.05 -3.87 6.93
N PRO B 79 25.07 -3.73 5.59
CA PRO B 79 25.30 -4.86 4.69
C PRO B 79 26.77 -5.24 4.58
N GLY B 80 27.03 -6.53 4.45
CA GLY B 80 28.39 -7.00 4.33
C GLY B 80 28.92 -6.85 2.92
N SER B 81 29.94 -6.03 2.76
CA SER B 81 30.49 -5.74 1.44
C SER B 81 31.64 -6.70 1.11
N ARG B 82 32.64 -6.76 1.99
CA ARG B 82 33.82 -7.61 1.78
C ARG B 82 34.49 -7.25 0.46
N SER B 83 35.18 -6.12 0.45
CA SER B 83 35.76 -5.57 -0.78
C SER B 83 36.82 -6.49 -1.38
N HIS B 84 37.50 -7.26 -0.53
CA HIS B 84 38.54 -8.17 -0.98
C HIS B 84 37.93 -9.36 -1.73
N HIS B 85 36.61 -9.48 -1.66
CA HIS B 85 35.91 -10.56 -2.36
C HIS B 85 35.36 -10.06 -3.69
N HIS B 86 35.85 -8.91 -4.14
CA HIS B 86 35.41 -8.35 -5.41
C HIS B 86 36.59 -8.19 -6.36
N HIS B 87 36.68 -9.06 -7.36
CA HIS B 87 37.74 -8.97 -8.35
C HIS B 87 37.52 -7.75 -9.23
N HIS B 88 36.26 -7.37 -9.40
CA HIS B 88 35.92 -6.18 -10.19
C HIS B 88 36.12 -4.93 -9.36
N HIS B 89 37.37 -4.55 -9.20
CA HIS B 89 37.72 -3.35 -8.46
C HIS B 89 38.56 -2.45 -9.35
N GLY A 1 -1.08 18.63 -26.59
CA GLY A 1 -0.94 18.91 -25.15
C GLY A 1 0.22 18.14 -24.54
N SER A 2 0.73 18.65 -23.43
CA SER A 2 1.85 18.01 -22.76
C SER A 2 1.37 17.14 -21.60
N GLN A 3 0.49 17.70 -20.76
CA GLN A 3 0.02 16.98 -19.59
C GLN A 3 -1.06 15.99 -19.98
N THR A 4 -0.68 14.73 -20.11
CA THR A 4 -1.62 13.67 -20.43
C THR A 4 -1.52 12.55 -19.40
N THR A 5 -2.40 12.59 -18.42
CA THR A 5 -2.40 11.59 -17.37
C THR A 5 -2.97 10.27 -17.89
N ALA A 6 -2.45 9.16 -17.38
CA ALA A 6 -2.84 7.84 -17.84
C ALA A 6 -2.79 6.81 -16.71
N PRO A 7 -1.70 6.74 -15.91
CA PRO A 7 -1.60 5.78 -14.81
C PRO A 7 -2.69 5.99 -13.76
N ASP A 8 -3.67 5.09 -13.74
CA ASP A 8 -4.75 5.15 -12.77
C ASP A 8 -4.49 4.19 -11.63
N ALA A 9 -3.23 3.76 -11.52
CA ALA A 9 -2.80 2.91 -10.42
C ALA A 9 -2.16 3.75 -9.33
N PRO A 10 -2.49 3.49 -8.06
CA PRO A 10 -1.90 4.19 -6.92
C PRO A 10 -0.40 3.90 -6.82
N PRO A 11 0.43 4.96 -6.82
CA PRO A 11 1.89 4.84 -6.68
C PRO A 11 2.28 4.02 -5.44
N ASP A 12 3.46 3.41 -5.52
CA ASP A 12 3.97 2.52 -4.48
C ASP A 12 3.79 3.10 -3.09
N PRO A 13 2.98 2.43 -2.24
CA PRO A 13 2.69 2.87 -0.88
C PRO A 13 3.93 2.93 0.00
N THR A 14 3.94 3.86 0.93
CA THR A 14 5.06 4.01 1.85
C THR A 14 4.61 3.64 3.26
N VAL A 15 5.47 2.93 3.98
CA VAL A 15 5.17 2.51 5.33
C VAL A 15 5.87 3.39 6.35
N ASP A 16 5.09 4.04 7.20
CA ASP A 16 5.63 4.94 8.22
C ASP A 16 5.15 4.53 9.60
N GLN A 17 5.78 5.11 10.63
CA GLN A 17 5.42 4.89 12.03
C GLN A 17 5.23 3.41 12.34
N VAL A 18 6.33 2.69 12.37
CA VAL A 18 6.30 1.27 12.68
C VAL A 18 6.36 1.03 14.18
N ASP A 19 5.34 0.37 14.71
CA ASP A 19 5.28 0.03 16.13
C ASP A 19 5.75 -1.40 16.34
N ASP A 20 5.33 -1.99 17.45
CA ASP A 20 5.67 -3.38 17.75
C ASP A 20 4.98 -4.32 16.78
N THR A 21 3.68 -4.11 16.61
CA THR A 21 2.88 -4.97 15.74
C THR A 21 1.94 -4.17 14.83
N SER A 22 2.27 -2.90 14.59
CA SER A 22 1.43 -2.06 13.75
C SER A 22 2.26 -1.09 12.92
N ILE A 23 1.76 -0.78 11.73
CA ILE A 23 2.42 0.17 10.84
C ILE A 23 1.38 1.11 10.23
N VAL A 24 1.84 2.25 9.74
CA VAL A 24 0.98 3.13 8.97
C VAL A 24 1.35 3.05 7.50
N VAL A 25 0.51 2.39 6.72
CA VAL A 25 0.74 2.23 5.29
C VAL A 25 -0.13 3.23 4.52
N ARG A 26 0.52 4.10 3.77
CA ARG A 26 -0.18 5.13 3.02
C ARG A 26 0.22 5.08 1.55
N TRP A 27 -0.66 5.57 0.69
CA TRP A 27 -0.40 5.57 -0.75
C TRP A 27 -0.94 6.85 -1.39
N SER A 28 -0.52 7.11 -2.61
CA SER A 28 -0.91 8.33 -3.30
C SER A 28 -2.11 8.09 -4.21
N ARG A 29 -2.92 9.13 -4.38
CA ARG A 29 -4.07 9.07 -5.29
C ARG A 29 -3.60 9.12 -6.73
N PRO A 30 -4.21 8.33 -7.61
CA PRO A 30 -3.89 8.34 -9.04
C PRO A 30 -4.42 9.60 -9.73
N MET B 1 -21.64 13.50 -21.93
CA MET B 1 -20.36 14.18 -21.61
C MET B 1 -20.53 15.10 -20.42
N ARG B 2 -19.59 15.03 -19.48
CA ARG B 2 -19.63 15.84 -18.25
C ARG B 2 -20.96 15.67 -17.53
N GLY B 3 -21.42 14.43 -17.47
CA GLY B 3 -22.69 14.13 -16.85
C GLY B 3 -22.71 12.74 -16.27
N SER B 4 -21.75 12.47 -15.41
CA SER B 4 -21.59 11.14 -14.83
C SER B 4 -21.31 11.25 -13.33
N ASN B 5 -22.01 12.18 -12.68
CA ASN B 5 -21.85 12.43 -11.25
C ASN B 5 -20.39 12.77 -10.95
N ALA B 6 -19.93 13.86 -11.53
CA ALA B 6 -18.52 14.26 -11.45
C ALA B 6 -17.63 13.18 -12.06
N PRO B 7 -17.43 13.22 -13.38
CA PRO B 7 -16.66 12.21 -14.12
C PRO B 7 -15.17 12.19 -13.73
N GLN B 8 -14.87 11.48 -12.65
CA GLN B 8 -13.50 11.30 -12.24
C GLN B 8 -13.03 9.89 -12.55
N PRO B 9 -12.08 9.76 -13.48
CA PRO B 9 -11.45 8.48 -13.81
C PRO B 9 -10.86 7.83 -12.57
N SER B 10 -10.29 8.67 -11.72
CA SER B 10 -9.72 8.22 -10.46
C SER B 10 -10.81 8.20 -9.38
N HIS B 11 -11.83 7.38 -9.61
CA HIS B 11 -12.92 7.26 -8.65
C HIS B 11 -12.87 5.88 -8.00
N ILE B 12 -12.11 5.79 -6.93
CA ILE B 12 -11.95 4.53 -6.22
C ILE B 12 -13.06 4.38 -5.17
N SER B 13 -13.69 3.21 -5.14
CA SER B 13 -14.75 2.94 -4.19
C SER B 13 -14.17 2.39 -2.89
N LYS B 14 -13.14 1.56 -3.02
CA LYS B 14 -12.50 0.94 -1.86
C LYS B 14 -11.12 0.42 -2.20
N TYR B 15 -10.25 0.39 -1.21
CA TYR B 15 -8.93 -0.19 -1.35
C TYR B 15 -8.86 -1.48 -0.54
N ILE B 16 -8.24 -2.50 -1.12
CA ILE B 16 -8.06 -3.75 -0.40
C ILE B 16 -6.59 -3.94 -0.08
N LEU B 17 -6.26 -3.90 1.20
CA LEU B 17 -4.89 -4.09 1.66
C LEU B 17 -4.73 -5.54 2.09
N ARG B 18 -3.78 -6.24 1.47
CA ARG B 18 -3.53 -7.63 1.81
C ARG B 18 -2.06 -7.84 2.12
N TRP B 19 -1.79 -8.55 3.21
CA TRP B 19 -0.41 -8.79 3.62
C TRP B 19 -0.19 -10.26 3.96
N ARG B 20 1.03 -10.72 3.71
CA ARG B 20 1.42 -12.10 3.96
C ARG B 20 2.88 -12.16 4.40
N PRO B 21 3.19 -12.93 5.46
CA PRO B 21 4.57 -13.10 5.93
C PRO B 21 5.48 -13.69 4.84
N LYS B 22 6.66 -13.12 4.69
CA LYS B 22 7.63 -13.57 3.68
C LYS B 22 8.07 -15.01 3.94
N ASN B 23 8.12 -15.39 5.20
CA ASN B 23 8.59 -16.72 5.59
C ASN B 23 7.43 -17.71 5.70
N SER B 24 6.20 -17.20 5.75
CA SER B 24 5.04 -18.06 5.89
C SER B 24 4.00 -17.77 4.83
N VAL B 25 3.73 -18.76 3.99
CA VAL B 25 2.78 -18.59 2.92
C VAL B 25 1.36 -18.48 3.46
N GLY B 26 1.05 -19.32 4.46
CA GLY B 26 -0.22 -19.26 5.19
C GLY B 26 -1.40 -18.84 4.32
N ARG B 27 -1.91 -17.65 4.59
CA ARG B 27 -3.02 -17.10 3.85
C ARG B 27 -2.97 -15.57 3.91
N TRP B 28 -3.56 -14.92 2.91
CA TRP B 28 -3.56 -13.47 2.85
C TRP B 28 -4.66 -12.89 3.72
N LYS B 29 -4.31 -11.89 4.51
CA LYS B 29 -5.30 -11.17 5.31
C LYS B 29 -5.77 -9.96 4.51
N GLU B 30 -7.08 -9.78 4.41
CA GLU B 30 -7.64 -8.74 3.55
C GLU B 30 -8.36 -7.68 4.38
N ALA B 31 -7.97 -6.43 4.21
CA ALA B 31 -8.63 -5.33 4.88
C ALA B 31 -9.19 -4.35 3.85
N THR B 32 -10.40 -3.87 4.09
CA THR B 32 -11.04 -2.94 3.16
C THR B 32 -10.99 -1.52 3.70
N ILE B 33 -10.38 -0.64 2.92
CA ILE B 33 -10.28 0.77 3.28
C ILE B 33 -11.13 1.61 2.33
N PRO B 34 -11.97 2.50 2.87
CA PRO B 34 -12.77 3.42 2.05
C PRO B 34 -11.93 4.13 1.00
N GLY B 35 -12.46 4.22 -0.22
CA GLY B 35 -11.70 4.73 -1.34
C GLY B 35 -11.50 6.24 -1.32
N HIS B 36 -11.05 6.76 -0.19
CA HIS B 36 -10.80 8.18 -0.03
C HIS B 36 -10.02 8.46 1.25
N LEU B 37 -9.18 7.51 1.66
CA LEU B 37 -8.36 7.67 2.86
C LEU B 37 -6.89 7.64 2.51
N ASN B 38 -6.48 6.60 1.80
CA ASN B 38 -5.09 6.42 1.38
C ASN B 38 -4.16 6.27 2.57
N SER B 39 -4.68 5.74 3.66
CA SER B 39 -3.90 5.51 4.86
C SER B 39 -4.56 4.43 5.71
N TYR B 40 -3.76 3.47 6.17
CA TYR B 40 -4.27 2.39 7.01
C TYR B 40 -3.21 1.95 8.01
N THR B 41 -3.63 1.67 9.23
CA THR B 41 -2.72 1.17 10.24
C THR B 41 -2.93 -0.33 10.45
N ILE B 42 -2.06 -1.13 9.83
CA ILE B 42 -2.15 -2.58 9.93
C ILE B 42 -1.75 -3.02 11.34
N LYS B 43 -2.58 -3.84 11.97
CA LYS B 43 -2.30 -4.29 13.32
C LYS B 43 -2.25 -5.81 13.39
N GLY B 44 -1.16 -6.34 13.90
CA GLY B 44 -0.99 -7.77 14.00
C GLY B 44 0.27 -8.26 13.34
N LEU B 45 1.07 -7.32 12.85
CA LEU B 45 2.32 -7.65 12.18
C LEU B 45 3.36 -8.07 13.20
N LYS B 46 3.90 -9.27 13.04
CA LYS B 46 4.85 -9.83 13.99
C LYS B 46 6.20 -9.13 13.89
N PRO B 47 6.76 -8.70 15.03
CA PRO B 47 8.07 -8.05 15.08
C PRO B 47 9.20 -8.98 14.68
N GLY B 48 9.91 -8.62 13.63
CA GLY B 48 10.98 -9.44 13.13
C GLY B 48 10.61 -10.14 11.83
N VAL B 49 9.32 -10.19 11.54
CA VAL B 49 8.82 -10.84 10.34
C VAL B 49 8.70 -9.83 9.20
N VAL B 50 9.20 -10.21 8.04
CA VAL B 50 9.05 -9.39 6.85
C VAL B 50 7.76 -9.78 6.14
N TYR B 51 7.09 -8.83 5.51
CA TYR B 51 5.78 -9.08 4.93
C TYR B 51 5.70 -8.66 3.46
N GLU B 52 4.77 -9.29 2.76
CA GLU B 52 4.41 -8.93 1.40
C GLU B 52 3.10 -8.15 1.44
N GLY B 53 3.11 -6.93 0.95
CA GLY B 53 1.91 -6.12 0.97
C GLY B 53 1.45 -5.73 -0.41
N GLN B 54 0.15 -5.62 -0.59
CA GLN B 54 -0.42 -5.20 -1.86
C GLN B 54 -1.64 -4.31 -1.64
N LEU B 55 -1.70 -3.23 -2.39
CA LEU B 55 -2.83 -2.31 -2.33
C LEU B 55 -3.65 -2.43 -3.60
N ILE B 56 -4.89 -2.85 -3.45
CA ILE B 56 -5.80 -3.05 -4.59
C ILE B 56 -6.83 -1.94 -4.64
N SER B 57 -6.78 -1.13 -5.69
CA SER B 57 -7.74 -0.04 -5.85
C SER B 57 -8.92 -0.47 -6.72
N ILE B 58 -10.10 -0.49 -6.13
CA ILE B 58 -11.31 -0.82 -6.87
C ILE B 58 -11.95 0.45 -7.39
N GLN B 59 -11.79 0.70 -8.68
CA GLN B 59 -12.36 1.88 -9.31
C GLN B 59 -13.72 1.58 -9.89
N GLN B 60 -14.49 2.64 -10.14
CA GLN B 60 -15.88 2.53 -10.57
C GLN B 60 -16.03 1.88 -11.94
N TYR B 61 -14.92 1.73 -12.65
CA TYR B 61 -14.93 1.11 -13.97
C TYR B 61 -14.66 -0.39 -13.85
N GLY B 62 -14.38 -0.82 -12.63
CA GLY B 62 -14.06 -2.21 -12.38
C GLY B 62 -12.62 -2.52 -12.68
N HIS B 63 -11.83 -1.47 -12.93
CA HIS B 63 -10.41 -1.64 -13.18
C HIS B 63 -9.70 -1.77 -11.84
N GLN B 64 -9.08 -2.92 -11.62
CA GLN B 64 -8.45 -3.19 -10.34
C GLN B 64 -6.93 -3.12 -10.48
N GLU B 65 -6.33 -2.21 -9.74
CA GLU B 65 -4.89 -2.03 -9.78
C GLU B 65 -4.27 -2.48 -8.47
N VAL B 66 -3.33 -3.40 -8.56
CA VAL B 66 -2.69 -3.94 -7.38
C VAL B 66 -1.24 -3.48 -7.30
N THR B 67 -0.97 -2.57 -6.38
CA THR B 67 0.38 -2.07 -6.18
C THR B 67 1.03 -2.76 -4.99
N ARG B 68 2.03 -3.57 -5.27
CA ARG B 68 2.70 -4.34 -4.23
C ARG B 68 3.87 -3.57 -3.64
N PHE B 69 4.12 -3.78 -2.36
CA PHE B 69 5.20 -3.09 -1.66
C PHE B 69 5.85 -4.02 -0.65
N ASP B 70 7.09 -3.71 -0.28
CA ASP B 70 7.85 -4.52 0.64
C ASP B 70 7.99 -3.81 1.97
N PHE B 71 7.71 -4.50 3.07
CA PHE B 71 7.76 -3.89 4.38
C PHE B 71 7.99 -4.95 5.46
N THR B 72 8.32 -4.49 6.66
CA THR B 72 8.55 -5.39 7.78
C THR B 72 8.39 -4.65 9.10
N THR B 73 7.89 -5.35 10.10
CA THR B 73 7.85 -4.83 11.44
C THR B 73 9.21 -4.99 12.10
N THR B 74 10.03 -3.96 12.01
CA THR B 74 11.38 -4.00 12.54
C THR B 74 11.45 -3.38 13.93
N SER B 75 12.15 -4.04 14.83
CA SER B 75 12.29 -3.60 16.20
C SER B 75 13.71 -3.12 16.48
N THR B 76 14.68 -3.99 16.23
CA THR B 76 16.07 -3.66 16.44
C THR B 76 16.67 -2.94 15.24
N SER B 77 16.19 -1.72 15.02
CA SER B 77 16.67 -0.90 13.92
C SER B 77 17.79 0.03 14.41
N THR B 78 18.96 -0.53 14.70
CA THR B 78 20.07 0.26 15.18
C THR B 78 21.38 -0.15 14.49
N PRO B 79 21.55 0.26 13.22
CA PRO B 79 22.75 -0.03 12.45
C PRO B 79 23.95 0.79 12.94
N GLY B 80 25.15 0.37 12.55
CA GLY B 80 26.35 1.03 13.02
C GLY B 80 26.91 0.34 14.24
N SER B 81 26.90 -0.98 14.20
CA SER B 81 27.27 -1.80 15.35
C SER B 81 28.73 -1.56 15.76
N ARG B 82 29.56 -1.14 14.81
CA ARG B 82 30.96 -0.87 15.10
C ARG B 82 31.13 0.36 15.98
N SER B 83 30.34 1.39 15.71
CA SER B 83 30.46 2.64 16.44
C SER B 83 29.61 2.63 17.71
N HIS B 84 28.57 1.78 17.72
CA HIS B 84 27.73 1.66 18.90
C HIS B 84 28.46 0.94 20.01
N HIS B 85 28.97 1.70 20.96
CA HIS B 85 29.71 1.15 22.09
C HIS B 85 28.77 0.91 23.27
N HIS B 86 27.86 -0.03 23.11
CA HIS B 86 26.94 -0.39 24.18
C HIS B 86 27.42 -1.65 24.87
N HIS B 87 27.04 -2.80 24.29
CA HIS B 87 27.40 -4.12 24.84
C HIS B 87 27.06 -4.21 26.32
N HIS B 88 25.95 -3.60 26.71
CA HIS B 88 25.56 -3.54 28.10
C HIS B 88 24.27 -4.33 28.31
N HIS B 89 24.24 -5.11 29.38
CA HIS B 89 23.06 -5.90 29.70
C HIS B 89 22.07 -5.05 30.48
N GLY A 1 9.07 0.13 -18.20
CA GLY A 1 9.38 -0.80 -17.10
C GLY A 1 8.29 -1.82 -16.89
N SER A 2 8.28 -2.45 -15.73
CA SER A 2 7.27 -3.45 -15.40
C SER A 2 6.51 -3.03 -14.15
N GLN A 3 5.20 -2.87 -14.29
CA GLN A 3 4.33 -2.40 -13.21
C GLN A 3 4.78 -1.03 -12.70
N THR A 4 5.37 -0.25 -13.60
CA THR A 4 5.83 1.08 -13.27
C THR A 4 4.80 2.11 -13.69
N THR A 5 4.36 2.01 -14.94
CA THR A 5 3.38 2.93 -15.48
C THR A 5 1.97 2.38 -15.29
N ALA A 6 1.24 3.01 -14.39
CA ALA A 6 -0.13 2.63 -14.09
C ALA A 6 -0.90 3.84 -13.60
N PRO A 7 -1.52 4.59 -14.52
CA PRO A 7 -2.22 5.85 -14.19
C PRO A 7 -3.41 5.65 -13.25
N ASP A 8 -3.85 4.41 -13.09
CA ASP A 8 -4.99 4.12 -12.23
C ASP A 8 -4.52 3.61 -10.87
N ALA A 9 -3.22 3.39 -10.74
CA ALA A 9 -2.65 2.80 -9.54
C ALA A 9 -1.84 3.82 -8.76
N PRO A 10 -1.94 3.80 -7.42
CA PRO A 10 -1.11 4.64 -6.56
C PRO A 10 0.37 4.37 -6.75
N PRO A 11 1.15 5.39 -7.16
CA PRO A 11 2.56 5.25 -7.54
C PRO A 11 3.37 4.40 -6.56
N ASP A 12 3.56 4.90 -5.35
CA ASP A 12 4.36 4.21 -4.35
C ASP A 12 3.72 4.32 -2.98
N PRO A 13 3.29 3.19 -2.40
CA PRO A 13 2.77 3.14 -1.04
C PRO A 13 3.89 3.14 -0.01
N THR A 14 3.76 3.98 1.00
CA THR A 14 4.77 4.11 2.02
C THR A 14 4.31 3.52 3.35
N VAL A 15 5.23 2.91 4.05
CA VAL A 15 4.95 2.41 5.38
C VAL A 15 5.55 3.33 6.41
N ASP A 16 4.69 4.03 7.13
CA ASP A 16 5.11 5.03 8.10
C ASP A 16 4.57 4.70 9.48
N GLN A 17 5.17 5.31 10.51
CA GLN A 17 4.76 5.09 11.90
C GLN A 17 4.68 3.61 12.26
N VAL A 18 5.84 2.99 12.39
CA VAL A 18 5.91 1.59 12.80
C VAL A 18 5.93 1.49 14.33
N ASP A 19 4.95 0.80 14.89
CA ASP A 19 4.85 0.63 16.33
C ASP A 19 5.34 -0.74 16.74
N ASP A 20 4.92 -1.18 17.93
CA ASP A 20 5.25 -2.50 18.44
C ASP A 20 4.83 -3.61 17.47
N THR A 21 3.58 -3.58 17.04
CA THR A 21 3.06 -4.57 16.12
C THR A 21 2.05 -3.97 15.14
N SER A 22 2.26 -2.71 14.79
CA SER A 22 1.35 -2.02 13.87
C SER A 22 2.11 -1.02 13.01
N ILE A 23 1.62 -0.81 11.79
CA ILE A 23 2.19 0.18 10.89
C ILE A 23 1.09 1.05 10.30
N VAL A 24 1.46 2.17 9.72
CA VAL A 24 0.53 2.95 8.93
C VAL A 24 0.95 2.91 7.47
N VAL A 25 0.23 2.14 6.67
CA VAL A 25 0.52 2.05 5.27
C VAL A 25 -0.32 3.06 4.49
N ARG A 26 0.36 4.00 3.84
CA ARG A 26 -0.32 5.08 3.13
C ARG A 26 0.09 5.07 1.66
N TRP A 27 -0.85 5.40 0.80
CA TRP A 27 -0.60 5.39 -0.63
C TRP A 27 -0.95 6.74 -1.25
N SER A 28 -0.10 7.21 -2.13
CA SER A 28 -0.31 8.48 -2.81
C SER A 28 -1.17 8.26 -4.05
N ARG A 29 -2.12 9.15 -4.27
CA ARG A 29 -3.00 9.06 -5.42
C ARG A 29 -2.28 9.49 -6.70
N PRO A 30 -2.47 8.74 -7.80
CA PRO A 30 -1.85 9.04 -9.08
C PRO A 30 -2.47 10.26 -9.77
N MET B 1 -22.04 32.61 -13.91
CA MET B 1 -22.30 31.28 -14.51
C MET B 1 -21.84 30.17 -13.59
N ARG B 2 -22.66 29.12 -13.49
CA ARG B 2 -22.32 27.94 -12.71
C ARG B 2 -23.26 26.80 -13.07
N GLY B 3 -23.12 26.30 -14.30
CA GLY B 3 -23.97 25.23 -14.76
C GLY B 3 -23.20 24.00 -15.18
N SER B 4 -21.90 24.03 -14.93
CA SER B 4 -21.03 22.91 -15.26
C SER B 4 -20.78 22.07 -14.02
N ASN B 5 -21.54 21.00 -13.87
CA ASN B 5 -21.41 20.10 -12.73
C ASN B 5 -21.42 18.66 -13.20
N ALA B 6 -20.25 18.16 -13.57
CA ALA B 6 -20.12 16.80 -14.07
C ALA B 6 -19.16 15.99 -13.21
N PRO B 7 -19.69 15.13 -12.32
CA PRO B 7 -18.87 14.32 -11.40
C PRO B 7 -17.99 13.33 -12.16
N GLN B 8 -16.76 13.17 -11.70
CA GLN B 8 -15.81 12.28 -12.35
C GLN B 8 -16.03 10.84 -11.92
N PRO B 9 -16.34 9.96 -12.90
CA PRO B 9 -16.59 8.54 -12.64
C PRO B 9 -15.31 7.82 -12.22
N SER B 10 -14.18 8.41 -12.56
CA SER B 10 -12.88 7.84 -12.24
C SER B 10 -12.50 8.17 -10.80
N HIS B 11 -13.14 7.48 -9.86
CA HIS B 11 -12.77 7.61 -8.46
C HIS B 11 -12.81 6.23 -7.81
N ILE B 12 -11.87 5.99 -6.92
CA ILE B 12 -11.70 4.68 -6.31
C ILE B 12 -12.73 4.47 -5.21
N SER B 13 -13.48 3.38 -5.34
CA SER B 13 -14.54 3.06 -4.40
C SER B 13 -13.96 2.55 -3.09
N LYS B 14 -12.92 1.72 -3.19
CA LYS B 14 -12.29 1.15 -2.01
C LYS B 14 -10.90 0.61 -2.36
N TYR B 15 -9.99 0.68 -1.40
CA TYR B 15 -8.67 0.11 -1.54
C TYR B 15 -8.62 -1.19 -0.74
N ILE B 16 -8.04 -2.23 -1.30
CA ILE B 16 -7.90 -3.49 -0.60
C ILE B 16 -6.43 -3.74 -0.28
N LEU B 17 -6.13 -3.84 1.01
CA LEU B 17 -4.78 -4.12 1.46
C LEU B 17 -4.69 -5.58 1.86
N ARG B 18 -3.85 -6.32 1.16
CA ARG B 18 -3.63 -7.72 1.49
C ARG B 18 -2.19 -7.96 1.89
N TRP B 19 -1.98 -8.56 3.04
CA TRP B 19 -0.63 -8.85 3.50
C TRP B 19 -0.49 -10.33 3.89
N ARG B 20 0.66 -10.88 3.53
CA ARG B 20 0.97 -12.27 3.79
C ARG B 20 2.41 -12.39 4.25
N PRO B 21 2.65 -13.11 5.37
CA PRO B 21 4.01 -13.31 5.88
C PRO B 21 4.89 -14.05 4.88
N LYS B 22 5.93 -13.37 4.43
CA LYS B 22 6.78 -13.83 3.33
C LYS B 22 7.40 -15.19 3.62
N ASN B 23 7.85 -15.38 4.85
CA ASN B 23 8.56 -16.59 5.24
C ASN B 23 7.60 -17.69 5.68
N SER B 24 6.33 -17.36 5.79
CA SER B 24 5.33 -18.32 6.25
C SER B 24 4.42 -18.75 5.11
N VAL B 25 3.80 -19.91 5.27
CA VAL B 25 2.88 -20.43 4.28
C VAL B 25 1.44 -19.99 4.60
N GLY B 26 1.33 -18.81 5.21
CA GLY B 26 0.04 -18.27 5.58
C GLY B 26 -0.71 -17.70 4.39
N ARG B 27 -1.92 -17.23 4.64
CA ARG B 27 -2.76 -16.68 3.57
C ARG B 27 -2.70 -15.17 3.56
N TRP B 28 -3.23 -14.57 2.51
CA TRP B 28 -3.26 -13.13 2.37
C TRP B 28 -4.43 -12.55 3.16
N LYS B 29 -4.11 -11.78 4.18
CA LYS B 29 -5.14 -11.15 5.00
C LYS B 29 -5.66 -9.91 4.28
N GLU B 30 -6.97 -9.70 4.32
CA GLU B 30 -7.58 -8.63 3.53
C GLU B 30 -8.15 -7.54 4.41
N ALA B 31 -7.95 -6.30 4.00
CA ALA B 31 -8.54 -5.14 4.65
C ALA B 31 -9.15 -4.21 3.63
N THR B 32 -10.37 -3.77 3.88
CA THR B 32 -11.05 -2.85 2.99
C THR B 32 -10.94 -1.42 3.50
N ILE B 33 -10.31 -0.57 2.72
CA ILE B 33 -10.18 0.84 3.08
C ILE B 33 -11.03 1.69 2.14
N PRO B 34 -12.06 2.37 2.68
CA PRO B 34 -12.89 3.31 1.92
C PRO B 34 -12.05 4.26 1.08
N GLY B 35 -12.50 4.52 -0.14
CA GLY B 35 -11.70 5.26 -1.11
C GLY B 35 -11.63 6.76 -0.84
N HIS B 36 -11.24 7.14 0.38
CA HIS B 36 -11.02 8.54 0.71
C HIS B 36 -10.20 8.66 2.00
N LEU B 37 -9.57 7.56 2.40
CA LEU B 37 -8.78 7.56 3.63
C LEU B 37 -7.29 7.54 3.31
N ASN B 38 -6.90 6.59 2.46
CA ASN B 38 -5.53 6.50 1.92
C ASN B 38 -4.53 6.09 2.99
N SER B 39 -5.02 5.59 4.11
CA SER B 39 -4.17 5.14 5.19
C SER B 39 -4.82 3.98 5.93
N TYR B 40 -4.02 3.01 6.34
CA TYR B 40 -4.52 1.88 7.11
C TYR B 40 -3.49 1.44 8.15
N THR B 41 -3.94 1.22 9.37
CA THR B 41 -3.08 0.71 10.42
C THR B 41 -3.14 -0.81 10.46
N ILE B 42 -2.14 -1.46 9.87
CA ILE B 42 -2.08 -2.91 9.90
C ILE B 42 -1.60 -3.37 11.27
N LYS B 43 -2.42 -4.17 11.94
CA LYS B 43 -2.10 -4.62 13.27
C LYS B 43 -1.84 -6.13 13.28
N GLY B 44 -0.90 -6.54 14.13
CA GLY B 44 -0.55 -7.95 14.23
C GLY B 44 0.74 -8.26 13.49
N LEU B 45 1.42 -7.21 13.04
CA LEU B 45 2.67 -7.37 12.31
C LEU B 45 3.82 -7.64 13.27
N LYS B 46 4.52 -8.74 13.04
CA LYS B 46 5.62 -9.15 13.89
C LYS B 46 6.95 -8.59 13.40
N PRO B 47 7.65 -7.81 14.24
CA PRO B 47 8.97 -7.29 13.91
C PRO B 47 9.98 -8.40 13.64
N GLY B 48 10.61 -8.36 12.49
CA GLY B 48 11.55 -9.40 12.11
C GLY B 48 10.97 -10.30 11.04
N VAL B 49 9.66 -10.31 10.96
CA VAL B 49 8.95 -11.08 9.95
C VAL B 49 8.57 -10.16 8.79
N VAL B 50 9.10 -10.44 7.61
CA VAL B 50 8.81 -9.61 6.45
C VAL B 50 7.45 -10.00 5.85
N TYR B 51 6.63 -9.01 5.58
CA TYR B 51 5.29 -9.24 5.04
C TYR B 51 5.19 -8.71 3.63
N GLU B 52 4.34 -9.35 2.83
CA GLU B 52 4.10 -8.92 1.45
C GLU B 52 2.78 -8.17 1.39
N GLY B 53 2.82 -6.94 0.90
CA GLY B 53 1.64 -6.11 0.87
C GLY B 53 1.17 -5.82 -0.54
N GLN B 54 -0.09 -6.08 -0.79
CA GLN B 54 -0.69 -5.79 -2.10
C GLN B 54 -1.77 -4.73 -1.93
N LEU B 55 -1.56 -3.56 -2.51
CA LEU B 55 -2.57 -2.51 -2.48
C LEU B 55 -3.40 -2.58 -3.75
N ILE B 56 -4.66 -2.94 -3.61
CA ILE B 56 -5.55 -3.10 -4.74
C ILE B 56 -6.61 -2.01 -4.74
N SER B 57 -6.57 -1.14 -5.74
CA SER B 57 -7.54 -0.06 -5.84
C SER B 57 -8.69 -0.45 -6.77
N ILE B 58 -9.91 -0.34 -6.25
CA ILE B 58 -11.10 -0.71 -7.01
C ILE B 58 -11.85 0.53 -7.49
N GLN B 59 -12.03 0.66 -8.79
CA GLN B 59 -12.81 1.75 -9.36
C GLN B 59 -14.25 1.31 -9.62
N GLN B 60 -15.12 2.27 -9.96
CA GLN B 60 -16.49 1.95 -10.32
C GLN B 60 -16.53 1.15 -11.62
N TYR B 61 -15.45 1.26 -12.39
CA TYR B 61 -15.33 0.55 -13.67
C TYR B 61 -15.08 -0.93 -13.45
N GLY B 62 -14.78 -1.30 -12.22
CA GLY B 62 -14.42 -2.67 -11.93
C GLY B 62 -12.96 -2.95 -12.25
N HIS B 63 -12.24 -1.89 -12.59
CA HIS B 63 -10.82 -1.99 -12.90
C HIS B 63 -10.01 -2.07 -11.62
N GLN B 64 -9.19 -3.11 -11.52
CA GLN B 64 -8.39 -3.34 -10.34
C GLN B 64 -6.92 -3.03 -10.60
N GLU B 65 -6.33 -2.23 -9.75
CA GLU B 65 -4.90 -1.94 -9.82
C GLU B 65 -4.20 -2.48 -8.58
N VAL B 66 -3.14 -3.24 -8.79
CA VAL B 66 -2.45 -3.88 -7.69
C VAL B 66 -0.99 -3.42 -7.61
N THR B 67 -0.69 -2.60 -6.62
CA THR B 67 0.67 -2.16 -6.39
C THR B 67 1.35 -3.10 -5.40
N ARG B 68 2.34 -3.86 -5.90
CA ARG B 68 3.02 -4.84 -5.07
C ARG B 68 4.19 -4.22 -4.32
N PHE B 69 4.25 -4.50 -3.03
CA PHE B 69 5.35 -4.05 -2.19
C PHE B 69 5.45 -4.97 -0.96
N ASP B 70 6.37 -4.68 -0.07
CA ASP B 70 6.50 -5.44 1.17
C ASP B 70 7.00 -4.52 2.27
N PHE B 71 6.91 -4.98 3.51
CA PHE B 71 7.22 -4.12 4.65
C PHE B 71 7.69 -4.92 5.86
N THR B 72 8.05 -4.18 6.92
CA THR B 72 8.68 -4.76 8.11
C THR B 72 10.01 -5.38 7.72
N THR B 73 11.02 -4.51 7.59
CA THR B 73 12.32 -4.88 7.04
C THR B 73 12.17 -5.14 5.54
N THR B 74 11.65 -4.13 4.85
CA THR B 74 11.34 -4.20 3.42
C THR B 74 12.49 -4.76 2.60
N SER B 75 12.16 -5.73 1.77
CA SER B 75 13.13 -6.42 0.95
C SER B 75 12.94 -6.07 -0.52
N THR B 76 11.80 -6.47 -1.09
CA THR B 76 11.46 -6.20 -2.48
C THR B 76 12.47 -6.83 -3.45
N SER B 77 12.05 -7.91 -4.10
CA SER B 77 12.91 -8.67 -4.98
C SER B 77 13.09 -8.00 -6.34
N THR B 78 13.75 -6.85 -6.35
CA THR B 78 14.08 -6.16 -7.59
C THR B 78 15.56 -5.78 -7.68
N PRO B 79 16.15 -5.12 -6.65
CA PRO B 79 17.58 -4.78 -6.67
C PRO B 79 18.46 -6.02 -6.82
N GLY B 80 19.30 -6.02 -7.83
CA GLY B 80 20.18 -7.14 -8.06
C GLY B 80 20.23 -7.53 -9.52
N SER B 81 20.42 -8.82 -9.78
CA SER B 81 20.51 -9.31 -11.14
C SER B 81 19.11 -9.41 -11.77
N ARG B 82 18.30 -10.32 -11.24
CA ARG B 82 16.92 -10.53 -11.72
C ARG B 82 16.92 -10.84 -13.22
N SER B 83 17.58 -11.92 -13.59
CA SER B 83 17.65 -12.32 -14.99
C SER B 83 16.39 -13.08 -15.40
N HIS B 84 15.66 -12.51 -16.34
CA HIS B 84 14.45 -13.13 -16.84
C HIS B 84 14.72 -13.89 -18.12
N HIS B 85 14.87 -15.21 -17.99
CA HIS B 85 15.10 -16.11 -19.12
C HIS B 85 16.41 -15.79 -19.83
N HIS B 86 17.51 -15.90 -19.09
CA HIS B 86 18.86 -15.70 -19.62
C HIS B 86 19.13 -14.24 -19.92
N HIS B 87 19.93 -13.61 -19.08
CA HIS B 87 20.29 -12.22 -19.25
C HIS B 87 21.72 -11.98 -18.73
N HIS B 88 21.97 -12.43 -17.51
CA HIS B 88 23.28 -12.26 -16.88
C HIS B 88 24.20 -13.41 -17.28
N HIS B 89 25.10 -13.13 -18.21
CA HIS B 89 26.06 -14.13 -18.66
C HIS B 89 27.09 -14.38 -17.58
N GLY A 1 7.83 2.69 -24.33
CA GLY A 1 8.73 2.76 -23.16
C GLY A 1 8.03 3.29 -21.93
N SER A 2 8.28 2.66 -20.79
CA SER A 2 7.71 3.07 -19.50
C SER A 2 6.22 2.72 -19.41
N GLN A 3 5.84 2.08 -18.33
CA GLN A 3 4.44 1.73 -18.08
C GLN A 3 3.77 2.81 -17.24
N THR A 4 4.53 3.84 -16.89
CA THR A 4 4.02 4.94 -16.10
C THR A 4 3.40 6.00 -17.01
N THR A 5 3.17 5.63 -18.27
CA THR A 5 2.56 6.53 -19.23
C THR A 5 1.12 6.85 -18.83
N ALA A 6 0.45 5.89 -18.22
CA ALA A 6 -0.90 6.09 -17.72
C ALA A 6 -1.04 5.48 -16.34
N PRO A 7 -0.64 6.22 -15.30
CA PRO A 7 -0.70 5.75 -13.91
C PRO A 7 -2.13 5.65 -13.40
N ASP A 8 -2.73 4.50 -13.60
CA ASP A 8 -4.10 4.25 -13.14
C ASP A 8 -4.05 3.67 -11.73
N ALA A 9 -2.86 3.19 -11.36
CA ALA A 9 -2.64 2.58 -10.06
C ALA A 9 -2.00 3.58 -9.10
N PRO A 10 -2.28 3.44 -7.79
CA PRO A 10 -1.65 4.27 -6.75
C PRO A 10 -0.14 4.08 -6.72
N PRO A 11 0.61 5.17 -6.56
CA PRO A 11 2.07 5.12 -6.41
C PRO A 11 2.52 4.43 -5.12
N ASP A 12 3.78 4.61 -4.77
CA ASP A 12 4.40 3.95 -3.61
C ASP A 12 3.57 4.10 -2.33
N PRO A 13 3.11 2.98 -1.77
CA PRO A 13 2.54 2.95 -0.42
C PRO A 13 3.65 2.97 0.61
N THR A 14 3.66 3.99 1.44
CA THR A 14 4.74 4.19 2.38
C THR A 14 4.35 3.66 3.75
N VAL A 15 5.26 2.92 4.36
CA VAL A 15 5.00 2.31 5.64
C VAL A 15 5.63 3.13 6.76
N ASP A 16 4.78 3.77 7.57
CA ASP A 16 5.24 4.53 8.71
C ASP A 16 4.93 3.74 9.99
N GLN A 17 5.96 3.45 10.76
CA GLN A 17 5.78 2.64 11.96
C GLN A 17 5.44 3.51 13.16
N VAL A 18 4.19 3.46 13.58
CA VAL A 18 3.71 4.26 14.70
C VAL A 18 3.84 3.49 16.02
N ASP A 19 4.09 2.20 15.91
CA ASP A 19 4.28 1.35 17.07
C ASP A 19 5.25 0.23 16.74
N ASP A 20 5.34 -0.75 17.60
CA ASP A 20 6.24 -1.88 17.39
C ASP A 20 5.61 -2.87 16.42
N THR A 21 4.39 -3.28 16.74
CA THR A 21 3.73 -4.32 15.98
C THR A 21 2.61 -3.78 15.09
N SER A 22 2.62 -2.48 14.85
CA SER A 22 1.59 -1.88 14.01
C SER A 22 2.14 -0.69 13.22
N ILE A 23 1.72 -0.59 11.97
CA ILE A 23 2.17 0.47 11.09
C ILE A 23 0.98 1.25 10.55
N VAL A 24 1.25 2.41 9.97
CA VAL A 24 0.27 3.11 9.20
C VAL A 24 0.74 3.17 7.75
N VAL A 25 0.12 2.37 6.90
CA VAL A 25 0.50 2.30 5.51
C VAL A 25 -0.32 3.30 4.70
N ARG A 26 0.37 4.26 4.10
CA ARG A 26 -0.28 5.33 3.36
C ARG A 26 0.14 5.32 1.91
N TRP A 27 -0.84 5.26 1.03
CA TRP A 27 -0.58 5.25 -0.40
C TRP A 27 -1.05 6.54 -1.04
N SER A 28 -0.30 7.02 -2.02
CA SER A 28 -0.65 8.21 -2.74
C SER A 28 -1.79 7.91 -3.70
N ARG A 29 -2.69 8.86 -3.89
CA ARG A 29 -3.79 8.68 -4.81
C ARG A 29 -3.30 8.67 -6.25
N PRO A 30 -3.76 7.68 -7.02
CA PRO A 30 -3.42 7.51 -8.44
C PRO A 30 -3.72 8.77 -9.26
N MET B 1 -34.73 16.58 -3.01
CA MET B 1 -34.29 17.99 -3.10
C MET B 1 -33.16 18.15 -4.12
N ARG B 2 -31.98 17.64 -3.77
CA ARG B 2 -30.82 17.75 -4.65
C ARG B 2 -30.11 16.41 -4.79
N GLY B 3 -30.55 15.62 -5.76
CA GLY B 3 -29.96 14.32 -5.99
C GLY B 3 -29.02 14.34 -7.18
N SER B 4 -27.77 14.66 -6.92
CA SER B 4 -26.78 14.79 -7.99
C SER B 4 -25.61 13.83 -7.76
N ASN B 5 -25.79 12.58 -8.18
CA ASN B 5 -24.73 11.59 -8.08
C ASN B 5 -23.71 11.81 -9.19
N ALA B 6 -22.48 12.07 -8.80
CA ALA B 6 -21.41 12.31 -9.75
C ALA B 6 -20.51 11.10 -9.88
N PRO B 7 -20.63 10.34 -10.98
CA PRO B 7 -19.78 9.20 -11.25
C PRO B 7 -18.47 9.62 -11.90
N GLN B 8 -17.79 10.54 -11.24
CA GLN B 8 -16.56 11.15 -11.76
C GLN B 8 -15.53 10.10 -12.14
N PRO B 9 -14.78 10.36 -13.22
CA PRO B 9 -13.76 9.44 -13.74
C PRO B 9 -12.60 9.24 -12.77
N SER B 10 -11.90 8.11 -12.94
CA SER B 10 -10.78 7.75 -12.08
C SER B 10 -11.21 7.67 -10.62
N HIS B 11 -12.44 7.22 -10.39
CA HIS B 11 -12.97 7.09 -9.05
C HIS B 11 -12.65 5.73 -8.46
N ILE B 12 -11.83 5.72 -7.42
CA ILE B 12 -11.55 4.49 -6.68
C ILE B 12 -12.64 4.28 -5.65
N SER B 13 -13.29 3.12 -5.72
CA SER B 13 -14.38 2.81 -4.83
C SER B 13 -13.83 2.33 -3.48
N LYS B 14 -12.85 1.44 -3.52
CA LYS B 14 -12.26 0.90 -2.31
C LYS B 14 -10.86 0.37 -2.55
N TYR B 15 -10.01 0.48 -1.54
CA TYR B 15 -8.67 -0.08 -1.59
C TYR B 15 -8.63 -1.33 -0.72
N ILE B 16 -8.09 -2.41 -1.26
CA ILE B 16 -7.92 -3.63 -0.48
C ILE B 16 -6.46 -3.81 -0.13
N LEU B 17 -6.17 -3.81 1.17
CA LEU B 17 -4.82 -4.01 1.65
C LEU B 17 -4.65 -5.48 2.01
N ARG B 18 -3.79 -6.17 1.27
CA ARG B 18 -3.50 -7.57 1.55
C ARG B 18 -2.08 -7.73 2.06
N TRP B 19 -1.93 -8.45 3.18
CA TRP B 19 -0.62 -8.75 3.72
C TRP B 19 -0.59 -10.15 4.30
N ARG B 20 0.60 -10.75 4.31
CA ARG B 20 0.80 -12.08 4.84
C ARG B 20 2.28 -12.30 5.13
N PRO B 21 2.62 -13.27 5.99
CA PRO B 21 4.01 -13.66 6.21
C PRO B 21 4.65 -14.20 4.93
N LYS B 22 5.81 -13.70 4.58
CA LYS B 22 6.45 -14.04 3.31
C LYS B 22 7.11 -15.42 3.37
N ASN B 23 7.30 -15.95 4.57
CA ASN B 23 7.94 -17.24 4.75
C ASN B 23 7.10 -18.36 4.16
N SER B 24 5.79 -18.14 4.14
CA SER B 24 4.86 -19.12 3.57
C SER B 24 3.74 -18.41 2.83
N VAL B 25 2.70 -19.16 2.46
CA VAL B 25 1.54 -18.56 1.83
C VAL B 25 0.44 -18.28 2.85
N GLY B 26 0.06 -19.30 3.62
CA GLY B 26 -1.00 -19.16 4.60
C GLY B 26 -2.29 -18.63 3.99
N ARG B 27 -2.72 -17.48 4.49
CA ARG B 27 -3.91 -16.81 3.97
C ARG B 27 -3.66 -15.32 3.86
N TRP B 28 -4.27 -14.68 2.88
CA TRP B 28 -4.11 -13.25 2.70
C TRP B 28 -5.09 -12.48 3.58
N LYS B 29 -4.55 -11.70 4.49
CA LYS B 29 -5.36 -10.82 5.31
C LYS B 29 -5.79 -9.62 4.49
N GLU B 30 -7.09 -9.34 4.49
CA GLU B 30 -7.62 -8.30 3.64
C GLU B 30 -8.27 -7.19 4.45
N ALA B 31 -7.94 -5.96 4.10
CA ALA B 31 -8.55 -4.80 4.71
C ALA B 31 -9.16 -3.91 3.63
N THR B 32 -10.41 -3.54 3.82
CA THR B 32 -11.11 -2.73 2.84
C THR B 32 -11.19 -1.27 3.30
N ILE B 33 -10.48 -0.41 2.59
CA ILE B 33 -10.45 1.01 2.91
C ILE B 33 -11.20 1.81 1.86
N PRO B 34 -12.21 2.59 2.27
CA PRO B 34 -12.95 3.48 1.36
C PRO B 34 -12.02 4.32 0.49
N GLY B 35 -12.40 4.52 -0.76
CA GLY B 35 -11.53 5.18 -1.72
C GLY B 35 -11.40 6.68 -1.52
N HIS B 36 -11.10 7.08 -0.30
CA HIS B 36 -10.92 8.49 0.03
C HIS B 36 -10.27 8.66 1.41
N LEU B 37 -9.51 7.65 1.83
CA LEU B 37 -8.80 7.70 3.10
C LEU B 37 -7.30 7.57 2.87
N ASN B 38 -6.94 6.56 2.07
CA ASN B 38 -5.57 6.38 1.58
C ASN B 38 -4.61 6.03 2.70
N SER B 39 -5.12 5.45 3.78
CA SER B 39 -4.29 5.09 4.92
C SER B 39 -4.96 3.97 5.73
N TYR B 40 -4.16 3.01 6.17
CA TYR B 40 -4.65 1.94 7.02
C TYR B 40 -3.63 1.60 8.09
N THR B 41 -4.10 1.27 9.28
CA THR B 41 -3.23 0.88 10.38
C THR B 41 -3.18 -0.64 10.49
N ILE B 42 -2.10 -1.24 9.98
CA ILE B 42 -1.94 -2.68 10.03
C ILE B 42 -1.38 -3.09 11.38
N LYS B 43 -2.15 -3.85 12.12
CA LYS B 43 -1.72 -4.32 13.42
C LYS B 43 -1.40 -5.81 13.36
N GLY B 44 -0.23 -6.18 13.86
CA GLY B 44 0.18 -7.56 13.85
C GLY B 44 1.42 -7.79 13.01
N LEU B 45 2.23 -6.74 12.84
CA LEU B 45 3.47 -6.85 12.09
C LEU B 45 4.66 -6.89 13.05
N LYS B 46 5.45 -7.95 12.94
CA LYS B 46 6.59 -8.14 13.82
C LYS B 46 7.89 -7.71 13.13
N PRO B 47 8.62 -6.76 13.72
CA PRO B 47 9.92 -6.32 13.21
C PRO B 47 10.92 -7.48 13.15
N GLY B 48 11.40 -7.78 11.95
CA GLY B 48 12.31 -8.88 11.76
C GLY B 48 11.65 -10.00 10.97
N VAL B 49 10.33 -9.95 10.91
CA VAL B 49 9.57 -10.94 10.16
C VAL B 49 9.18 -10.36 8.81
N VAL B 50 9.51 -11.08 7.75
CA VAL B 50 9.24 -10.62 6.40
C VAL B 50 7.76 -10.83 6.03
N TYR B 51 7.14 -9.76 5.54
CA TYR B 51 5.74 -9.81 5.13
C TYR B 51 5.57 -9.37 3.68
N GLU B 52 4.58 -9.95 3.02
CA GLU B 52 4.23 -9.58 1.66
C GLU B 52 2.99 -8.71 1.70
N GLY B 53 3.02 -7.59 1.00
CA GLY B 53 1.89 -6.69 1.01
C GLY B 53 1.54 -6.20 -0.38
N GLN B 54 0.26 -5.98 -0.61
CA GLN B 54 -0.20 -5.46 -1.89
C GLN B 54 -1.47 -4.63 -1.71
N LEU B 55 -1.51 -3.50 -2.40
CA LEU B 55 -2.65 -2.61 -2.35
C LEU B 55 -3.47 -2.75 -3.64
N ILE B 56 -4.64 -3.36 -3.55
CA ILE B 56 -5.49 -3.57 -4.70
C ILE B 56 -6.59 -2.51 -4.73
N SER B 57 -6.59 -1.68 -5.76
CA SER B 57 -7.58 -0.64 -5.89
C SER B 57 -8.72 -1.08 -6.80
N ILE B 58 -9.93 -1.08 -6.25
CA ILE B 58 -11.12 -1.39 -7.03
C ILE B 58 -11.80 -0.09 -7.43
N GLN B 59 -11.79 0.21 -8.71
CA GLN B 59 -12.34 1.47 -9.19
C GLN B 59 -13.79 1.32 -9.64
N GLN B 60 -14.43 2.45 -9.92
CA GLN B 60 -15.82 2.47 -10.39
C GLN B 60 -15.98 1.58 -11.61
N TYR B 61 -14.98 1.61 -12.50
CA TYR B 61 -15.03 0.86 -13.74
C TYR B 61 -14.83 -0.64 -13.48
N GLY B 62 -14.30 -0.96 -12.32
CA GLY B 62 -14.01 -2.34 -11.99
C GLY B 62 -12.58 -2.72 -12.31
N HIS B 63 -11.84 -1.77 -12.85
CA HIS B 63 -10.43 -2.00 -13.19
C HIS B 63 -9.60 -2.13 -11.92
N GLN B 64 -8.96 -3.27 -11.75
CA GLN B 64 -8.19 -3.54 -10.56
C GLN B 64 -6.73 -3.13 -10.76
N GLU B 65 -6.27 -2.23 -9.91
CA GLU B 65 -4.89 -1.79 -9.94
C GLU B 65 -4.19 -2.21 -8.65
N VAL B 66 -3.12 -2.97 -8.78
CA VAL B 66 -2.44 -3.53 -7.62
C VAL B 66 -1.04 -2.95 -7.48
N THR B 67 -0.77 -2.36 -6.33
CA THR B 67 0.56 -1.86 -6.01
C THR B 67 1.18 -2.70 -4.91
N ARG B 68 2.19 -3.49 -5.26
CA ARG B 68 2.80 -4.41 -4.31
C ARG B 68 3.93 -3.74 -3.54
N PHE B 69 4.15 -4.20 -2.31
CA PHE B 69 5.22 -3.71 -1.47
C PHE B 69 5.69 -4.82 -0.53
N ASP B 70 6.71 -4.55 0.26
CA ASP B 70 7.25 -5.54 1.18
C ASP B 70 7.63 -4.89 2.50
N PHE B 71 7.41 -5.61 3.59
CA PHE B 71 7.74 -5.12 4.91
C PHE B 71 8.56 -6.16 5.66
N THR B 72 9.51 -5.71 6.45
CA THR B 72 10.30 -6.59 7.30
C THR B 72 10.76 -5.85 8.56
N THR B 73 11.12 -4.59 8.40
CA THR B 73 11.58 -3.78 9.52
C THR B 73 11.68 -2.30 9.16
N THR B 74 11.91 -2.00 7.89
CA THR B 74 12.07 -0.62 7.43
C THR B 74 13.20 0.06 8.22
N SER B 75 14.41 -0.41 7.99
CA SER B 75 15.58 0.09 8.68
C SER B 75 16.14 1.33 7.98
N THR B 76 15.98 2.48 8.60
CA THR B 76 16.40 3.74 8.02
C THR B 76 17.80 4.15 8.50
N SER B 77 18.58 3.17 8.93
CA SER B 77 19.98 3.36 9.32
C SER B 77 20.11 4.04 10.69
N THR B 78 19.41 5.15 10.88
CA THR B 78 19.49 5.92 12.12
C THR B 78 19.09 5.07 13.35
N PRO B 79 17.90 4.42 13.33
CA PRO B 79 17.47 3.54 14.44
C PRO B 79 18.35 2.30 14.57
N GLY B 80 19.21 2.08 13.59
CA GLY B 80 20.07 0.91 13.56
C GLY B 80 21.09 0.92 14.67
N SER B 81 21.32 2.10 15.25
CA SER B 81 22.22 2.23 16.39
C SER B 81 21.50 1.86 17.69
N ARG B 82 20.61 0.86 17.59
CA ARG B 82 19.77 0.44 18.70
C ARG B 82 19.05 1.64 19.29
N SER B 83 18.39 2.39 18.43
CA SER B 83 17.70 3.60 18.85
C SER B 83 16.25 3.57 18.38
N HIS B 84 15.40 2.94 19.19
CA HIS B 84 13.99 2.85 18.85
C HIS B 84 13.14 3.52 19.93
N HIS B 85 13.03 4.84 19.85
CA HIS B 85 12.21 5.60 20.79
C HIS B 85 10.76 5.61 20.32
N HIS B 86 9.89 5.05 21.13
CA HIS B 86 8.47 4.97 20.80
C HIS B 86 7.67 5.93 21.67
N HIS B 87 8.03 7.20 21.63
CA HIS B 87 7.35 8.23 22.40
C HIS B 87 6.03 8.58 21.72
N HIS B 88 5.06 7.70 21.86
CA HIS B 88 3.76 7.89 21.24
C HIS B 88 2.82 8.59 22.21
N HIS B 89 2.15 9.62 21.71
CA HIS B 89 1.17 10.38 22.49
C HIS B 89 1.84 11.04 23.70
N GLY A 1 -4.66 1.44 -27.90
CA GLY A 1 -4.72 2.09 -26.56
C GLY A 1 -3.43 1.95 -25.79
N SER A 2 -3.11 2.95 -24.99
CA SER A 2 -1.90 2.92 -24.20
C SER A 2 -2.16 2.29 -22.83
N GLN A 3 -1.64 1.10 -22.62
CA GLN A 3 -1.85 0.39 -21.36
C GLN A 3 -0.91 0.89 -20.28
N THR A 4 0.00 1.79 -20.63
CA THR A 4 0.92 2.35 -19.66
C THR A 4 0.23 3.40 -18.78
N THR A 5 -0.84 3.98 -19.30
CA THR A 5 -1.61 4.96 -18.55
C THR A 5 -2.96 4.40 -18.14
N ALA A 6 -3.16 3.11 -18.44
CA ALA A 6 -4.41 2.44 -18.12
C ALA A 6 -4.54 2.11 -16.63
N PRO A 7 -3.49 1.54 -15.98
CA PRO A 7 -3.56 1.21 -14.56
C PRO A 7 -3.50 2.45 -13.67
N ASP A 8 -4.43 2.56 -12.75
CA ASP A 8 -4.46 3.67 -11.82
C ASP A 8 -3.92 3.22 -10.46
N ALA A 9 -2.76 2.58 -10.50
CA ALA A 9 -2.13 2.07 -9.31
C ALA A 9 -1.32 3.16 -8.61
N PRO A 10 -1.47 3.28 -7.28
CA PRO A 10 -0.68 4.24 -6.49
C PRO A 10 0.82 4.01 -6.67
N PRO A 11 1.58 5.10 -6.88
CA PRO A 11 3.02 5.03 -7.17
C PRO A 11 3.76 4.03 -6.28
N ASP A 12 3.70 4.25 -4.97
CA ASP A 12 4.39 3.39 -4.02
C ASP A 12 3.75 3.49 -2.64
N PRO A 13 3.14 2.38 -2.16
CA PRO A 13 2.66 2.30 -0.79
C PRO A 13 3.81 2.21 0.19
N THR A 14 3.94 3.22 1.03
CA THR A 14 5.06 3.32 1.95
C THR A 14 4.64 2.98 3.37
N VAL A 15 5.51 2.31 4.09
CA VAL A 15 5.25 1.94 5.47
C VAL A 15 5.86 2.95 6.43
N ASP A 16 5.02 3.58 7.24
CA ASP A 16 5.45 4.61 8.16
C ASP A 16 4.98 4.32 9.59
N GLN A 17 5.84 4.63 10.55
CA GLN A 17 5.51 4.51 11.98
C GLN A 17 5.17 3.08 12.39
N VAL A 18 6.19 2.30 12.71
CA VAL A 18 5.99 0.95 13.21
C VAL A 18 5.66 0.99 14.71
N ASP A 19 4.45 0.60 15.03
CA ASP A 19 3.97 0.57 16.41
C ASP A 19 4.35 -0.75 17.06
N ASP A 20 3.67 -1.13 18.14
CA ASP A 20 3.98 -2.38 18.84
C ASP A 20 3.85 -3.56 17.88
N THR A 21 2.76 -3.61 17.13
CA THR A 21 2.54 -4.62 16.10
C THR A 21 1.69 -4.05 14.98
N SER A 22 1.93 -2.79 14.65
CA SER A 22 1.11 -2.10 13.67
C SER A 22 1.95 -1.13 12.84
N ILE A 23 1.47 -0.81 11.66
CA ILE A 23 2.15 0.17 10.81
C ILE A 23 1.12 1.12 10.22
N VAL A 24 1.58 2.26 9.74
CA VAL A 24 0.74 3.13 8.94
C VAL A 24 1.20 3.06 7.50
N VAL A 25 0.45 2.35 6.67
CA VAL A 25 0.77 2.20 5.27
C VAL A 25 0.08 3.30 4.46
N ARG A 26 0.88 4.12 3.79
CA ARG A 26 0.36 5.28 3.08
C ARG A 26 0.56 5.13 1.58
N TRP A 27 -0.41 5.61 0.81
CA TRP A 27 -0.30 5.59 -0.64
C TRP A 27 -1.06 6.77 -1.23
N SER A 28 -0.63 7.23 -2.38
CA SER A 28 -1.31 8.32 -3.07
C SER A 28 -1.96 7.83 -4.34
N ARG A 29 -3.22 8.15 -4.55
CA ARG A 29 -3.91 7.75 -5.76
C ARG A 29 -3.73 8.82 -6.83
N PRO A 30 -3.84 8.44 -8.12
CA PRO A 30 -3.71 9.39 -9.22
C PRO A 30 -4.77 10.48 -9.17
N MET B 1 -14.72 10.98 -19.49
CA MET B 1 -13.98 12.08 -18.83
C MET B 1 -14.90 13.28 -18.60
N ARG B 2 -15.39 13.86 -19.68
CA ARG B 2 -16.26 15.02 -19.60
C ARG B 2 -17.68 14.62 -19.98
N GLY B 3 -18.66 15.24 -19.32
CA GLY B 3 -20.04 14.91 -19.56
C GLY B 3 -20.97 15.71 -18.68
N SER B 4 -21.94 15.03 -18.07
CA SER B 4 -22.88 15.70 -17.19
C SER B 4 -22.27 15.94 -15.82
N ASN B 5 -21.75 14.89 -15.21
CA ASN B 5 -21.16 14.97 -13.87
C ASN B 5 -19.68 14.61 -13.91
N ALA B 6 -19.06 14.91 -15.05
CA ALA B 6 -17.65 14.59 -15.29
C ALA B 6 -17.34 13.12 -14.98
N PRO B 7 -17.87 12.19 -15.79
CA PRO B 7 -17.65 10.75 -15.59
C PRO B 7 -16.21 10.36 -15.87
N GLN B 8 -15.43 10.21 -14.81
CA GLN B 8 -14.03 9.89 -14.94
C GLN B 8 -13.73 8.55 -14.27
N PRO B 9 -12.95 7.69 -14.94
CA PRO B 9 -12.50 6.41 -14.40
C PRO B 9 -11.75 6.58 -13.08
N SER B 10 -11.16 7.76 -12.90
CA SER B 10 -10.49 8.11 -11.67
C SER B 10 -11.51 8.31 -10.55
N HIS B 11 -11.88 7.22 -9.90
CA HIS B 11 -12.83 7.26 -8.81
C HIS B 11 -12.74 5.96 -8.02
N ILE B 12 -11.86 5.93 -7.03
CA ILE B 12 -11.64 4.73 -6.25
C ILE B 12 -12.77 4.53 -5.24
N SER B 13 -13.39 3.38 -5.30
CA SER B 13 -14.46 3.03 -4.39
C SER B 13 -13.87 2.55 -3.06
N LYS B 14 -12.84 1.71 -3.13
CA LYS B 14 -12.22 1.15 -1.96
C LYS B 14 -10.84 0.60 -2.27
N TYR B 15 -10.01 0.50 -1.25
CA TYR B 15 -8.70 -0.12 -1.37
C TYR B 15 -8.67 -1.38 -0.54
N ILE B 16 -8.16 -2.47 -1.09
CA ILE B 16 -8.05 -3.71 -0.34
C ILE B 16 -6.59 -3.98 -0.01
N LEU B 17 -6.29 -4.07 1.27
CA LEU B 17 -4.93 -4.31 1.73
C LEU B 17 -4.79 -5.79 2.09
N ARG B 18 -3.95 -6.49 1.33
CA ARG B 18 -3.66 -7.90 1.61
C ARG B 18 -2.21 -8.05 2.06
N TRP B 19 -2.00 -8.79 3.13
CA TRP B 19 -0.64 -9.02 3.61
C TRP B 19 -0.46 -10.45 4.12
N ARG B 20 0.76 -10.95 3.99
CA ARG B 20 1.11 -12.29 4.46
C ARG B 20 2.60 -12.34 4.81
N PRO B 21 3.03 -13.28 5.67
CA PRO B 21 4.44 -13.50 5.96
C PRO B 21 5.22 -13.87 4.70
N LYS B 22 6.15 -13.02 4.30
CA LYS B 22 6.87 -13.16 3.03
C LYS B 22 7.78 -14.38 3.05
N ASN B 23 8.21 -14.78 4.23
CA ASN B 23 9.12 -15.90 4.39
C ASN B 23 8.40 -17.23 4.14
N SER B 24 7.08 -17.19 4.07
CA SER B 24 6.28 -18.37 3.79
C SER B 24 5.15 -18.02 2.82
N VAL B 25 4.18 -18.92 2.68
CA VAL B 25 2.98 -18.59 1.93
C VAL B 25 1.92 -18.00 2.86
N GLY B 26 1.87 -18.53 4.08
CA GLY B 26 0.98 -18.01 5.11
C GLY B 26 -0.45 -17.91 4.64
N ARG B 27 -1.14 -16.87 5.10
CA ARG B 27 -2.52 -16.63 4.72
C ARG B 27 -2.72 -15.14 4.46
N TRP B 28 -3.45 -14.82 3.41
CA TRP B 28 -3.70 -13.43 3.06
C TRP B 28 -4.81 -12.84 3.93
N LYS B 29 -4.47 -11.85 4.74
CA LYS B 29 -5.47 -11.10 5.48
C LYS B 29 -5.95 -9.94 4.64
N GLU B 30 -7.25 -9.69 4.63
CA GLU B 30 -7.82 -8.64 3.80
C GLU B 30 -8.42 -7.52 4.65
N ALA B 31 -7.96 -6.31 4.42
CA ALA B 31 -8.55 -5.14 5.06
C ALA B 31 -9.16 -4.23 4.01
N THR B 32 -10.35 -3.73 4.28
CA THR B 32 -11.05 -2.87 3.34
C THR B 32 -10.95 -1.41 3.77
N ILE B 33 -10.30 -0.61 2.93
CA ILE B 33 -10.10 0.80 3.22
C ILE B 33 -10.96 1.64 2.28
N PRO B 34 -11.78 2.54 2.83
CA PRO B 34 -12.57 3.49 2.03
C PRO B 34 -11.69 4.26 1.06
N GLY B 35 -12.18 4.44 -0.16
CA GLY B 35 -11.40 5.04 -1.23
C GLY B 35 -11.23 6.55 -1.08
N HIS B 36 -10.83 6.98 0.10
CA HIS B 36 -10.58 8.39 0.36
C HIS B 36 -9.69 8.57 1.59
N LEU B 37 -9.19 7.47 2.15
CA LEU B 37 -8.29 7.54 3.30
C LEU B 37 -6.84 7.51 2.86
N ASN B 38 -6.53 6.55 1.98
CA ASN B 38 -5.21 6.43 1.36
C ASN B 38 -4.11 6.17 2.38
N SER B 39 -4.51 5.63 3.53
CA SER B 39 -3.60 5.24 4.57
C SER B 39 -4.32 4.32 5.56
N TYR B 40 -3.63 3.31 6.07
CA TYR B 40 -4.25 2.35 6.96
C TYR B 40 -3.27 1.88 8.04
N THR B 41 -3.79 1.68 9.24
CA THR B 41 -2.99 1.13 10.32
C THR B 41 -3.20 -0.38 10.41
N ILE B 42 -2.26 -1.13 9.85
CA ILE B 42 -2.34 -2.59 9.87
C ILE B 42 -1.94 -3.11 11.25
N LYS B 43 -2.89 -3.65 11.97
CA LYS B 43 -2.63 -4.15 13.31
C LYS B 43 -2.56 -5.67 13.31
N GLY B 44 -1.41 -6.20 13.74
CA GLY B 44 -1.21 -7.63 13.71
C GLY B 44 0.06 -8.01 12.99
N LEU B 45 0.96 -7.05 12.84
CA LEU B 45 2.22 -7.27 12.16
C LEU B 45 3.34 -7.45 13.18
N LYS B 46 4.12 -8.50 13.03
CA LYS B 46 5.19 -8.79 13.95
C LYS B 46 6.48 -8.08 13.53
N PRO B 47 7.03 -7.22 14.40
CA PRO B 47 8.26 -6.48 14.12
C PRO B 47 9.45 -7.41 13.85
N GLY B 48 10.05 -7.25 12.68
CA GLY B 48 11.19 -8.06 12.33
C GLY B 48 10.84 -9.14 11.32
N VAL B 49 9.54 -9.37 11.14
CA VAL B 49 9.06 -10.35 10.19
C VAL B 49 8.77 -9.69 8.85
N VAL B 50 9.31 -10.25 7.79
CA VAL B 50 9.07 -9.73 6.45
C VAL B 50 7.67 -10.13 5.97
N TYR B 51 6.92 -9.15 5.46
CA TYR B 51 5.59 -9.40 4.97
C TYR B 51 5.45 -8.96 3.51
N GLU B 52 4.51 -9.60 2.83
CA GLU B 52 4.15 -9.23 1.46
C GLU B 52 2.84 -8.44 1.49
N GLY B 53 2.85 -7.25 0.93
CA GLY B 53 1.67 -6.42 0.94
C GLY B 53 1.16 -6.13 -0.44
N GLN B 54 -0.15 -6.06 -0.59
CA GLN B 54 -0.77 -5.72 -1.85
C GLN B 54 -1.85 -4.67 -1.65
N LEU B 55 -1.73 -3.56 -2.35
CA LEU B 55 -2.75 -2.52 -2.32
C LEU B 55 -3.60 -2.62 -3.58
N ILE B 56 -4.83 -3.07 -3.43
CA ILE B 56 -5.72 -3.24 -4.56
C ILE B 56 -6.70 -2.08 -4.64
N SER B 57 -6.48 -1.21 -5.61
CA SER B 57 -7.36 -0.06 -5.80
C SER B 57 -8.54 -0.42 -6.70
N ILE B 58 -9.72 -0.41 -6.12
CA ILE B 58 -10.95 -0.72 -6.84
C ILE B 58 -11.59 0.58 -7.33
N GLN B 59 -11.62 0.78 -8.63
CA GLN B 59 -12.22 1.99 -9.17
C GLN B 59 -13.62 1.76 -9.71
N GLN B 60 -14.36 2.85 -9.87
CA GLN B 60 -15.79 2.81 -10.22
C GLN B 60 -16.09 1.86 -11.37
N TYR B 61 -15.25 1.91 -12.41
CA TYR B 61 -15.48 1.12 -13.63
C TYR B 61 -15.03 -0.34 -13.46
N GLY B 62 -14.81 -0.75 -12.23
CA GLY B 62 -14.41 -2.13 -11.97
C GLY B 62 -12.96 -2.37 -12.30
N HIS B 63 -12.20 -1.29 -12.38
CA HIS B 63 -10.79 -1.37 -12.67
C HIS B 63 -10.03 -1.65 -11.38
N GLN B 64 -9.32 -2.77 -11.35
CA GLN B 64 -8.61 -3.16 -10.15
C GLN B 64 -7.11 -3.15 -10.38
N GLU B 65 -6.41 -2.34 -9.62
CA GLU B 65 -4.96 -2.28 -9.69
C GLU B 65 -4.35 -2.83 -8.42
N VAL B 66 -3.61 -3.92 -8.56
CA VAL B 66 -2.95 -4.53 -7.42
C VAL B 66 -1.51 -4.06 -7.35
N THR B 67 -1.23 -3.20 -6.39
CA THR B 67 0.11 -2.69 -6.21
C THR B 67 0.84 -3.55 -5.19
N ARG B 68 1.81 -4.32 -5.65
CA ARG B 68 2.54 -5.23 -4.78
C ARG B 68 3.73 -4.56 -4.15
N PHE B 69 3.87 -4.74 -2.85
CA PHE B 69 5.00 -4.19 -2.11
C PHE B 69 5.39 -5.15 -1.00
N ASP B 70 6.43 -4.80 -0.26
CA ASP B 70 6.90 -5.62 0.84
C ASP B 70 7.37 -4.72 1.96
N PHE B 71 7.33 -5.21 3.19
CA PHE B 71 7.74 -4.42 4.33
C PHE B 71 8.31 -5.28 5.45
N THR B 72 9.25 -4.71 6.17
CA THR B 72 9.86 -5.36 7.32
C THR B 72 10.39 -4.29 8.26
N THR B 73 11.12 -3.34 7.69
CA THR B 73 11.66 -2.22 8.41
C THR B 73 11.93 -1.08 7.43
N THR B 74 11.41 0.11 7.73
CA THR B 74 11.53 1.24 6.84
C THR B 74 12.98 1.74 6.78
N SER B 75 13.74 1.20 5.83
CA SER B 75 15.15 1.53 5.70
C SER B 75 15.35 2.85 4.94
N THR B 76 14.71 3.90 5.41
CA THR B 76 14.86 5.21 4.83
C THR B 76 15.99 5.97 5.50
N SER B 77 16.74 6.73 4.72
CA SER B 77 17.87 7.51 5.23
C SER B 77 18.88 6.61 5.94
N THR B 78 19.47 5.69 5.19
CA THR B 78 20.47 4.78 5.74
C THR B 78 21.81 4.95 4.99
N PRO B 79 22.64 5.90 5.45
CA PRO B 79 23.95 6.15 4.87
C PRO B 79 25.01 5.20 5.41
N GLY B 80 24.90 3.94 5.04
CA GLY B 80 25.84 2.94 5.50
C GLY B 80 27.21 3.14 4.89
N SER B 81 28.15 3.63 5.69
CA SER B 81 29.50 3.84 5.25
C SER B 81 30.22 2.52 5.05
N ARG B 82 30.12 1.97 3.84
CA ARG B 82 30.73 0.70 3.52
C ARG B 82 32.23 0.85 3.32
N SER B 83 32.92 1.20 4.38
CA SER B 83 34.36 1.36 4.35
C SER B 83 35.04 -0.01 4.34
N HIS B 84 34.32 -1.02 4.83
CA HIS B 84 34.85 -2.38 4.85
C HIS B 84 34.54 -3.08 3.53
N HIS B 85 34.99 -2.47 2.44
CA HIS B 85 34.77 -3.01 1.11
C HIS B 85 36.11 -3.20 0.40
N HIS B 86 36.79 -4.28 0.74
CA HIS B 86 38.09 -4.59 0.14
C HIS B 86 37.96 -5.72 -0.87
N HIS B 87 37.21 -5.49 -1.93
CA HIS B 87 36.98 -6.51 -2.95
C HIS B 87 38.17 -6.56 -3.91
N HIS B 88 39.29 -7.08 -3.43
CA HIS B 88 40.49 -7.20 -4.25
C HIS B 88 41.17 -8.54 -3.99
N HIS B 89 40.46 -9.43 -3.30
CA HIS B 89 40.99 -10.74 -2.95
C HIS B 89 40.01 -11.83 -3.37
N GLY A 1 7.35 -2.72 -13.91
CA GLY A 1 8.35 -1.76 -14.43
C GLY A 1 8.23 -0.41 -13.75
N SER A 2 9.03 0.54 -14.19
CA SER A 2 9.00 1.88 -13.63
C SER A 2 7.72 2.62 -14.04
N GLN A 3 7.39 2.53 -15.31
CA GLN A 3 6.21 3.21 -15.82
C GLN A 3 4.95 2.38 -15.59
N THR A 4 4.15 2.81 -14.63
CA THR A 4 2.94 2.12 -14.28
C THR A 4 1.91 2.22 -15.40
N THR A 5 1.44 1.08 -15.88
CA THR A 5 0.49 1.03 -16.99
C THR A 5 -0.87 1.60 -16.57
N ALA A 6 -1.19 1.45 -15.29
CA ALA A 6 -2.40 2.04 -14.74
C ALA A 6 -2.07 3.36 -14.06
N PRO A 7 -2.43 4.49 -14.69
CA PRO A 7 -2.07 5.83 -14.19
C PRO A 7 -2.73 6.16 -12.85
N ASP A 8 -3.85 5.49 -12.56
CA ASP A 8 -4.61 5.78 -11.36
C ASP A 8 -4.09 4.97 -10.18
N ALA A 9 -3.09 4.14 -10.44
CA ALA A 9 -2.50 3.27 -9.41
C ALA A 9 -1.46 4.02 -8.58
N PRO A 10 -1.41 3.76 -7.26
CA PRO A 10 -0.38 4.31 -6.39
C PRO A 10 0.98 3.72 -6.71
N PRO A 11 1.96 4.57 -7.07
CA PRO A 11 3.31 4.15 -7.47
C PRO A 11 4.00 3.33 -6.38
N ASP A 12 3.83 3.73 -5.14
CA ASP A 12 4.46 3.04 -4.01
C ASP A 12 3.73 3.32 -2.71
N PRO A 13 3.14 2.29 -2.09
CA PRO A 13 2.59 2.39 -0.75
C PRO A 13 3.69 2.33 0.30
N THR A 14 3.89 3.42 1.02
CA THR A 14 4.94 3.48 2.02
C THR A 14 4.32 3.44 3.40
N VAL A 15 4.95 2.73 4.33
CA VAL A 15 4.38 2.61 5.65
C VAL A 15 5.13 3.48 6.65
N ASP A 16 4.37 4.17 7.48
CA ASP A 16 4.91 5.07 8.49
C ASP A 16 4.43 4.64 9.87
N GLN A 17 4.92 5.33 10.90
CA GLN A 17 4.46 5.14 12.28
C GLN A 17 4.50 3.68 12.70
N VAL A 18 5.71 3.16 12.89
CA VAL A 18 5.90 1.79 13.30
C VAL A 18 5.73 1.64 14.82
N ASP A 19 4.73 0.89 15.21
CA ASP A 19 4.45 0.65 16.62
C ASP A 19 5.04 -0.71 17.01
N ASP A 20 4.58 -1.31 18.10
CA ASP A 20 5.15 -2.58 18.56
C ASP A 20 4.83 -3.69 17.57
N THR A 21 3.62 -3.66 17.02
CA THR A 21 3.19 -4.64 16.02
C THR A 21 2.20 -4.03 15.03
N SER A 22 2.24 -2.73 14.85
CA SER A 22 1.32 -2.05 13.95
C SER A 22 2.04 -1.01 13.10
N ILE A 23 1.62 -0.88 11.85
CA ILE A 23 2.18 0.12 10.95
C ILE A 23 1.06 0.91 10.29
N VAL A 24 1.39 2.05 9.73
CA VAL A 24 0.43 2.78 8.93
C VAL A 24 0.88 2.82 7.48
N VAL A 25 0.26 2.03 6.65
CA VAL A 25 0.62 1.95 5.24
C VAL A 25 -0.17 2.99 4.44
N ARG A 26 0.56 3.89 3.79
CA ARG A 26 -0.04 5.00 3.09
C ARG A 26 0.26 4.93 1.60
N TRP A 27 -0.77 5.08 0.79
CA TRP A 27 -0.63 5.06 -0.66
C TRP A 27 -1.24 6.32 -1.26
N SER A 28 -0.47 7.03 -2.06
CA SER A 28 -0.97 8.21 -2.73
C SER A 28 -1.03 7.97 -4.23
N ARG A 29 -2.25 7.85 -4.76
CA ARG A 29 -2.45 7.72 -6.19
C ARG A 29 -2.71 9.10 -6.81
N PRO A 30 -2.38 9.28 -8.10
CA PRO A 30 -2.61 10.54 -8.81
C PRO A 30 -4.07 10.69 -9.23
N MET B 1 -18.70 10.43 -26.86
CA MET B 1 -17.42 9.73 -27.11
C MET B 1 -16.31 10.74 -27.41
N ARG B 2 -16.53 11.58 -28.42
CA ARG B 2 -15.62 12.66 -28.71
C ARG B 2 -15.83 13.77 -27.69
N GLY B 3 -17.10 13.99 -27.36
CA GLY B 3 -17.44 14.84 -26.25
C GLY B 3 -17.79 14.01 -25.04
N SER B 4 -17.76 14.61 -23.86
CA SER B 4 -18.00 13.89 -22.62
C SER B 4 -17.03 12.71 -22.48
N ASN B 5 -15.74 13.03 -22.41
CA ASN B 5 -14.70 12.01 -22.35
C ASN B 5 -14.61 11.40 -20.96
N ALA B 6 -15.34 12.01 -20.02
CA ALA B 6 -15.43 11.50 -18.67
C ALA B 6 -16.88 11.39 -18.23
N PRO B 7 -17.63 10.41 -18.78
CA PRO B 7 -19.02 10.18 -18.37
C PRO B 7 -19.07 9.61 -16.96
N GLN B 8 -19.15 10.51 -15.98
CA GLN B 8 -19.02 10.15 -14.57
C GLN B 8 -17.60 9.64 -14.31
N PRO B 9 -16.72 10.54 -13.83
CA PRO B 9 -15.29 10.25 -13.66
C PRO B 9 -15.01 8.98 -12.86
N SER B 10 -14.00 8.24 -13.29
CA SER B 10 -13.63 6.99 -12.64
C SER B 10 -12.86 7.25 -11.35
N HIS B 11 -13.53 7.00 -10.23
CA HIS B 11 -12.91 7.17 -8.92
C HIS B 11 -12.83 5.84 -8.18
N ILE B 12 -11.89 5.75 -7.27
CA ILE B 12 -11.69 4.53 -6.49
C ILE B 12 -12.71 4.46 -5.36
N SER B 13 -13.49 3.40 -5.34
CA SER B 13 -14.53 3.22 -4.35
C SER B 13 -13.98 2.61 -3.07
N LYS B 14 -13.02 1.69 -3.21
CA LYS B 14 -12.41 1.05 -2.06
C LYS B 14 -11.04 0.48 -2.40
N TYR B 15 -10.15 0.52 -1.43
CA TYR B 15 -8.83 -0.08 -1.55
C TYR B 15 -8.79 -1.36 -0.74
N ILE B 16 -8.28 -2.43 -1.31
CA ILE B 16 -8.12 -3.68 -0.59
C ILE B 16 -6.64 -3.91 -0.30
N LEU B 17 -6.31 -3.94 0.98
CA LEU B 17 -4.95 -4.16 1.42
C LEU B 17 -4.77 -5.64 1.74
N ARG B 18 -3.81 -6.27 1.07
CA ARG B 18 -3.51 -7.68 1.29
C ARG B 18 -2.06 -7.84 1.71
N TRP B 19 -1.81 -8.76 2.64
CA TRP B 19 -0.45 -9.05 3.07
C TRP B 19 -0.31 -10.48 3.54
N ARG B 20 0.83 -11.09 3.21
CA ARG B 20 1.15 -12.45 3.62
C ARG B 20 2.54 -12.49 4.26
N PRO B 21 2.65 -13.06 5.47
CA PRO B 21 3.93 -13.21 6.15
C PRO B 21 4.82 -14.26 5.49
N LYS B 22 6.05 -13.87 5.17
CA LYS B 22 7.01 -14.78 4.54
C LYS B 22 7.39 -15.92 5.49
N ASN B 23 7.10 -15.75 6.76
CA ASN B 23 7.40 -16.77 7.77
C ASN B 23 6.23 -17.73 7.95
N SER B 24 5.22 -17.57 7.11
CA SER B 24 4.03 -18.41 7.21
C SER B 24 3.80 -19.16 5.90
N VAL B 25 2.63 -19.79 5.76
CA VAL B 25 2.29 -20.51 4.54
C VAL B 25 2.10 -19.54 3.37
N GLY B 26 1.53 -18.37 3.64
CA GLY B 26 1.41 -17.36 2.62
C GLY B 26 -0.03 -16.97 2.31
N ARG B 27 -0.87 -17.01 3.32
CA ARG B 27 -2.26 -16.60 3.18
C ARG B 27 -2.39 -15.09 3.25
N TRP B 28 -3.25 -14.54 2.42
CA TRP B 28 -3.44 -13.09 2.35
C TRP B 28 -4.54 -12.63 3.28
N LYS B 29 -4.21 -11.72 4.18
CA LYS B 29 -5.23 -11.05 4.96
C LYS B 29 -5.78 -9.89 4.14
N GLU B 30 -7.09 -9.76 4.11
CA GLU B 30 -7.72 -8.73 3.28
C GLU B 30 -8.39 -7.67 4.15
N ALA B 31 -8.01 -6.42 3.93
CA ALA B 31 -8.63 -5.30 4.60
C ALA B 31 -9.24 -4.35 3.57
N THR B 32 -10.47 -3.92 3.82
CA THR B 32 -11.15 -3.02 2.90
C THR B 32 -11.12 -1.59 3.43
N ILE B 33 -10.49 -0.70 2.67
CA ILE B 33 -10.36 0.70 3.05
C ILE B 33 -11.16 1.57 2.08
N PRO B 34 -12.09 2.39 2.59
CA PRO B 34 -12.84 3.35 1.78
C PRO B 34 -11.93 4.18 0.87
N GLY B 35 -12.38 4.41 -0.36
CA GLY B 35 -11.55 5.09 -1.35
C GLY B 35 -11.41 6.58 -1.12
N HIS B 36 -11.06 6.96 0.11
CA HIS B 36 -10.82 8.35 0.46
C HIS B 36 -10.04 8.45 1.77
N LEU B 37 -9.46 7.34 2.20
CA LEU B 37 -8.62 7.34 3.40
C LEU B 37 -7.15 7.31 3.00
N ASN B 38 -6.84 6.43 2.05
CA ASN B 38 -5.51 6.34 1.43
C ASN B 38 -4.46 5.85 2.41
N SER B 39 -4.90 5.25 3.51
CA SER B 39 -4.00 4.74 4.52
C SER B 39 -4.70 3.71 5.39
N TYR B 40 -3.93 2.76 5.91
CA TYR B 40 -4.49 1.74 6.81
C TYR B 40 -3.48 1.39 7.89
N THR B 41 -3.96 1.20 9.10
CA THR B 41 -3.12 0.76 10.20
C THR B 41 -3.16 -0.76 10.31
N ILE B 42 -2.13 -1.41 9.79
CA ILE B 42 -2.06 -2.86 9.84
C ILE B 42 -1.55 -3.30 11.21
N LYS B 43 -2.45 -3.88 11.99
CA LYS B 43 -2.11 -4.34 13.33
C LYS B 43 -1.87 -5.85 13.34
N GLY B 44 -0.70 -6.25 13.80
CA GLY B 44 -0.36 -7.66 13.83
C GLY B 44 0.87 -7.98 13.01
N LEU B 45 1.72 -6.98 12.81
CA LEU B 45 2.96 -7.18 12.07
C LEU B 45 4.15 -7.24 13.03
N LYS B 46 4.99 -8.24 12.83
CA LYS B 46 6.14 -8.43 13.70
C LYS B 46 7.41 -7.85 13.07
N PRO B 47 8.07 -6.90 13.76
CA PRO B 47 9.33 -6.31 13.29
C PRO B 47 10.43 -7.37 13.18
N GLY B 48 10.94 -7.54 11.98
CA GLY B 48 11.96 -8.55 11.74
C GLY B 48 11.42 -9.65 10.84
N VAL B 49 10.11 -9.72 10.74
CA VAL B 49 9.44 -10.69 9.91
C VAL B 49 9.06 -10.06 8.58
N VAL B 50 9.38 -10.72 7.47
CA VAL B 50 9.09 -10.17 6.15
C VAL B 50 7.64 -10.40 5.76
N TYR B 51 7.00 -9.35 5.24
CA TYR B 51 5.63 -9.44 4.79
C TYR B 51 5.53 -9.01 3.33
N GLU B 52 4.70 -9.73 2.58
CA GLU B 52 4.44 -9.38 1.19
C GLU B 52 3.08 -8.71 1.11
N GLY B 53 3.04 -7.45 0.70
CA GLY B 53 1.78 -6.73 0.70
C GLY B 53 1.41 -6.17 -0.65
N GLN B 54 0.11 -5.99 -0.85
CA GLN B 54 -0.42 -5.44 -2.09
C GLN B 54 -1.58 -4.51 -1.80
N LEU B 55 -1.65 -3.42 -2.55
CA LEU B 55 -2.77 -2.50 -2.47
C LEU B 55 -3.56 -2.58 -3.77
N ILE B 56 -4.84 -2.90 -3.63
CA ILE B 56 -5.71 -3.06 -4.79
C ILE B 56 -6.83 -2.04 -4.77
N SER B 57 -6.80 -1.12 -5.71
CA SER B 57 -7.84 -0.10 -5.80
C SER B 57 -8.97 -0.55 -6.71
N ILE B 58 -10.19 -0.54 -6.18
CA ILE B 58 -11.37 -0.90 -6.95
C ILE B 58 -12.13 0.34 -7.35
N GLN B 59 -12.13 0.65 -8.64
CA GLN B 59 -12.80 1.85 -9.12
C GLN B 59 -14.29 1.62 -9.34
N GLN B 60 -14.98 2.68 -9.75
CA GLN B 60 -16.41 2.64 -9.95
C GLN B 60 -16.83 1.61 -10.99
N TYR B 61 -16.09 1.55 -12.09
CA TYR B 61 -16.46 0.66 -13.20
C TYR B 61 -15.74 -0.68 -13.09
N GLY B 62 -15.20 -0.95 -11.92
CA GLY B 62 -14.60 -2.25 -11.67
C GLY B 62 -13.12 -2.31 -12.02
N HIS B 63 -12.54 -1.17 -12.41
CA HIS B 63 -11.12 -1.12 -12.72
C HIS B 63 -10.33 -1.42 -11.45
N GLN B 64 -9.37 -2.34 -11.56
CA GLN B 64 -8.56 -2.72 -10.41
C GLN B 64 -7.09 -2.44 -10.67
N GLU B 65 -6.47 -1.67 -9.79
CA GLU B 65 -5.04 -1.45 -9.86
C GLU B 65 -4.37 -2.20 -8.72
N VAL B 66 -3.31 -2.92 -9.01
CA VAL B 66 -2.60 -3.66 -7.99
C VAL B 66 -1.15 -3.18 -7.88
N THR B 67 -0.81 -2.61 -6.75
CA THR B 67 0.54 -2.18 -6.48
C THR B 67 1.06 -2.91 -5.23
N ARG B 68 2.24 -3.50 -5.34
CA ARG B 68 2.77 -4.31 -4.26
C ARG B 68 3.81 -3.53 -3.46
N PHE B 69 4.02 -3.93 -2.21
CA PHE B 69 5.01 -3.29 -1.37
C PHE B 69 5.72 -4.31 -0.49
N ASP B 70 6.85 -3.91 0.07
CA ASP B 70 7.67 -4.78 0.91
C ASP B 70 7.88 -4.16 2.28
N PHE B 71 7.77 -4.97 3.32
CA PHE B 71 8.00 -4.51 4.68
C PHE B 71 8.54 -5.64 5.54
N THR B 72 9.42 -5.29 6.46
CA THR B 72 9.95 -6.23 7.42
C THR B 72 10.53 -5.49 8.63
N THR B 73 11.19 -4.37 8.36
CA THR B 73 11.71 -3.51 9.41
C THR B 73 11.83 -2.08 8.88
N THR B 74 12.41 -1.96 7.70
CA THR B 74 12.52 -0.67 7.02
C THR B 74 11.13 -0.17 6.61
N SER B 75 10.84 1.08 6.93
CA SER B 75 9.55 1.67 6.60
C SER B 75 9.51 2.06 5.12
N THR B 76 10.69 2.30 4.55
CA THR B 76 10.81 2.57 3.13
C THR B 76 10.54 1.28 2.34
N SER B 77 9.48 1.27 1.56
CA SER B 77 9.01 0.06 0.90
C SER B 77 9.78 -0.25 -0.39
N THR B 78 10.43 0.76 -0.95
CA THR B 78 11.16 0.59 -2.21
C THR B 78 12.52 1.24 -2.17
N PRO B 79 13.48 0.72 -2.96
CA PRO B 79 14.79 1.33 -3.14
C PRO B 79 14.78 2.38 -4.23
N GLY B 80 13.60 2.66 -4.74
CA GLY B 80 13.42 3.65 -5.78
C GLY B 80 11.96 3.97 -5.98
N SER B 81 11.54 5.14 -5.49
CA SER B 81 10.14 5.53 -5.54
C SER B 81 9.66 5.65 -6.99
N ARG B 82 10.21 6.61 -7.71
CA ARG B 82 9.86 6.82 -9.11
C ARG B 82 11.13 6.99 -9.92
N SER B 83 11.18 6.36 -11.08
CA SER B 83 12.33 6.48 -11.95
C SER B 83 12.33 7.85 -12.63
N HIS B 84 13.53 8.39 -12.85
CA HIS B 84 13.69 9.73 -13.40
C HIS B 84 13.05 10.75 -12.48
N HIS B 85 13.72 11.01 -11.36
CA HIS B 85 13.23 11.97 -10.37
C HIS B 85 13.26 13.38 -10.93
N HIS B 86 12.18 14.13 -10.72
CA HIS B 86 12.07 15.49 -11.23
C HIS B 86 12.95 16.44 -10.43
N HIS B 87 13.68 15.89 -9.47
CA HIS B 87 14.66 16.65 -8.70
C HIS B 87 15.86 17.00 -9.58
N HIS B 88 15.98 16.30 -10.70
CA HIS B 88 17.05 16.54 -11.65
C HIS B 88 16.64 17.64 -12.62
N HIS B 89 17.58 18.50 -12.98
CA HIS B 89 17.29 19.62 -13.87
C HIS B 89 18.06 19.44 -15.17
N GLY A 1 -2.77 16.72 -10.96
CA GLY A 1 -2.98 15.49 -11.75
C GLY A 1 -2.88 15.76 -13.24
N SER A 2 -1.69 15.60 -13.77
CA SER A 2 -1.46 15.79 -15.19
C SER A 2 -0.18 15.09 -15.61
N GLN A 3 -0.09 13.80 -15.28
CA GLN A 3 1.11 13.02 -15.59
C GLN A 3 0.84 12.03 -16.72
N THR A 4 -0.30 12.22 -17.39
CA THR A 4 -0.73 11.35 -18.47
C THR A 4 -0.88 9.92 -17.97
N THR A 5 -1.43 9.78 -16.77
CA THR A 5 -1.53 8.49 -16.11
C THR A 5 -2.70 7.67 -16.61
N ALA A 6 -2.42 6.69 -17.45
CA ALA A 6 -3.42 5.74 -17.90
C ALA A 6 -3.86 4.83 -16.74
N PRO A 7 -2.92 4.23 -15.98
CA PRO A 7 -3.25 3.51 -14.76
C PRO A 7 -3.54 4.46 -13.61
N ASP A 8 -4.43 4.07 -12.71
CA ASP A 8 -4.79 4.90 -11.58
C ASP A 8 -4.30 4.26 -10.29
N ALA A 9 -3.15 3.62 -10.38
CA ALA A 9 -2.57 2.90 -9.26
C ALA A 9 -1.56 3.77 -8.52
N PRO A 10 -1.63 3.77 -7.18
CA PRO A 10 -0.65 4.48 -6.33
C PRO A 10 0.78 4.01 -6.62
N PRO A 11 1.65 4.96 -7.01
CA PRO A 11 3.04 4.67 -7.41
C PRO A 11 3.83 3.89 -6.37
N ASP A 12 3.67 4.24 -5.11
CA ASP A 12 4.35 3.52 -4.03
C ASP A 12 3.59 3.66 -2.72
N PRO A 13 3.32 2.53 -2.05
CA PRO A 13 2.82 2.54 -0.68
C PRO A 13 3.96 2.79 0.31
N THR A 14 3.86 3.90 1.02
CA THR A 14 4.90 4.30 1.96
C THR A 14 4.51 3.89 3.38
N VAL A 15 5.35 3.08 4.00
CA VAL A 15 5.06 2.62 5.35
C VAL A 15 5.76 3.50 6.38
N ASP A 16 4.97 4.19 7.20
CA ASP A 16 5.50 5.05 8.25
C ASP A 16 5.06 4.53 9.61
N GLN A 17 5.66 5.08 10.66
CA GLN A 17 5.34 4.72 12.03
C GLN A 17 5.43 3.21 12.26
N VAL A 18 6.62 2.67 12.05
CA VAL A 18 6.85 1.25 12.24
C VAL A 18 7.08 0.93 13.71
N ASP A 19 6.16 0.18 14.29
CA ASP A 19 6.26 -0.22 15.69
C ASP A 19 6.56 -1.71 15.76
N ASP A 20 6.18 -2.38 16.85
CA ASP A 20 6.42 -3.81 16.99
C ASP A 20 5.41 -4.60 16.16
N THR A 21 4.14 -4.33 16.38
CA THR A 21 3.07 -5.11 15.76
C THR A 21 2.11 -4.25 14.94
N SER A 22 2.52 -3.04 14.60
CA SER A 22 1.65 -2.13 13.85
C SER A 22 2.46 -1.21 12.94
N ILE A 23 1.90 -0.93 11.78
CA ILE A 23 2.50 0.02 10.85
C ILE A 23 1.43 0.94 10.28
N VAL A 24 1.84 2.10 9.79
CA VAL A 24 0.94 2.97 9.07
C VAL A 24 1.32 2.98 7.59
N VAL A 25 0.53 2.29 6.79
CA VAL A 25 0.81 2.18 5.37
C VAL A 25 0.02 3.24 4.59
N ARG A 26 0.76 4.13 3.96
CA ARG A 26 0.16 5.21 3.19
C ARG A 26 0.36 4.99 1.71
N TRP A 27 -0.48 5.60 0.90
CA TRP A 27 -0.34 5.52 -0.54
C TRP A 27 -0.80 6.82 -1.18
N SER A 28 -0.06 7.29 -2.16
CA SER A 28 -0.47 8.48 -2.88
C SER A 28 -1.58 8.12 -3.86
N ARG A 29 -2.78 8.59 -3.56
CA ARG A 29 -3.95 8.27 -4.37
C ARG A 29 -4.10 9.29 -5.50
N PRO A 30 -4.78 8.91 -6.59
CA PRO A 30 -5.06 9.82 -7.69
C PRO A 30 -5.72 11.11 -7.22
N MET B 1 -13.49 21.90 -22.07
CA MET B 1 -13.62 22.75 -23.27
C MET B 1 -13.35 21.93 -24.53
N ARG B 2 -12.14 21.42 -24.64
CA ARG B 2 -11.78 20.56 -25.75
C ARG B 2 -11.80 19.11 -25.32
N GLY B 3 -12.39 18.26 -26.15
CA GLY B 3 -12.50 16.86 -25.81
C GLY B 3 -13.75 16.57 -25.02
N SER B 4 -14.24 15.36 -25.12
CA SER B 4 -15.45 14.96 -24.42
C SER B 4 -15.11 14.53 -23.00
N ASN B 5 -16.04 14.77 -22.08
CA ASN B 5 -15.86 14.41 -20.69
C ASN B 5 -16.44 13.03 -20.42
N ALA B 6 -15.61 12.14 -19.92
CA ALA B 6 -16.05 10.78 -19.61
C ALA B 6 -15.81 10.49 -18.13
N PRO B 7 -16.73 9.76 -17.48
CA PRO B 7 -16.59 9.39 -16.07
C PRO B 7 -15.23 8.78 -15.77
N GLN B 8 -14.38 9.57 -15.10
CA GLN B 8 -13.00 9.21 -14.88
C GLN B 8 -12.86 8.02 -13.93
N PRO B 9 -11.96 7.08 -14.27
CA PRO B 9 -11.66 5.93 -13.43
C PRO B 9 -10.84 6.32 -12.19
N SER B 10 -10.44 7.59 -12.15
CA SER B 10 -9.69 8.13 -11.01
C SER B 10 -10.63 8.40 -9.83
N HIS B 11 -11.53 7.46 -9.60
CA HIS B 11 -12.51 7.55 -8.54
C HIS B 11 -12.70 6.16 -7.96
N ILE B 12 -11.84 5.79 -7.03
CA ILE B 12 -11.82 4.45 -6.49
C ILE B 12 -12.96 4.26 -5.48
N SER B 13 -13.61 3.10 -5.55
CA SER B 13 -14.72 2.79 -4.69
C SER B 13 -14.23 2.28 -3.34
N LYS B 14 -13.13 1.53 -3.36
CA LYS B 14 -12.54 1.00 -2.14
C LYS B 14 -11.13 0.49 -2.42
N TYR B 15 -10.28 0.56 -1.41
CA TYR B 15 -8.92 0.04 -1.50
C TYR B 15 -8.80 -1.20 -0.64
N ILE B 16 -8.16 -2.23 -1.15
CA ILE B 16 -7.96 -3.45 -0.39
C ILE B 16 -6.48 -3.66 -0.10
N LEU B 17 -6.16 -3.75 1.18
CA LEU B 17 -4.79 -4.00 1.61
C LEU B 17 -4.63 -5.49 1.88
N ARG B 18 -3.78 -6.15 1.11
CA ARG B 18 -3.48 -7.55 1.32
C ARG B 18 -2.05 -7.73 1.78
N TRP B 19 -1.85 -8.60 2.76
CA TRP B 19 -0.50 -8.87 3.26
C TRP B 19 -0.38 -10.30 3.76
N ARG B 20 0.81 -10.87 3.58
CA ARG B 20 1.11 -12.20 4.08
C ARG B 20 2.54 -12.24 4.61
N PRO B 21 2.80 -13.02 5.67
CA PRO B 21 4.15 -13.21 6.20
C PRO B 21 5.04 -13.92 5.20
N LYS B 22 6.08 -13.22 4.76
CA LYS B 22 6.97 -13.70 3.69
C LYS B 22 7.68 -14.99 4.12
N ASN B 23 8.07 -15.05 5.38
CA ASN B 23 8.83 -16.18 5.91
C ASN B 23 7.93 -17.34 6.30
N SER B 24 6.64 -17.21 6.00
CA SER B 24 5.67 -18.22 6.38
C SER B 24 4.75 -18.53 5.19
N VAL B 25 4.03 -19.64 5.28
CA VAL B 25 3.05 -20.01 4.28
C VAL B 25 1.69 -19.37 4.62
N GLY B 26 1.77 -18.15 5.15
CA GLY B 26 0.59 -17.42 5.55
C GLY B 26 -0.25 -16.97 4.38
N ARG B 27 -1.50 -16.66 4.65
CA ARG B 27 -2.44 -16.30 3.61
C ARG B 27 -2.66 -14.80 3.58
N TRP B 28 -3.12 -14.30 2.45
CA TRP B 28 -3.32 -12.87 2.26
C TRP B 28 -4.55 -12.41 3.03
N LYS B 29 -4.34 -11.57 4.03
CA LYS B 29 -5.43 -10.95 4.75
C LYS B 29 -5.91 -9.73 3.99
N GLU B 30 -7.21 -9.50 3.97
CA GLU B 30 -7.78 -8.42 3.20
C GLU B 30 -8.41 -7.38 4.12
N ALA B 31 -7.96 -6.14 3.97
CA ALA B 31 -8.54 -5.03 4.70
C ALA B 31 -9.17 -4.06 3.71
N THR B 32 -10.42 -3.68 3.96
CA THR B 32 -11.16 -2.83 3.07
C THR B 32 -11.13 -1.38 3.54
N ILE B 33 -10.51 -0.51 2.76
CA ILE B 33 -10.41 0.90 3.08
C ILE B 33 -11.31 1.69 2.13
N PRO B 34 -12.15 2.59 2.68
CA PRO B 34 -13.03 3.45 1.88
C PRO B 34 -12.29 4.16 0.75
N GLY B 35 -12.95 4.27 -0.40
CA GLY B 35 -12.32 4.87 -1.57
C GLY B 35 -12.22 6.38 -1.49
N HIS B 36 -11.74 6.88 -0.37
CA HIS B 36 -11.48 8.29 -0.18
C HIS B 36 -10.44 8.49 0.92
N LEU B 37 -9.66 7.45 1.16
CA LEU B 37 -8.58 7.50 2.13
C LEU B 37 -7.26 7.16 1.44
N ASN B 38 -6.15 7.53 2.05
CA ASN B 38 -4.84 7.26 1.48
C ASN B 38 -3.89 6.69 2.52
N SER B 39 -4.45 6.21 3.63
CA SER B 39 -3.65 5.68 4.71
C SER B 39 -4.41 4.63 5.50
N TYR B 40 -3.73 3.54 5.83
CA TYR B 40 -4.30 2.49 6.65
C TYR B 40 -3.30 2.06 7.72
N THR B 41 -3.80 1.73 8.90
CA THR B 41 -2.94 1.23 9.96
C THR B 41 -3.14 -0.28 10.11
N ILE B 42 -2.08 -1.04 9.86
CA ILE B 42 -2.16 -2.49 9.96
C ILE B 42 -1.80 -2.92 11.38
N LYS B 43 -2.69 -3.65 12.02
CA LYS B 43 -2.47 -4.14 13.37
C LYS B 43 -2.56 -5.65 13.39
N GLY B 44 -1.73 -6.28 14.19
CA GLY B 44 -1.71 -7.73 14.25
C GLY B 44 -0.60 -8.32 13.43
N LEU B 45 0.42 -7.51 13.17
CA LEU B 45 1.61 -7.99 12.48
C LEU B 45 2.56 -8.61 13.50
N LYS B 46 3.55 -9.35 13.03
CA LYS B 46 4.52 -9.97 13.93
C LYS B 46 5.89 -9.34 13.77
N PRO B 47 6.48 -8.87 14.89
CA PRO B 47 7.77 -8.16 14.88
C PRO B 47 8.93 -9.06 14.43
N GLY B 48 9.62 -8.63 13.40
CA GLY B 48 10.75 -9.38 12.89
C GLY B 48 10.40 -10.11 11.61
N VAL B 49 9.10 -10.24 11.37
CA VAL B 49 8.63 -10.90 10.18
C VAL B 49 8.47 -9.90 9.04
N VAL B 50 9.09 -10.20 7.91
CA VAL B 50 8.93 -9.38 6.72
C VAL B 50 7.65 -9.80 6.01
N TYR B 51 6.89 -8.82 5.54
CA TYR B 51 5.60 -9.10 4.93
C TYR B 51 5.57 -8.71 3.46
N GLU B 52 4.76 -9.43 2.72
CA GLU B 52 4.49 -9.09 1.32
C GLU B 52 3.12 -8.46 1.26
N GLY B 53 3.02 -7.28 0.67
CA GLY B 53 1.75 -6.59 0.64
C GLY B 53 1.38 -6.10 -0.75
N GLN B 54 0.09 -5.91 -0.96
CA GLN B 54 -0.41 -5.41 -2.23
C GLN B 54 -1.56 -4.43 -1.99
N LEU B 55 -1.47 -3.27 -2.61
CA LEU B 55 -2.52 -2.27 -2.52
C LEU B 55 -3.42 -2.40 -3.74
N ILE B 56 -4.63 -2.88 -3.52
CA ILE B 56 -5.57 -3.12 -4.60
C ILE B 56 -6.66 -2.06 -4.60
N SER B 57 -6.70 -1.27 -5.66
CA SER B 57 -7.70 -0.22 -5.77
C SER B 57 -8.82 -0.66 -6.72
N ILE B 58 -10.05 -0.65 -6.22
CA ILE B 58 -11.21 -1.03 -7.03
C ILE B 58 -11.88 0.22 -7.59
N GLN B 59 -11.85 0.36 -8.92
CA GLN B 59 -12.45 1.51 -9.56
C GLN B 59 -13.95 1.31 -9.76
N GLN B 60 -14.63 2.35 -10.22
CA GLN B 60 -16.05 2.26 -10.53
C GLN B 60 -16.30 1.18 -11.58
N TYR B 61 -15.40 1.12 -12.57
CA TYR B 61 -15.53 0.19 -13.69
C TYR B 61 -15.10 -1.23 -13.30
N GLY B 62 -14.83 -1.43 -12.01
CA GLY B 62 -14.43 -2.75 -11.55
C GLY B 62 -12.99 -3.07 -11.85
N HIS B 63 -12.26 -2.09 -12.39
CA HIS B 63 -10.85 -2.28 -12.68
C HIS B 63 -10.06 -2.36 -11.40
N GLN B 64 -9.13 -3.29 -11.34
CA GLN B 64 -8.30 -3.45 -10.16
C GLN B 64 -6.90 -2.93 -10.42
N GLU B 65 -6.51 -1.94 -9.64
CA GLU B 65 -5.17 -1.40 -9.72
C GLU B 65 -4.36 -1.93 -8.54
N VAL B 66 -3.37 -2.75 -8.83
CA VAL B 66 -2.63 -3.44 -7.78
C VAL B 66 -1.17 -3.04 -7.77
N THR B 67 -0.76 -2.37 -6.70
CA THR B 67 0.63 -2.02 -6.49
C THR B 67 1.21 -2.91 -5.38
N ARG B 68 2.18 -3.74 -5.73
CA ARG B 68 2.79 -4.65 -4.77
C ARG B 68 3.93 -3.96 -4.05
N PHE B 69 4.17 -4.37 -2.81
CA PHE B 69 5.25 -3.82 -2.00
C PHE B 69 5.60 -4.77 -0.87
N ASP B 70 6.61 -4.41 -0.09
CA ASP B 70 7.02 -5.20 1.06
C ASP B 70 7.27 -4.29 2.24
N PHE B 71 7.21 -4.84 3.44
CA PHE B 71 7.45 -4.06 4.64
C PHE B 71 7.85 -4.97 5.79
N THR B 72 8.59 -4.42 6.74
CA THR B 72 9.01 -5.17 7.91
C THR B 72 8.64 -4.43 9.18
N THR B 73 7.82 -5.04 10.01
CA THR B 73 7.48 -4.47 11.30
C THR B 73 8.43 -5.00 12.36
N THR B 74 9.12 -4.10 13.04
CA THR B 74 10.11 -4.49 14.03
C THR B 74 10.71 -3.26 14.71
N SER B 75 11.04 -3.42 15.98
CA SER B 75 11.72 -2.38 16.73
C SER B 75 13.04 -2.92 17.27
N THR B 76 13.17 -4.24 17.26
CA THR B 76 14.38 -4.89 17.74
C THR B 76 15.48 -4.80 16.70
N SER B 77 15.10 -4.44 15.48
CA SER B 77 16.06 -4.20 14.41
C SER B 77 16.11 -2.72 14.08
N THR B 78 17.31 -2.15 14.16
CA THR B 78 17.50 -0.74 13.88
C THR B 78 18.62 -0.55 12.85
N PRO B 79 18.29 -0.01 11.67
CA PRO B 79 19.26 0.18 10.59
C PRO B 79 20.09 1.46 10.76
N GLY B 80 20.70 1.62 11.91
CA GLY B 80 21.52 2.79 12.17
C GLY B 80 22.96 2.57 11.74
N SER B 81 23.27 2.92 10.51
CA SER B 81 24.61 2.73 9.98
C SER B 81 25.56 3.80 10.54
N ARG B 82 26.38 3.40 11.50
CA ARG B 82 27.32 4.31 12.13
C ARG B 82 28.58 3.56 12.54
N SER B 83 29.08 2.72 11.66
CA SER B 83 30.27 1.93 11.94
C SER B 83 31.47 2.83 12.22
N HIS B 84 31.54 3.96 11.54
CA HIS B 84 32.61 4.93 11.77
C HIS B 84 32.05 6.33 12.00
N HIS B 85 31.24 6.79 11.05
CA HIS B 85 30.66 8.13 11.12
C HIS B 85 29.21 8.11 10.66
N HIS B 86 28.40 8.99 11.24
CA HIS B 86 27.00 9.13 10.85
C HIS B 86 26.45 10.48 11.28
N HIS B 87 26.07 11.29 10.31
CA HIS B 87 25.48 12.59 10.59
C HIS B 87 24.61 13.06 9.44
N HIS B 88 24.00 14.24 9.59
CA HIS B 88 23.14 14.83 8.57
C HIS B 88 21.88 13.98 8.36
N HIS B 89 21.34 13.50 9.47
CA HIS B 89 20.12 12.72 9.46
C HIS B 89 18.91 13.64 9.43
N GLY A 1 2.79 -6.33 -20.23
CA GLY A 1 3.94 -5.40 -20.15
C GLY A 1 4.51 -5.32 -18.75
N SER A 2 5.77 -4.93 -18.65
CA SER A 2 6.42 -4.76 -17.37
C SER A 2 6.24 -3.33 -16.88
N GLN A 3 6.40 -2.38 -17.78
CA GLN A 3 6.29 -0.97 -17.44
C GLN A 3 5.00 -0.40 -18.00
N THR A 4 4.13 0.05 -17.10
CA THR A 4 2.86 0.64 -17.49
C THR A 4 3.02 2.13 -17.72
N THR A 5 2.65 2.59 -18.92
CA THR A 5 2.82 4.00 -19.28
C THR A 5 1.82 4.88 -18.55
N ALA A 6 0.63 4.36 -18.32
CA ALA A 6 -0.42 5.09 -17.65
C ALA A 6 -0.26 5.01 -16.14
N PRO A 7 -0.18 6.17 -15.46
CA PRO A 7 -0.13 6.21 -13.99
C PRO A 7 -1.52 6.02 -13.37
N ASP A 8 -2.22 5.00 -13.84
CA ASP A 8 -3.59 4.73 -13.41
C ASP A 8 -3.58 4.09 -12.02
N ALA A 9 -2.51 3.36 -11.74
CA ALA A 9 -2.31 2.74 -10.44
C ALA A 9 -1.58 3.68 -9.49
N PRO A 10 -1.92 3.65 -8.20
CA PRO A 10 -1.23 4.43 -7.17
C PRO A 10 0.26 4.06 -7.09
N PRO A 11 1.15 5.06 -6.89
CA PRO A 11 2.60 4.85 -6.93
C PRO A 11 3.04 3.68 -6.07
N ASP A 12 2.94 3.84 -4.76
CA ASP A 12 3.25 2.77 -3.82
C ASP A 12 2.81 3.18 -2.43
N PRO A 13 2.22 2.24 -1.67
CA PRO A 13 1.94 2.46 -0.26
C PRO A 13 3.21 2.39 0.57
N THR A 14 3.58 3.50 1.16
CA THR A 14 4.77 3.58 1.98
C THR A 14 4.39 3.48 3.45
N VAL A 15 4.83 2.43 4.10
CA VAL A 15 4.46 2.21 5.49
C VAL A 15 5.51 2.76 6.44
N ASP A 16 5.03 3.33 7.54
CA ASP A 16 5.91 3.83 8.57
C ASP A 16 5.96 2.85 9.73
N GLN A 17 7.15 2.61 10.26
CA GLN A 17 7.32 1.72 11.40
C GLN A 17 7.07 2.49 12.68
N VAL A 18 5.81 2.77 12.95
CA VAL A 18 5.43 3.57 14.11
C VAL A 18 5.64 2.78 15.41
N ASP A 19 5.00 1.63 15.52
CA ASP A 19 5.14 0.80 16.70
C ASP A 19 5.74 -0.55 16.35
N ASP A 20 5.90 -1.41 17.34
CA ASP A 20 6.53 -2.70 17.11
C ASP A 20 5.59 -3.64 16.36
N THR A 21 4.35 -3.75 16.83
CA THR A 21 3.41 -4.69 16.24
C THR A 21 2.33 -4.00 15.40
N SER A 22 2.60 -2.77 14.98
CA SER A 22 1.66 -2.05 14.13
C SER A 22 2.37 -1.07 13.22
N ILE A 23 1.99 -1.08 11.95
CA ILE A 23 2.57 -0.18 10.97
C ILE A 23 1.48 0.73 10.43
N VAL A 24 1.87 1.88 9.90
CA VAL A 24 0.94 2.76 9.22
C VAL A 24 1.25 2.79 7.73
N VAL A 25 0.42 2.14 6.96
CA VAL A 25 0.62 2.03 5.52
C VAL A 25 -0.24 3.06 4.80
N ARG A 26 0.43 3.99 4.13
CA ARG A 26 -0.26 5.10 3.47
C ARG A 26 0.10 5.14 1.99
N TRP A 27 -0.88 5.47 1.17
CA TRP A 27 -0.69 5.49 -0.27
C TRP A 27 -1.23 6.79 -0.86
N SER A 28 -0.54 7.29 -1.87
CA SER A 28 -0.99 8.48 -2.58
C SER A 28 -1.97 8.09 -3.68
N ARG A 29 -3.20 8.55 -3.55
CA ARG A 29 -4.25 8.21 -4.50
C ARG A 29 -4.21 9.15 -5.70
N PRO A 30 -4.65 8.68 -6.88
CA PRO A 30 -4.77 9.51 -8.08
C PRO A 30 -5.71 10.69 -7.86
N MET B 1 -25.52 12.58 -27.91
CA MET B 1 -26.12 11.29 -27.48
C MET B 1 -25.24 10.11 -27.87
N ARG B 2 -24.55 10.22 -29.00
CA ARG B 2 -23.68 9.14 -29.47
C ARG B 2 -22.28 9.31 -28.88
N GLY B 3 -22.13 8.89 -27.63
CA GLY B 3 -20.85 9.05 -26.95
C GLY B 3 -20.64 10.49 -26.50
N SER B 4 -21.37 10.90 -25.47
CA SER B 4 -21.31 12.26 -24.97
C SER B 4 -21.75 12.33 -23.51
N ASN B 5 -20.92 11.83 -22.62
CA ASN B 5 -21.21 11.85 -21.19
C ASN B 5 -20.06 12.49 -20.43
N ALA B 6 -20.31 12.84 -19.17
CA ALA B 6 -19.28 13.41 -18.31
C ALA B 6 -18.53 12.31 -17.58
N PRO B 7 -17.25 12.12 -17.93
CA PRO B 7 -16.43 11.07 -17.35
C PRO B 7 -15.83 11.46 -16.00
N GLN B 8 -15.61 10.47 -15.16
CA GLN B 8 -14.95 10.66 -13.89
C GLN B 8 -13.68 9.81 -13.86
N PRO B 9 -12.63 10.28 -14.59
CA PRO B 9 -11.43 9.49 -14.90
C PRO B 9 -10.91 8.61 -13.77
N SER B 10 -10.43 9.24 -12.70
CA SER B 10 -9.81 8.50 -11.61
C SER B 10 -10.68 8.54 -10.35
N HIS B 11 -11.45 7.49 -10.14
CA HIS B 11 -12.30 7.39 -8.96
C HIS B 11 -12.27 5.97 -8.42
N ILE B 12 -11.55 5.79 -7.32
CA ILE B 12 -11.45 4.50 -6.68
C ILE B 12 -12.56 4.35 -5.64
N SER B 13 -13.26 3.23 -5.70
CA SER B 13 -14.38 2.98 -4.81
C SER B 13 -13.91 2.41 -3.48
N LYS B 14 -12.83 1.63 -3.52
CA LYS B 14 -12.29 1.02 -2.32
C LYS B 14 -10.86 0.53 -2.56
N TYR B 15 -10.04 0.60 -1.52
CA TYR B 15 -8.69 0.10 -1.59
C TYR B 15 -8.59 -1.16 -0.75
N ILE B 16 -8.08 -2.23 -1.34
CA ILE B 16 -7.90 -3.47 -0.61
C ILE B 16 -6.42 -3.67 -0.28
N LEU B 17 -6.12 -3.70 1.01
CA LEU B 17 -4.76 -3.90 1.48
C LEU B 17 -4.58 -5.38 1.82
N ARG B 18 -3.76 -6.07 1.06
CA ARG B 18 -3.49 -7.48 1.33
C ARG B 18 -2.03 -7.68 1.71
N TRP B 19 -1.80 -8.44 2.76
CA TRP B 19 -0.45 -8.75 3.18
C TRP B 19 -0.32 -10.20 3.60
N ARG B 20 0.84 -10.78 3.31
CA ARG B 20 1.12 -12.15 3.67
C ARG B 20 2.54 -12.26 4.24
N PRO B 21 2.68 -12.75 5.48
CA PRO B 21 3.98 -12.91 6.13
C PRO B 21 4.85 -13.95 5.42
N LYS B 22 6.08 -13.58 5.11
CA LYS B 22 6.99 -14.47 4.38
C LYS B 22 7.46 -15.61 5.27
N ASN B 23 7.44 -15.40 6.58
CA ASN B 23 7.77 -16.47 7.52
C ASN B 23 6.60 -17.45 7.67
N SER B 24 5.57 -17.24 6.86
CA SER B 24 4.39 -18.08 6.87
C SER B 24 4.01 -18.47 5.44
N VAL B 25 3.40 -19.63 5.29
CA VAL B 25 2.97 -20.10 3.98
C VAL B 25 1.47 -20.32 3.95
N GLY B 26 0.76 -19.58 4.80
CA GLY B 26 -0.67 -19.75 4.92
C GLY B 26 -1.46 -18.90 3.94
N ARG B 27 -2.28 -18.01 4.47
CA ARG B 27 -3.20 -17.23 3.66
C ARG B 27 -2.87 -15.74 3.71
N TRP B 28 -3.33 -15.02 2.70
CA TRP B 28 -3.19 -13.58 2.66
C TRP B 28 -4.26 -12.91 3.51
N LYS B 29 -3.88 -11.87 4.23
CA LYS B 29 -4.83 -11.13 5.05
C LYS B 29 -5.33 -9.92 4.26
N GLU B 30 -6.62 -9.65 4.33
CA GLU B 30 -7.22 -8.59 3.54
C GLU B 30 -7.82 -7.50 4.43
N ALA B 31 -7.67 -6.26 4.01
CA ALA B 31 -8.32 -5.14 4.66
C ALA B 31 -8.95 -4.24 3.62
N THR B 32 -10.19 -3.83 3.86
CA THR B 32 -10.93 -3.03 2.90
C THR B 32 -11.06 -1.59 3.37
N ILE B 33 -10.49 -0.67 2.61
CA ILE B 33 -10.51 0.74 2.96
C ILE B 33 -11.40 1.50 1.98
N PRO B 34 -12.31 2.36 2.52
CA PRO B 34 -13.17 3.23 1.70
C PRO B 34 -12.38 4.05 0.68
N GLY B 35 -12.97 4.28 -0.49
CA GLY B 35 -12.35 5.11 -1.51
C GLY B 35 -12.35 6.57 -1.10
N HIS B 36 -11.63 6.86 -0.04
CA HIS B 36 -11.63 8.16 0.60
C HIS B 36 -10.50 8.22 1.64
N LEU B 37 -10.09 7.05 2.12
CA LEU B 37 -9.00 6.97 3.06
C LEU B 37 -7.75 6.46 2.35
N ASN B 38 -6.61 7.02 2.67
CA ASN B 38 -5.36 6.61 2.05
C ASN B 38 -4.35 6.20 3.11
N SER B 39 -4.85 5.90 4.30
CA SER B 39 -3.99 5.49 5.40
C SER B 39 -4.67 4.40 6.21
N TYR B 40 -3.91 3.35 6.51
CA TYR B 40 -4.41 2.25 7.32
C TYR B 40 -3.33 1.78 8.28
N THR B 41 -3.70 1.54 9.52
CA THR B 41 -2.77 1.03 10.50
C THR B 41 -2.95 -0.48 10.68
N ILE B 42 -2.02 -1.24 10.13
CA ILE B 42 -2.07 -2.69 10.22
C ILE B 42 -1.58 -3.14 11.59
N LYS B 43 -2.48 -3.69 12.38
CA LYS B 43 -2.16 -4.13 13.73
C LYS B 43 -1.93 -5.63 13.76
N GLY B 44 -0.98 -6.07 14.57
CA GLY B 44 -0.70 -7.48 14.71
C GLY B 44 0.40 -7.95 13.80
N LEU B 45 1.35 -7.07 13.51
CA LEU B 45 2.51 -7.43 12.70
C LEU B 45 3.73 -7.63 13.57
N LYS B 46 4.48 -8.69 13.29
CA LYS B 46 5.71 -8.97 14.01
C LYS B 46 6.85 -8.12 13.44
N PRO B 47 7.55 -7.37 14.28
CA PRO B 47 8.65 -6.49 13.85
C PRO B 47 9.86 -7.30 13.36
N GLY B 48 10.28 -7.03 12.13
CA GLY B 48 11.42 -7.72 11.56
C GLY B 48 11.02 -8.74 10.52
N VAL B 49 9.79 -9.24 10.64
CA VAL B 49 9.28 -10.23 9.71
C VAL B 49 8.93 -9.56 8.39
N VAL B 50 9.23 -10.24 7.29
CA VAL B 50 8.96 -9.70 5.97
C VAL B 50 7.54 -10.00 5.54
N TYR B 51 6.87 -9.01 4.98
CA TYR B 51 5.51 -9.19 4.50
C TYR B 51 5.40 -8.81 3.04
N GLU B 52 4.56 -9.53 2.33
CA GLU B 52 4.27 -9.21 0.94
C GLU B 52 2.94 -8.51 0.87
N GLY B 53 2.96 -7.26 0.44
CA GLY B 53 1.76 -6.48 0.43
C GLY B 53 1.33 -6.06 -0.96
N GLN B 54 0.03 -6.00 -1.16
CA GLN B 54 -0.52 -5.55 -2.42
C GLN B 54 -1.68 -4.60 -2.16
N LEU B 55 -1.64 -3.44 -2.80
CA LEU B 55 -2.72 -2.48 -2.71
C LEU B 55 -3.58 -2.60 -3.96
N ILE B 56 -4.74 -3.21 -3.81
CA ILE B 56 -5.65 -3.36 -4.94
C ILE B 56 -6.70 -2.26 -4.88
N SER B 57 -6.56 -1.29 -5.77
CA SER B 57 -7.52 -0.21 -5.85
C SER B 57 -8.59 -0.51 -6.88
N ILE B 58 -9.83 -0.59 -6.44
CA ILE B 58 -10.95 -0.90 -7.31
C ILE B 58 -11.60 0.38 -7.81
N GLN B 59 -11.47 0.65 -9.10
CA GLN B 59 -12.07 1.84 -9.69
C GLN B 59 -13.53 1.58 -10.04
N GLN B 60 -14.30 2.66 -10.12
CA GLN B 60 -15.73 2.59 -10.40
C GLN B 60 -15.98 2.13 -11.84
N TYR B 61 -14.93 2.07 -12.64
CA TYR B 61 -15.05 1.57 -14.01
C TYR B 61 -14.75 0.07 -14.06
N GLY B 62 -14.38 -0.49 -12.91
CA GLY B 62 -14.05 -1.89 -12.86
C GLY B 62 -12.58 -2.15 -13.08
N HIS B 63 -11.80 -1.08 -13.20
CA HIS B 63 -10.36 -1.20 -13.37
C HIS B 63 -9.73 -1.57 -12.03
N GLN B 64 -9.06 -2.71 -11.99
CA GLN B 64 -8.37 -3.12 -10.78
C GLN B 64 -6.89 -2.82 -10.92
N GLU B 65 -6.37 -1.98 -10.04
CA GLU B 65 -4.96 -1.65 -10.06
C GLU B 65 -4.30 -2.21 -8.82
N VAL B 66 -3.31 -3.06 -9.03
CA VAL B 66 -2.64 -3.73 -7.92
C VAL B 66 -1.19 -3.31 -7.83
N THR B 67 -0.88 -2.53 -6.81
CA THR B 67 0.50 -2.12 -6.57
C THR B 67 1.14 -3.02 -5.52
N ARG B 68 2.18 -3.75 -5.94
CA ARG B 68 2.87 -4.67 -5.06
C ARG B 68 4.01 -3.98 -4.32
N PHE B 69 4.16 -4.32 -3.04
CA PHE B 69 5.19 -3.71 -2.21
C PHE B 69 5.55 -4.65 -1.06
N ASP B 70 6.48 -4.22 -0.22
CA ASP B 70 6.90 -4.99 0.94
C ASP B 70 7.16 -4.05 2.11
N PHE B 71 7.14 -4.58 3.32
CA PHE B 71 7.33 -3.74 4.50
C PHE B 71 7.80 -4.56 5.71
N THR B 72 8.39 -3.87 6.67
CA THR B 72 8.82 -4.46 7.93
C THR B 72 9.99 -5.43 7.72
N THR B 73 10.60 -5.36 6.55
CA THR B 73 11.71 -6.23 6.20
C THR B 73 12.95 -5.91 7.03
N THR B 74 13.39 -6.87 7.84
CA THR B 74 14.65 -6.74 8.54
C THR B 74 15.79 -7.00 7.56
N SER B 75 16.99 -6.53 7.89
CA SER B 75 18.13 -6.63 6.98
C SER B 75 17.83 -5.88 5.69
N THR B 76 17.78 -4.55 5.80
CA THR B 76 17.43 -3.69 4.68
C THR B 76 18.43 -3.81 3.53
N SER B 77 18.13 -4.72 2.62
CA SER B 77 18.97 -4.92 1.46
C SER B 77 18.66 -3.86 0.39
N THR B 78 17.36 -3.56 0.24
CA THR B 78 16.92 -2.53 -0.68
C THR B 78 15.40 -2.45 -0.70
N PRO B 79 14.85 -1.24 -0.48
CA PRO B 79 13.40 -1.00 -0.58
C PRO B 79 12.93 -0.92 -2.04
N GLY B 80 13.87 -0.89 -2.97
CA GLY B 80 13.51 -0.83 -4.37
C GLY B 80 14.53 -0.08 -5.20
N SER B 81 14.07 0.46 -6.33
CA SER B 81 14.95 1.15 -7.28
C SER B 81 15.51 2.43 -6.67
N ARG B 82 14.86 2.92 -5.63
CA ARG B 82 15.31 4.12 -4.93
C ARG B 82 16.64 3.90 -4.23
N SER B 83 17.01 2.64 -4.05
CA SER B 83 18.27 2.29 -3.40
C SER B 83 19.09 1.38 -4.30
N HIS B 84 19.96 1.98 -5.10
CA HIS B 84 20.81 1.23 -6.02
C HIS B 84 22.27 1.69 -5.93
N HIS B 85 22.64 2.21 -4.77
CA HIS B 85 24.03 2.57 -4.52
C HIS B 85 24.68 1.55 -3.59
N HIS B 86 24.15 1.45 -2.36
CA HIS B 86 24.61 0.47 -1.37
C HIS B 86 25.98 0.82 -0.81
N HIS B 87 26.21 0.38 0.42
CA HIS B 87 27.47 0.64 1.11
C HIS B 87 28.48 -0.44 0.77
N HIS B 88 29.20 -0.25 -0.32
CA HIS B 88 30.25 -1.18 -0.72
C HIS B 88 31.47 -0.98 0.16
N HIS B 89 31.58 0.22 0.72
CA HIS B 89 32.63 0.55 1.67
C HIS B 89 32.04 1.36 2.81
#